data_1NSJ
# 
_entry.id   1NSJ 
# 
_audit_conform.dict_name       mmcif_pdbx.dic 
_audit_conform.dict_version    5.386 
_audit_conform.dict_location   http://mmcif.pdb.org/dictionaries/ascii/mmcif_pdbx.dic 
# 
loop_
_database_2.database_id 
_database_2.database_code 
_database_2.pdbx_database_accession 
_database_2.pdbx_DOI 
PDB   1NSJ         pdb_00001nsj 10.2210/pdb1nsj/pdb 
WWPDB D_1000175388 ?            ?                   
# 
loop_
_pdbx_audit_revision_history.ordinal 
_pdbx_audit_revision_history.data_content_type 
_pdbx_audit_revision_history.major_revision 
_pdbx_audit_revision_history.minor_revision 
_pdbx_audit_revision_history.revision_date 
1 'Structure model' 1 0 1997-03-12 
2 'Structure model' 1 1 2008-03-24 
3 'Structure model' 1 2 2011-07-13 
4 'Structure model' 1 3 2024-02-14 
# 
_pdbx_audit_revision_details.ordinal             1 
_pdbx_audit_revision_details.revision_ordinal    1 
_pdbx_audit_revision_details.data_content_type   'Structure model' 
_pdbx_audit_revision_details.provider            repository 
_pdbx_audit_revision_details.type                'Initial release' 
_pdbx_audit_revision_details.description         ? 
_pdbx_audit_revision_details.details             ? 
# 
loop_
_pdbx_audit_revision_group.ordinal 
_pdbx_audit_revision_group.revision_ordinal 
_pdbx_audit_revision_group.data_content_type 
_pdbx_audit_revision_group.group 
1 2 'Structure model' 'Version format compliance' 
2 3 'Structure model' 'Version format compliance' 
3 4 'Structure model' 'Data collection'           
4 4 'Structure model' 'Database references'       
5 4 'Structure model' 'Derived calculations'      
6 4 'Structure model' Other                       
# 
loop_
_pdbx_audit_revision_category.ordinal 
_pdbx_audit_revision_category.revision_ordinal 
_pdbx_audit_revision_category.data_content_type 
_pdbx_audit_revision_category.category 
1 4 'Structure model' chem_comp_atom       
2 4 'Structure model' chem_comp_bond       
3 4 'Structure model' database_2           
4 4 'Structure model' pdbx_database_status 
5 4 'Structure model' struct_site          
# 
loop_
_pdbx_audit_revision_item.ordinal 
_pdbx_audit_revision_item.revision_ordinal 
_pdbx_audit_revision_item.data_content_type 
_pdbx_audit_revision_item.item 
1 4 'Structure model' '_database_2.pdbx_DOI'                
2 4 'Structure model' '_database_2.pdbx_database_accession' 
3 4 'Structure model' '_pdbx_database_status.process_site'  
4 4 'Structure model' '_struct_site.pdbx_auth_asym_id'      
5 4 'Structure model' '_struct_site.pdbx_auth_comp_id'      
6 4 'Structure model' '_struct_site.pdbx_auth_seq_id'       
# 
_pdbx_database_status.status_code                     REL 
_pdbx_database_status.entry_id                        1NSJ 
_pdbx_database_status.recvd_initial_deposition_date   1996-09-13 
_pdbx_database_status.deposit_site                    ? 
_pdbx_database_status.process_site                    BNL 
_pdbx_database_status.SG_entry                        . 
_pdbx_database_status.pdb_format_compatible           Y 
_pdbx_database_status.status_code_mr                  ? 
_pdbx_database_status.status_code_sf                  ? 
_pdbx_database_status.status_code_cs                  ? 
_pdbx_database_status.status_code_nmr_data            ? 
_pdbx_database_status.methods_development_category    ? 
# 
loop_
_audit_author.name 
_audit_author.pdbx_ordinal 
'Hennig, M.'        1 
'Jansonius, J.N.J.' 2 
# 
loop_
_citation.id 
_citation.title 
_citation.journal_abbrev 
_citation.journal_volume 
_citation.page_first 
_citation.page_last 
_citation.year 
_citation.journal_id_ASTM 
_citation.country 
_citation.journal_id_ISSN 
_citation.journal_id_CSD 
_citation.book_publisher 
_citation.pdbx_database_id_PubMed 
_citation.pdbx_database_id_DOI 
primary 
;Crystal structure at 2.0 A resolution of phosphoribosyl anthranilate isomerase from the hyperthermophile Thermotoga maritima: possible determinants of protein stability.
;
Biochemistry   36 6009 6016 1997 BICHAW US 0006-2960 0033 ? 9166771 10.1021/bi962718q 
1       'Phosphoribosyl Anthranilate Isomerase from Thermotoga Maritima is an Extremely Stable and Active Homodimer' 
'Protein Sci.' 5  2000 ?    1996 PRCIEI US 0961-8368 0795 ? ?       ?                 
# 
loop_
_citation_author.citation_id 
_citation_author.name 
_citation_author.ordinal 
_citation_author.identifier_ORCID 
primary 'Hennig, M.'      1  ? 
primary 'Sterner, R.'     2  ? 
primary 'Kirschner, K.'   3  ? 
primary 'Jansonius, J.N.' 4  ? 
1       'Sterner, R.'     5  ? 
1       'Kleemann, G.R.'  6  ? 
1       'Szadkowski, H.'  7  ? 
1       'Lustig, A.'      8  ? 
1       'Hennig, M.'      9  ? 
1       'Kirschner, K.'   10 ? 
# 
loop_
_entity.id 
_entity.type 
_entity.src_method 
_entity.pdbx_description 
_entity.formula_weight 
_entity.pdbx_number_of_molecules 
_entity.pdbx_ec 
_entity.pdbx_mutation 
_entity.pdbx_fragment 
_entity.details 
1 polymer     man 'PHOSPHORIBOSYL ANTHRANILATE ISOMERASE' 23070.549 1   5.3.1.24 ? ? ? 
2 non-polymer syn 'PHOSPHATE ION'                         94.971    1   ?        ? ? ? 
3 water       nat water                                   18.015    106 ?        ? ? ? 
# 
_entity_name_com.entity_id   1 
_entity_name_com.name        PRAI 
# 
_entity_poly.entity_id                      1 
_entity_poly.type                           'polypeptide(L)' 
_entity_poly.nstd_linkage                   no 
_entity_poly.nstd_monomer                   no 
_entity_poly.pdbx_seq_one_letter_code       
;MVRVKICGITNLEDALFSVESGADAVGFVFYPKSKRYISPEDARRISVELPPFVFRVGVFVNEEPEKILDVASYVQLNAV
QLHGEEPIELCRKIAERILVIKAVGVSNERDMERALNYREFPILLDTKTPEYGGSGKTFDWSLILPYRDRFRYLVLSGGL
NPENVRSAIDVVRPFAVDVSSGVEAFPGKKDHDSIKMFIKNAKGL
;
_entity_poly.pdbx_seq_one_letter_code_can   
;MVRVKICGITNLEDALFSVESGADAVGFVFYPKSKRYISPEDARRISVELPPFVFRVGVFVNEEPEKILDVASYVQLNAV
QLHGEEPIELCRKIAERILVIKAVGVSNERDMERALNYREFPILLDTKTPEYGGSGKTFDWSLILPYRDRFRYLVLSGGL
NPENVRSAIDVVRPFAVDVSSGVEAFPGKKDHDSIKMFIKNAKGL
;
_entity_poly.pdbx_strand_id                 A 
_entity_poly.pdbx_target_identifier         ? 
# 
loop_
_pdbx_entity_nonpoly.entity_id 
_pdbx_entity_nonpoly.name 
_pdbx_entity_nonpoly.comp_id 
2 'PHOSPHATE ION' PO4 
3 water           HOH 
# 
loop_
_entity_poly_seq.entity_id 
_entity_poly_seq.num 
_entity_poly_seq.mon_id 
_entity_poly_seq.hetero 
1 1   MET n 
1 2   VAL n 
1 3   ARG n 
1 4   VAL n 
1 5   LYS n 
1 6   ILE n 
1 7   CYS n 
1 8   GLY n 
1 9   ILE n 
1 10  THR n 
1 11  ASN n 
1 12  LEU n 
1 13  GLU n 
1 14  ASP n 
1 15  ALA n 
1 16  LEU n 
1 17  PHE n 
1 18  SER n 
1 19  VAL n 
1 20  GLU n 
1 21  SER n 
1 22  GLY n 
1 23  ALA n 
1 24  ASP n 
1 25  ALA n 
1 26  VAL n 
1 27  GLY n 
1 28  PHE n 
1 29  VAL n 
1 30  PHE n 
1 31  TYR n 
1 32  PRO n 
1 33  LYS n 
1 34  SER n 
1 35  LYS n 
1 36  ARG n 
1 37  TYR n 
1 38  ILE n 
1 39  SER n 
1 40  PRO n 
1 41  GLU n 
1 42  ASP n 
1 43  ALA n 
1 44  ARG n 
1 45  ARG n 
1 46  ILE n 
1 47  SER n 
1 48  VAL n 
1 49  GLU n 
1 50  LEU n 
1 51  PRO n 
1 52  PRO n 
1 53  PHE n 
1 54  VAL n 
1 55  PHE n 
1 56  ARG n 
1 57  VAL n 
1 58  GLY n 
1 59  VAL n 
1 60  PHE n 
1 61  VAL n 
1 62  ASN n 
1 63  GLU n 
1 64  GLU n 
1 65  PRO n 
1 66  GLU n 
1 67  LYS n 
1 68  ILE n 
1 69  LEU n 
1 70  ASP n 
1 71  VAL n 
1 72  ALA n 
1 73  SER n 
1 74  TYR n 
1 75  VAL n 
1 76  GLN n 
1 77  LEU n 
1 78  ASN n 
1 79  ALA n 
1 80  VAL n 
1 81  GLN n 
1 82  LEU n 
1 83  HIS n 
1 84  GLY n 
1 85  GLU n 
1 86  GLU n 
1 87  PRO n 
1 88  ILE n 
1 89  GLU n 
1 90  LEU n 
1 91  CYS n 
1 92  ARG n 
1 93  LYS n 
1 94  ILE n 
1 95  ALA n 
1 96  GLU n 
1 97  ARG n 
1 98  ILE n 
1 99  LEU n 
1 100 VAL n 
1 101 ILE n 
1 102 LYS n 
1 103 ALA n 
1 104 VAL n 
1 105 GLY n 
1 106 VAL n 
1 107 SER n 
1 108 ASN n 
1 109 GLU n 
1 110 ARG n 
1 111 ASP n 
1 112 MET n 
1 113 GLU n 
1 114 ARG n 
1 115 ALA n 
1 116 LEU n 
1 117 ASN n 
1 118 TYR n 
1 119 ARG n 
1 120 GLU n 
1 121 PHE n 
1 122 PRO n 
1 123 ILE n 
1 124 LEU n 
1 125 LEU n 
1 126 ASP n 
1 127 THR n 
1 128 LYS n 
1 129 THR n 
1 130 PRO n 
1 131 GLU n 
1 132 TYR n 
1 133 GLY n 
1 134 GLY n 
1 135 SER n 
1 136 GLY n 
1 137 LYS n 
1 138 THR n 
1 139 PHE n 
1 140 ASP n 
1 141 TRP n 
1 142 SER n 
1 143 LEU n 
1 144 ILE n 
1 145 LEU n 
1 146 PRO n 
1 147 TYR n 
1 148 ARG n 
1 149 ASP n 
1 150 ARG n 
1 151 PHE n 
1 152 ARG n 
1 153 TYR n 
1 154 LEU n 
1 155 VAL n 
1 156 LEU n 
1 157 SER n 
1 158 GLY n 
1 159 GLY n 
1 160 LEU n 
1 161 ASN n 
1 162 PRO n 
1 163 GLU n 
1 164 ASN n 
1 165 VAL n 
1 166 ARG n 
1 167 SER n 
1 168 ALA n 
1 169 ILE n 
1 170 ASP n 
1 171 VAL n 
1 172 VAL n 
1 173 ARG n 
1 174 PRO n 
1 175 PHE n 
1 176 ALA n 
1 177 VAL n 
1 178 ASP n 
1 179 VAL n 
1 180 SER n 
1 181 SER n 
1 182 GLY n 
1 183 VAL n 
1 184 GLU n 
1 185 ALA n 
1 186 PHE n 
1 187 PRO n 
1 188 GLY n 
1 189 LYS n 
1 190 LYS n 
1 191 ASP n 
1 192 HIS n 
1 193 ASP n 
1 194 SER n 
1 195 ILE n 
1 196 LYS n 
1 197 MET n 
1 198 PHE n 
1 199 ILE n 
1 200 LYS n 
1 201 ASN n 
1 202 ALA n 
1 203 LYS n 
1 204 GLY n 
1 205 LEU n 
# 
_entity_src_gen.entity_id                          1 
_entity_src_gen.pdbx_src_id                        1 
_entity_src_gen.pdbx_alt_source_flag               sample 
_entity_src_gen.pdbx_seq_type                      ? 
_entity_src_gen.pdbx_beg_seq_num                   ? 
_entity_src_gen.pdbx_end_seq_num                   ? 
_entity_src_gen.gene_src_common_name               ? 
_entity_src_gen.gene_src_genus                     Thermotoga 
_entity_src_gen.pdbx_gene_src_gene                 TRPF 
_entity_src_gen.gene_src_species                   ? 
_entity_src_gen.gene_src_strain                    ? 
_entity_src_gen.gene_src_tissue                    ? 
_entity_src_gen.gene_src_tissue_fraction           ? 
_entity_src_gen.gene_src_details                   ? 
_entity_src_gen.pdbx_gene_src_fragment             ? 
_entity_src_gen.pdbx_gene_src_scientific_name      'Thermotoga maritima' 
_entity_src_gen.pdbx_gene_src_ncbi_taxonomy_id     2336 
_entity_src_gen.pdbx_gene_src_variant              ? 
_entity_src_gen.pdbx_gene_src_cell_line            ? 
_entity_src_gen.pdbx_gene_src_atcc                 ? 
_entity_src_gen.pdbx_gene_src_organ                ? 
_entity_src_gen.pdbx_gene_src_organelle            ? 
_entity_src_gen.pdbx_gene_src_cell                 ? 
_entity_src_gen.pdbx_gene_src_cellular_location    ? 
_entity_src_gen.host_org_common_name               ? 
_entity_src_gen.pdbx_host_org_scientific_name      'Escherichia coli' 
_entity_src_gen.pdbx_host_org_ncbi_taxonomy_id     562 
_entity_src_gen.host_org_genus                     Escherichia 
_entity_src_gen.pdbx_host_org_gene                 TRPF 
_entity_src_gen.pdbx_host_org_organ                ? 
_entity_src_gen.host_org_species                   ? 
_entity_src_gen.pdbx_host_org_tissue               ? 
_entity_src_gen.pdbx_host_org_tissue_fraction      ? 
_entity_src_gen.pdbx_host_org_strain               ? 
_entity_src_gen.pdbx_host_org_variant              ? 
_entity_src_gen.pdbx_host_org_cell_line            ? 
_entity_src_gen.pdbx_host_org_atcc                 ? 
_entity_src_gen.pdbx_host_org_culture_collection   ? 
_entity_src_gen.pdbx_host_org_cell                 ? 
_entity_src_gen.pdbx_host_org_organelle            ? 
_entity_src_gen.pdbx_host_org_cellular_location    ? 
_entity_src_gen.pdbx_host_org_vector_type          ? 
_entity_src_gen.pdbx_host_org_vector               ? 
_entity_src_gen.host_org_details                   ? 
_entity_src_gen.expression_system_id               ? 
_entity_src_gen.plasmid_name                       PQE-60 
_entity_src_gen.plasmid_details                    ? 
_entity_src_gen.pdbx_description                   ? 
# 
loop_
_chem_comp.id 
_chem_comp.type 
_chem_comp.mon_nstd_flag 
_chem_comp.name 
_chem_comp.pdbx_synonyms 
_chem_comp.formula 
_chem_comp.formula_weight 
ALA 'L-peptide linking' y ALANINE         ? 'C3 H7 N O2'     89.093  
ARG 'L-peptide linking' y ARGININE        ? 'C6 H15 N4 O2 1' 175.209 
ASN 'L-peptide linking' y ASPARAGINE      ? 'C4 H8 N2 O3'    132.118 
ASP 'L-peptide linking' y 'ASPARTIC ACID' ? 'C4 H7 N O4'     133.103 
CYS 'L-peptide linking' y CYSTEINE        ? 'C3 H7 N O2 S'   121.158 
GLN 'L-peptide linking' y GLUTAMINE       ? 'C5 H10 N2 O3'   146.144 
GLU 'L-peptide linking' y 'GLUTAMIC ACID' ? 'C5 H9 N O4'     147.129 
GLY 'peptide linking'   y GLYCINE         ? 'C2 H5 N O2'     75.067  
HIS 'L-peptide linking' y HISTIDINE       ? 'C6 H10 N3 O2 1' 156.162 
HOH non-polymer         . WATER           ? 'H2 O'           18.015  
ILE 'L-peptide linking' y ISOLEUCINE      ? 'C6 H13 N O2'    131.173 
LEU 'L-peptide linking' y LEUCINE         ? 'C6 H13 N O2'    131.173 
LYS 'L-peptide linking' y LYSINE          ? 'C6 H15 N2 O2 1' 147.195 
MET 'L-peptide linking' y METHIONINE      ? 'C5 H11 N O2 S'  149.211 
PHE 'L-peptide linking' y PHENYLALANINE   ? 'C9 H11 N O2'    165.189 
PO4 non-polymer         . 'PHOSPHATE ION' ? 'O4 P -3'        94.971  
PRO 'L-peptide linking' y PROLINE         ? 'C5 H9 N O2'     115.130 
SER 'L-peptide linking' y SERINE          ? 'C3 H7 N O3'     105.093 
THR 'L-peptide linking' y THREONINE       ? 'C4 H9 N O3'     119.119 
TRP 'L-peptide linking' y TRYPTOPHAN      ? 'C11 H12 N2 O2'  204.225 
TYR 'L-peptide linking' y TYROSINE        ? 'C9 H11 N O3'    181.189 
VAL 'L-peptide linking' y VALINE          ? 'C5 H11 N O2'    117.146 
# 
loop_
_pdbx_poly_seq_scheme.asym_id 
_pdbx_poly_seq_scheme.entity_id 
_pdbx_poly_seq_scheme.seq_id 
_pdbx_poly_seq_scheme.mon_id 
_pdbx_poly_seq_scheme.ndb_seq_num 
_pdbx_poly_seq_scheme.pdb_seq_num 
_pdbx_poly_seq_scheme.auth_seq_num 
_pdbx_poly_seq_scheme.pdb_mon_id 
_pdbx_poly_seq_scheme.auth_mon_id 
_pdbx_poly_seq_scheme.pdb_strand_id 
_pdbx_poly_seq_scheme.pdb_ins_code 
_pdbx_poly_seq_scheme.hetero 
A 1 1   MET 1   1   1   MET MET A . n 
A 1 2   VAL 2   2   2   VAL VAL A . n 
A 1 3   ARG 3   3   3   ARG ARG A . n 
A 1 4   VAL 4   4   4   VAL VAL A . n 
A 1 5   LYS 5   5   5   LYS LYS A . n 
A 1 6   ILE 6   6   6   ILE ILE A . n 
A 1 7   CYS 7   7   7   CYS CYS A . n 
A 1 8   GLY 8   8   8   GLY GLY A . n 
A 1 9   ILE 9   9   9   ILE ILE A . n 
A 1 10  THR 10  10  10  THR THR A . n 
A 1 11  ASN 11  11  11  ASN ASN A . n 
A 1 12  LEU 12  12  12  LEU LEU A . n 
A 1 13  GLU 13  13  13  GLU GLU A . n 
A 1 14  ASP 14  14  14  ASP ASP A . n 
A 1 15  ALA 15  15  15  ALA ALA A . n 
A 1 16  LEU 16  16  16  LEU LEU A . n 
A 1 17  PHE 17  17  17  PHE PHE A . n 
A 1 18  SER 18  18  18  SER SER A . n 
A 1 19  VAL 19  19  19  VAL VAL A . n 
A 1 20  GLU 20  20  20  GLU GLU A . n 
A 1 21  SER 21  21  21  SER SER A . n 
A 1 22  GLY 22  22  22  GLY GLY A . n 
A 1 23  ALA 23  23  23  ALA ALA A . n 
A 1 24  ASP 24  24  24  ASP ASP A . n 
A 1 25  ALA 25  25  25  ALA ALA A . n 
A 1 26  VAL 26  26  26  VAL VAL A . n 
A 1 27  GLY 27  27  27  GLY GLY A . n 
A 1 28  PHE 28  28  28  PHE PHE A . n 
A 1 29  VAL 29  29  29  VAL VAL A . n 
A 1 30  PHE 30  30  30  PHE PHE A . n 
A 1 31  TYR 31  31  31  TYR TYR A . n 
A 1 32  PRO 32  32  32  PRO PRO A . n 
A 1 33  LYS 33  33  33  LYS LYS A . n 
A 1 34  SER 34  34  34  SER SER A . n 
A 1 35  LYS 35  35  35  LYS LYS A . n 
A 1 36  ARG 36  36  36  ARG ARG A . n 
A 1 37  TYR 37  37  37  TYR TYR A . n 
A 1 38  ILE 38  38  38  ILE ILE A . n 
A 1 39  SER 39  39  39  SER SER A . n 
A 1 40  PRO 40  40  40  PRO PRO A . n 
A 1 41  GLU 41  41  41  GLU GLU A . n 
A 1 42  ASP 42  42  42  ASP ASP A . n 
A 1 43  ALA 43  43  43  ALA ALA A . n 
A 1 44  ARG 44  44  44  ARG ARG A . n 
A 1 45  ARG 45  45  45  ARG ARG A . n 
A 1 46  ILE 46  46  46  ILE ILE A . n 
A 1 47  SER 47  47  47  SER SER A . n 
A 1 48  VAL 48  48  48  VAL VAL A . n 
A 1 49  GLU 49  49  49  GLU GLU A . n 
A 1 50  LEU 50  50  50  LEU LEU A . n 
A 1 51  PRO 51  51  51  PRO PRO A . n 
A 1 52  PRO 52  52  52  PRO PRO A . n 
A 1 53  PHE 53  53  53  PHE PHE A . n 
A 1 54  VAL 54  54  54  VAL VAL A . n 
A 1 55  PHE 55  55  55  PHE PHE A . n 
A 1 56  ARG 56  56  56  ARG ARG A . n 
A 1 57  VAL 57  57  57  VAL VAL A . n 
A 1 58  GLY 58  58  58  GLY GLY A . n 
A 1 59  VAL 59  59  59  VAL VAL A . n 
A 1 60  PHE 60  60  60  PHE PHE A . n 
A 1 61  VAL 61  61  61  VAL VAL A . n 
A 1 62  ASN 62  62  62  ASN ASN A . n 
A 1 63  GLU 63  63  63  GLU GLU A . n 
A 1 64  GLU 64  64  64  GLU GLU A . n 
A 1 65  PRO 65  65  65  PRO PRO A . n 
A 1 66  GLU 66  66  66  GLU GLU A . n 
A 1 67  LYS 67  67  67  LYS LYS A . n 
A 1 68  ILE 68  68  68  ILE ILE A . n 
A 1 69  LEU 69  69  69  LEU LEU A . n 
A 1 70  ASP 70  70  70  ASP ASP A . n 
A 1 71  VAL 71  71  71  VAL VAL A . n 
A 1 72  ALA 72  72  72  ALA ALA A . n 
A 1 73  SER 73  73  73  SER SER A . n 
A 1 74  TYR 74  74  74  TYR TYR A . n 
A 1 75  VAL 75  75  75  VAL VAL A . n 
A 1 76  GLN 76  76  76  GLN GLN A . n 
A 1 77  LEU 77  77  77  LEU LEU A . n 
A 1 78  ASN 78  78  78  ASN ASN A . n 
A 1 79  ALA 79  79  79  ALA ALA A . n 
A 1 80  VAL 80  80  80  VAL VAL A . n 
A 1 81  GLN 81  81  81  GLN GLN A . n 
A 1 82  LEU 82  82  82  LEU LEU A . n 
A 1 83  HIS 83  83  83  HIS HIS A . n 
A 1 84  GLY 84  84  84  GLY GLY A . n 
A 1 85  GLU 85  85  85  GLU GLU A . n 
A 1 86  GLU 86  86  86  GLU GLU A . n 
A 1 87  PRO 87  87  87  PRO PRO A . n 
A 1 88  ILE 88  88  88  ILE ILE A . n 
A 1 89  GLU 89  89  89  GLU GLU A . n 
A 1 90  LEU 90  90  90  LEU LEU A . n 
A 1 91  CYS 91  91  91  CYS CYS A . n 
A 1 92  ARG 92  92  92  ARG ARG A . n 
A 1 93  LYS 93  93  93  LYS LYS A . n 
A 1 94  ILE 94  94  94  ILE ILE A . n 
A 1 95  ALA 95  95  95  ALA ALA A . n 
A 1 96  GLU 96  96  96  GLU GLU A . n 
A 1 97  ARG 97  97  97  ARG ARG A . n 
A 1 98  ILE 98  98  98  ILE ILE A . n 
A 1 99  LEU 99  99  99  LEU LEU A . n 
A 1 100 VAL 100 100 100 VAL VAL A . n 
A 1 101 ILE 101 101 101 ILE ILE A . n 
A 1 102 LYS 102 102 102 LYS LYS A . n 
A 1 103 ALA 103 103 103 ALA ALA A . n 
A 1 104 VAL 104 104 104 VAL VAL A . n 
A 1 105 GLY 105 105 105 GLY GLY A . n 
A 1 106 VAL 106 106 106 VAL VAL A . n 
A 1 107 SER 107 107 107 SER SER A . n 
A 1 108 ASN 108 108 108 ASN ASN A . n 
A 1 109 GLU 109 109 109 GLU GLU A . n 
A 1 110 ARG 110 110 110 ARG ARG A . n 
A 1 111 ASP 111 111 111 ASP ASP A . n 
A 1 112 MET 112 112 112 MET MET A . n 
A 1 113 GLU 113 113 113 GLU GLU A . n 
A 1 114 ARG 114 114 114 ARG ARG A . n 
A 1 115 ALA 115 115 115 ALA ALA A . n 
A 1 116 LEU 116 116 116 LEU LEU A . n 
A 1 117 ASN 117 117 117 ASN ASN A . n 
A 1 118 TYR 118 118 118 TYR TYR A . n 
A 1 119 ARG 119 119 119 ARG ARG A . n 
A 1 120 GLU 120 120 120 GLU GLU A . n 
A 1 121 PHE 121 121 121 PHE PHE A . n 
A 1 122 PRO 122 122 122 PRO PRO A . n 
A 1 123 ILE 123 123 123 ILE ILE A . n 
A 1 124 LEU 124 124 124 LEU LEU A . n 
A 1 125 LEU 125 125 125 LEU LEU A . n 
A 1 126 ASP 126 126 126 ASP ASP A . n 
A 1 127 THR 127 127 127 THR THR A . n 
A 1 128 LYS 128 128 128 LYS LYS A . n 
A 1 129 THR 129 129 129 THR THR A . n 
A 1 130 PRO 130 130 130 PRO PRO A . n 
A 1 131 GLU 131 131 131 GLU GLU A . n 
A 1 132 TYR 132 132 132 TYR TYR A . n 
A 1 133 GLY 133 133 133 GLY GLY A . n 
A 1 134 GLY 134 134 134 GLY GLY A . n 
A 1 135 SER 135 135 135 SER SER A . n 
A 1 136 GLY 136 136 136 GLY GLY A . n 
A 1 137 LYS 137 137 137 LYS LYS A . n 
A 1 138 THR 138 138 138 THR THR A . n 
A 1 139 PHE 139 139 139 PHE PHE A . n 
A 1 140 ASP 140 140 140 ASP ASP A . n 
A 1 141 TRP 141 141 141 TRP TRP A . n 
A 1 142 SER 142 142 142 SER SER A . n 
A 1 143 LEU 143 143 143 LEU LEU A . n 
A 1 144 ILE 144 144 144 ILE ILE A . n 
A 1 145 LEU 145 145 145 LEU LEU A . n 
A 1 146 PRO 146 146 146 PRO PRO A . n 
A 1 147 TYR 147 147 147 TYR TYR A . n 
A 1 148 ARG 148 148 148 ARG ARG A . n 
A 1 149 ASP 149 149 149 ASP ASP A . n 
A 1 150 ARG 150 150 150 ARG ARG A . n 
A 1 151 PHE 151 151 151 PHE PHE A . n 
A 1 152 ARG 152 152 152 ARG ARG A . n 
A 1 153 TYR 153 153 153 TYR TYR A . n 
A 1 154 LEU 154 154 154 LEU LEU A . n 
A 1 155 VAL 155 155 155 VAL VAL A . n 
A 1 156 LEU 156 156 156 LEU LEU A . n 
A 1 157 SER 157 157 157 SER SER A . n 
A 1 158 GLY 158 158 158 GLY GLY A . n 
A 1 159 GLY 159 159 159 GLY GLY A . n 
A 1 160 LEU 160 160 160 LEU LEU A . n 
A 1 161 ASN 161 161 161 ASN ASN A . n 
A 1 162 PRO 162 162 162 PRO PRO A . n 
A 1 163 GLU 163 163 163 GLU GLU A . n 
A 1 164 ASN 164 164 164 ASN ASN A . n 
A 1 165 VAL 165 165 165 VAL VAL A . n 
A 1 166 ARG 166 166 166 ARG ARG A . n 
A 1 167 SER 167 167 167 SER SER A . n 
A 1 168 ALA 168 168 168 ALA ALA A . n 
A 1 169 ILE 169 169 169 ILE ILE A . n 
A 1 170 ASP 170 170 170 ASP ASP A . n 
A 1 171 VAL 171 171 171 VAL VAL A . n 
A 1 172 VAL 172 172 172 VAL VAL A . n 
A 1 173 ARG 173 173 173 ARG ARG A . n 
A 1 174 PRO 174 174 174 PRO PRO A . n 
A 1 175 PHE 175 175 175 PHE PHE A . n 
A 1 176 ALA 176 176 176 ALA ALA A . n 
A 1 177 VAL 177 177 177 VAL VAL A . n 
A 1 178 ASP 178 178 178 ASP ASP A . n 
A 1 179 VAL 179 179 179 VAL VAL A . n 
A 1 180 SER 180 180 180 SER SER A . n 
A 1 181 SER 181 181 181 SER SER A . n 
A 1 182 GLY 182 182 182 GLY GLY A . n 
A 1 183 VAL 183 183 183 VAL VAL A . n 
A 1 184 GLU 184 184 184 GLU GLU A . n 
A 1 185 ALA 185 185 185 ALA ALA A . n 
A 1 186 PHE 186 186 186 PHE PHE A . n 
A 1 187 PRO 187 187 187 PRO PRO A . n 
A 1 188 GLY 188 188 188 GLY GLY A . n 
A 1 189 LYS 189 189 189 LYS LYS A . n 
A 1 190 LYS 190 190 190 LYS LYS A . n 
A 1 191 ASP 191 191 191 ASP ASP A . n 
A 1 192 HIS 192 192 192 HIS HIS A . n 
A 1 193 ASP 193 193 193 ASP ASP A . n 
A 1 194 SER 194 194 194 SER SER A . n 
A 1 195 ILE 195 195 195 ILE ILE A . n 
A 1 196 LYS 196 196 196 LYS LYS A . n 
A 1 197 MET 197 197 197 MET MET A . n 
A 1 198 PHE 198 198 198 PHE PHE A . n 
A 1 199 ILE 199 199 199 ILE ILE A . n 
A 1 200 LYS 200 200 200 LYS LYS A . n 
A 1 201 ASN 201 201 201 ASN ASN A . n 
A 1 202 ALA 202 202 202 ALA ALA A . n 
A 1 203 LYS 203 203 203 LYS LYS A . n 
A 1 204 GLY 204 204 204 GLY GLY A . n 
A 1 205 LEU 205 205 205 LEU LEU A . n 
# 
loop_
_pdbx_nonpoly_scheme.asym_id 
_pdbx_nonpoly_scheme.entity_id 
_pdbx_nonpoly_scheme.mon_id 
_pdbx_nonpoly_scheme.ndb_seq_num 
_pdbx_nonpoly_scheme.pdb_seq_num 
_pdbx_nonpoly_scheme.auth_seq_num 
_pdbx_nonpoly_scheme.pdb_mon_id 
_pdbx_nonpoly_scheme.auth_mon_id 
_pdbx_nonpoly_scheme.pdb_strand_id 
_pdbx_nonpoly_scheme.pdb_ins_code 
B 2 PO4 1   300 300 PO4 PO4 A . 
C 3 HOH 1   301 301 HOH HOH A . 
C 3 HOH 2   302 302 HOH HOH A . 
C 3 HOH 3   303 303 HOH HOH A . 
C 3 HOH 4   304 304 HOH HOH A . 
C 3 HOH 5   305 305 HOH HOH A . 
C 3 HOH 6   306 306 HOH HOH A . 
C 3 HOH 7   307 307 HOH HOH A . 
C 3 HOH 8   308 308 HOH HOH A . 
C 3 HOH 9   309 309 HOH HOH A . 
C 3 HOH 10  310 310 HOH HOH A . 
C 3 HOH 11  311 311 HOH HOH A . 
C 3 HOH 12  312 312 HOH HOH A . 
C 3 HOH 13  313 313 HOH HOH A . 
C 3 HOH 14  314 314 HOH HOH A . 
C 3 HOH 15  316 316 HOH HOH A . 
C 3 HOH 16  317 317 HOH HOH A . 
C 3 HOH 17  318 318 HOH HOH A . 
C 3 HOH 18  319 319 HOH HOH A . 
C 3 HOH 19  320 320 HOH HOH A . 
C 3 HOH 20  321 321 HOH HOH A . 
C 3 HOH 21  322 322 HOH HOH A . 
C 3 HOH 22  323 323 HOH HOH A . 
C 3 HOH 23  324 324 HOH HOH A . 
C 3 HOH 24  326 326 HOH HOH A . 
C 3 HOH 25  327 327 HOH HOH A . 
C 3 HOH 26  328 328 HOH HOH A . 
C 3 HOH 27  330 330 HOH HOH A . 
C 3 HOH 28  331 331 HOH HOH A . 
C 3 HOH 29  332 332 HOH HOH A . 
C 3 HOH 30  333 333 HOH HOH A . 
C 3 HOH 31  334 334 HOH HOH A . 
C 3 HOH 32  335 335 HOH HOH A . 
C 3 HOH 33  336 336 HOH HOH A . 
C 3 HOH 34  337 337 HOH HOH A . 
C 3 HOH 35  338 338 HOH HOH A . 
C 3 HOH 36  339 339 HOH HOH A . 
C 3 HOH 37  340 340 HOH HOH A . 
C 3 HOH 38  341 341 HOH HOH A . 
C 3 HOH 39  342 342 HOH HOH A . 
C 3 HOH 40  343 343 HOH HOH A . 
C 3 HOH 41  344 344 HOH HOH A . 
C 3 HOH 42  345 345 HOH HOH A . 
C 3 HOH 43  346 346 HOH HOH A . 
C 3 HOH 44  347 347 HOH HOH A . 
C 3 HOH 45  348 348 HOH HOH A . 
C 3 HOH 46  349 349 HOH HOH A . 
C 3 HOH 47  350 350 HOH HOH A . 
C 3 HOH 48  351 351 HOH HOH A . 
C 3 HOH 49  352 352 HOH HOH A . 
C 3 HOH 50  353 353 HOH HOH A . 
C 3 HOH 51  354 354 HOH HOH A . 
C 3 HOH 52  355 355 HOH HOH A . 
C 3 HOH 53  357 357 HOH HOH A . 
C 3 HOH 54  358 358 HOH HOH A . 
C 3 HOH 55  359 359 HOH HOH A . 
C 3 HOH 56  360 360 HOH HOH A . 
C 3 HOH 57  361 361 HOH HOH A . 
C 3 HOH 58  363 363 HOH HOH A . 
C 3 HOH 59  364 364 HOH HOH A . 
C 3 HOH 60  365 365 HOH HOH A . 
C 3 HOH 61  366 366 HOH HOH A . 
C 3 HOH 62  367 367 HOH HOH A . 
C 3 HOH 63  368 368 HOH HOH A . 
C 3 HOH 64  369 369 HOH HOH A . 
C 3 HOH 65  371 371 HOH HOH A . 
C 3 HOH 66  372 372 HOH HOH A . 
C 3 HOH 67  373 373 HOH HOH A . 
C 3 HOH 68  374 374 HOH HOH A . 
C 3 HOH 69  375 375 HOH HOH A . 
C 3 HOH 70  376 376 HOH HOH A . 
C 3 HOH 71  379 379 HOH HOH A . 
C 3 HOH 72  380 380 HOH HOH A . 
C 3 HOH 73  381 381 HOH HOH A . 
C 3 HOH 74  382 382 HOH HOH A . 
C 3 HOH 75  383 383 HOH HOH A . 
C 3 HOH 76  384 384 HOH HOH A . 
C 3 HOH 77  385 385 HOH HOH A . 
C 3 HOH 78  386 386 HOH HOH A . 
C 3 HOH 79  387 387 HOH HOH A . 
C 3 HOH 80  389 389 HOH HOH A . 
C 3 HOH 81  390 390 HOH HOH A . 
C 3 HOH 82  391 391 HOH HOH A . 
C 3 HOH 83  392 392 HOH HOH A . 
C 3 HOH 84  393 393 HOH HOH A . 
C 3 HOH 85  394 394 HOH HOH A . 
C 3 HOH 86  395 395 HOH HOH A . 
C 3 HOH 87  396 396 HOH HOH A . 
C 3 HOH 88  397 397 HOH HOH A . 
C 3 HOH 89  398 398 HOH HOH A . 
C 3 HOH 90  399 399 HOH HOH A . 
C 3 HOH 91  400 400 HOH HOH A . 
C 3 HOH 92  403 403 HOH HOH A . 
C 3 HOH 93  405 405 HOH HOH A . 
C 3 HOH 94  408 408 HOH HOH A . 
C 3 HOH 95  410 410 HOH HOH A . 
C 3 HOH 96  412 412 HOH HOH A . 
C 3 HOH 97  413 413 HOH HOH A . 
C 3 HOH 98  416 416 HOH HOH A . 
C 3 HOH 99  417 417 HOH HOH A . 
C 3 HOH 100 418 418 HOH HOH A . 
C 3 HOH 101 422 422 HOH HOH A . 
C 3 HOH 102 423 423 HOH HOH A . 
C 3 HOH 103 426 426 HOH HOH A . 
C 3 HOH 104 428 428 HOH HOH A . 
C 3 HOH 105 429 429 HOH HOH A . 
C 3 HOH 106 430 430 HOH HOH A . 
# 
loop_
_pdbx_unobs_or_zero_occ_atoms.id 
_pdbx_unobs_or_zero_occ_atoms.PDB_model_num 
_pdbx_unobs_or_zero_occ_atoms.polymer_flag 
_pdbx_unobs_or_zero_occ_atoms.occupancy_flag 
_pdbx_unobs_or_zero_occ_atoms.auth_asym_id 
_pdbx_unobs_or_zero_occ_atoms.auth_comp_id 
_pdbx_unobs_or_zero_occ_atoms.auth_seq_id 
_pdbx_unobs_or_zero_occ_atoms.PDB_ins_code 
_pdbx_unobs_or_zero_occ_atoms.auth_atom_id 
_pdbx_unobs_or_zero_occ_atoms.label_alt_id 
_pdbx_unobs_or_zero_occ_atoms.label_asym_id 
_pdbx_unobs_or_zero_occ_atoms.label_comp_id 
_pdbx_unobs_or_zero_occ_atoms.label_seq_id 
_pdbx_unobs_or_zero_occ_atoms.label_atom_id 
1  1 Y 0 A LYS 128 ? C  ? A LYS 128 C  
2  1 Y 0 A LYS 128 ? O  ? A LYS 128 O  
3  1 Y 0 A LYS 128 ? CG ? A LYS 128 CG 
4  1 Y 0 A LYS 128 ? CD ? A LYS 128 CD 
5  1 Y 0 A LYS 128 ? CE ? A LYS 128 CE 
6  1 Y 0 A LYS 128 ? NZ ? A LYS 128 NZ 
7  1 Y 0 A LYS 137 ? CB ? A LYS 137 CB 
8  1 Y 0 A LYS 137 ? CG ? A LYS 137 CG 
9  1 Y 0 A LYS 137 ? CD ? A LYS 137 CD 
10 1 Y 0 A LYS 137 ? CE ? A LYS 137 CE 
11 1 Y 0 A LYS 137 ? NZ ? A LYS 137 NZ 
# 
loop_
_software.name 
_software.classification 
_software.version 
_software.citation_id 
_software.pdbx_ordinal 
X-PLOR 'model building' 3.1       ? 1 
X-PLOR refinement       3.1       ? 2 
MOSFLM 'data reduction' .         ? 3 
CCP4   'data scaling'   '(SCALA)' ? 4 
X-PLOR phasing          3.1       ? 5 
# 
_cell.entry_id           1NSJ 
_cell.length_a           68.400 
_cell.length_b           68.400 
_cell.length_c           185.400 
_cell.angle_alpha        90.00 
_cell.angle_beta         90.00 
_cell.angle_gamma        120.00 
_cell.Z_PDB              12 
_cell.pdbx_unique_axis   ? 
# 
_symmetry.entry_id                         1NSJ 
_symmetry.space_group_name_H-M             'P 61 2 2' 
_symmetry.pdbx_full_space_group_name_H-M   ? 
_symmetry.cell_setting                     ? 
_symmetry.Int_Tables_number                178 
# 
_exptl.entry_id          1NSJ 
_exptl.method            'X-RAY DIFFRACTION' 
_exptl.crystals_number   3 
# 
_exptl_crystal.id                    1 
_exptl_crystal.density_meas          ? 
_exptl_crystal.density_Matthews      2.71 
_exptl_crystal.density_percent_sol   45. 
_exptl_crystal.description           'HEAVY ATOM DERIVATIVE PHASING' 
# 
_exptl_crystal_grow.crystal_id      1 
_exptl_crystal_grow.method          ? 
_exptl_crystal_grow.temp            ? 
_exptl_crystal_grow.temp_details    ? 
_exptl_crystal_grow.pH              7.5 
_exptl_crystal_grow.pdbx_pH_range   6.5-7.5 
_exptl_crystal_grow.pdbx_details    
;PROTEIN 19.4 MG/ML IN 0.05 M POTASSIUM PHOSPHATE PH 7.5, 1MM EDTA, 0.4 MM DTT MIXED WITH RESERVOIR 1:1 CONTAINING 1.5-2.1 M AMMONIUM SULFATE, 10 MM COCL2, 0.1 M MES PH 6.5,
;
# 
_diffrn.id                     1 
_diffrn.ambient_temp           277 
_diffrn.ambient_temp_details   ? 
_diffrn.crystal_id             1 
# 
_diffrn_detector.diffrn_id              1 
_diffrn_detector.detector               'IMAGE PLATE' 
_diffrn_detector.type                   MARRESEARCH 
_diffrn_detector.pdbx_collection_date   1995-01-09 
_diffrn_detector.details                ? 
# 
_diffrn_radiation.diffrn_id                        1 
_diffrn_radiation.wavelength_id                    1 
_diffrn_radiation.pdbx_monochromatic_or_laue_m_l   M 
_diffrn_radiation.monochromator                    'GRAPHITE(002)' 
_diffrn_radiation.pdbx_diffrn_protocol             ? 
_diffrn_radiation.pdbx_scattering_type             x-ray 
# 
_diffrn_radiation_wavelength.id           1 
_diffrn_radiation_wavelength.wavelength   1.5418 
_diffrn_radiation_wavelength.wt           1.0 
# 
_diffrn_source.diffrn_id                   1 
_diffrn_source.source                      'ROTATING ANODE' 
_diffrn_source.type                        'ELLIOTT GX-18' 
_diffrn_source.pdbx_synchrotron_site       ? 
_diffrn_source.pdbx_synchrotron_beamline   ? 
_diffrn_source.pdbx_wavelength             1.5418 
_diffrn_source.pdbx_wavelength_list        ? 
# 
_reflns.entry_id                     1NSJ 
_reflns.observed_criterion_sigma_I   0.0 
_reflns.observed_criterion_sigma_F   ? 
_reflns.d_resolution_low             20.0 
_reflns.d_resolution_high            2.00 
_reflns.number_obs                   17903 
_reflns.number_all                   ? 
_reflns.percent_possible_obs         98.8 
_reflns.pdbx_Rmerge_I_obs            0.0640000 
_reflns.pdbx_Rsym_value              ? 
_reflns.pdbx_netI_over_sigmaI        8.6 
_reflns.B_iso_Wilson_estimate        ? 
_reflns.pdbx_redundancy              6.6 
_reflns.pdbx_diffrn_id               1 
_reflns.pdbx_ordinal                 1 
# 
_reflns_shell.d_res_high             2.00 
_reflns_shell.d_res_low              2.11 
_reflns_shell.percent_possible_all   96.2 
_reflns_shell.Rmerge_I_obs           0.3110000 
_reflns_shell.pdbx_Rsym_value        ? 
_reflns_shell.meanI_over_sigI_obs    2.4 
_reflns_shell.pdbx_redundancy        4.5 
_reflns_shell.pdbx_diffrn_id         ? 
_reflns_shell.pdbx_ordinal           1 
# 
_refine.entry_id                                 1NSJ 
_refine.ls_number_reflns_obs                     17833 
_refine.ls_number_reflns_all                     ? 
_refine.pdbx_ls_sigma_I                          ? 
_refine.pdbx_ls_sigma_F                          0.0 
_refine.pdbx_data_cutoff_high_absF               ? 
_refine.pdbx_data_cutoff_low_absF                ? 
_refine.pdbx_data_cutoff_high_rms_absF           ? 
_refine.ls_d_res_low                             15.0 
_refine.ls_d_res_high                            2.0 
_refine.ls_percent_reflns_obs                    98.8 
_refine.ls_R_factor_obs                          0.1920000 
_refine.ls_R_factor_all                          ? 
_refine.ls_R_factor_R_work                       0.1920000 
_refine.ls_R_factor_R_free                       0.2430000 
_refine.ls_R_factor_R_free_error                 ? 
_refine.ls_R_factor_R_free_error_details         ? 
_refine.ls_percent_reflns_R_free                 10.0 
_refine.ls_number_reflns_R_free                  ? 
_refine.ls_number_parameters                     ? 
_refine.ls_number_restraints                     ? 
_refine.occupancy_min                            ? 
_refine.occupancy_max                            ? 
_refine.B_iso_mean                               32.1 
_refine.aniso_B[1][1]                            ? 
_refine.aniso_B[2][2]                            ? 
_refine.aniso_B[3][3]                            ? 
_refine.aniso_B[1][2]                            ? 
_refine.aniso_B[1][3]                            ? 
_refine.aniso_B[2][3]                            ? 
_refine.solvent_model_details                    ? 
_refine.solvent_model_param_ksol                 ? 
_refine.solvent_model_param_bsol                 ? 
_refine.pdbx_ls_cross_valid_method               ? 
_refine.details                                  
;RESIDUES 129 - 136 ARE IN THE MODEL WITH OCCUPANCIES = 0,
BECAUSE THERE IS NO ELECTRON DENSITY FOR THESE RESIDUES;
THEY WERE BUILT STEREOCHEMICALLY ONLY.
;
_refine.pdbx_starting_model                      ? 
_refine.pdbx_method_to_determine_struct          'MULTIPLE ISOMORPHOUS REPLACEMENT' 
_refine.pdbx_isotropic_thermal_model             ? 
_refine.pdbx_stereochemistry_target_values       ? 
_refine.pdbx_stereochem_target_val_spec_case     ? 
_refine.pdbx_R_Free_selection_details            ? 
_refine.pdbx_overall_ESU_R                       ? 
_refine.pdbx_overall_ESU_R_Free                  ? 
_refine.overall_SU_ML                            ? 
_refine.overall_SU_B                             ? 
_refine.pdbx_refine_id                           'X-RAY DIFFRACTION' 
_refine.pdbx_diffrn_id                           1 
_refine.pdbx_TLS_residual_ADP_flag               ? 
_refine.correlation_coeff_Fo_to_Fc               ? 
_refine.correlation_coeff_Fo_to_Fc_free          ? 
_refine.pdbx_solvent_vdw_probe_radii             ? 
_refine.pdbx_solvent_ion_probe_radii             ? 
_refine.pdbx_solvent_shrinkage_radii             ? 
_refine.pdbx_overall_phase_error                 ? 
_refine.overall_SU_R_Cruickshank_DPI             ? 
_refine.pdbx_overall_SU_R_free_Cruickshank_DPI   ? 
_refine.pdbx_overall_SU_R_Blow_DPI               ? 
_refine.pdbx_overall_SU_R_free_Blow_DPI          ? 
# 
_refine_hist.pdbx_refine_id                   'X-RAY DIFFRACTION' 
_refine_hist.cycle_id                         LAST 
_refine_hist.pdbx_number_atoms_protein        1561 
_refine_hist.pdbx_number_atoms_nucleic_acid   0 
_refine_hist.pdbx_number_atoms_ligand         5 
_refine_hist.number_atoms_solvent             106 
_refine_hist.number_atoms_total               1672 
_refine_hist.d_res_high                       2.0 
_refine_hist.d_res_low                        15.0 
# 
loop_
_refine_ls_restr.type 
_refine_ls_restr.dev_ideal 
_refine_ls_restr.dev_ideal_target 
_refine_ls_restr.weight 
_refine_ls_restr.number 
_refine_ls_restr.pdbx_refine_id 
_refine_ls_restr.pdbx_restraint_function 
x_bond_d                0.011 ? ? ? 'X-RAY DIFFRACTION' ? 
x_bond_d_na             ?     ? ? ? 'X-RAY DIFFRACTION' ? 
x_bond_d_prot           ?     ? ? ? 'X-RAY DIFFRACTION' ? 
x_angle_d               ?     ? ? ? 'X-RAY DIFFRACTION' ? 
x_angle_d_na            ?     ? ? ? 'X-RAY DIFFRACTION' ? 
x_angle_d_prot          ?     ? ? ? 'X-RAY DIFFRACTION' ? 
x_angle_deg             2.4   ? ? ? 'X-RAY DIFFRACTION' ? 
x_angle_deg_na          ?     ? ? ? 'X-RAY DIFFRACTION' ? 
x_angle_deg_prot        ?     ? ? ? 'X-RAY DIFFRACTION' ? 
x_dihedral_angle_d      ?     ? ? ? 'X-RAY DIFFRACTION' ? 
x_dihedral_angle_d_na   ?     ? ? ? 'X-RAY DIFFRACTION' ? 
x_dihedral_angle_d_prot ?     ? ? ? 'X-RAY DIFFRACTION' ? 
x_improper_angle_d      ?     ? ? ? 'X-RAY DIFFRACTION' ? 
x_improper_angle_d_na   ?     ? ? ? 'X-RAY DIFFRACTION' ? 
x_improper_angle_d_prot ?     ? ? ? 'X-RAY DIFFRACTION' ? 
x_mcbond_it             ?     ? ? ? 'X-RAY DIFFRACTION' ? 
x_mcangle_it            ?     ? ? ? 'X-RAY DIFFRACTION' ? 
x_scbond_it             ?     ? ? ? 'X-RAY DIFFRACTION' ? 
x_scangle_it            ?     ? ? ? 'X-RAY DIFFRACTION' ? 
# 
_refine_ls_shell.pdbx_total_number_of_bins_used   20 
_refine_ls_shell.d_res_high                       2.00 
_refine_ls_shell.d_res_low                        2.03 
_refine_ls_shell.number_reflns_R_work             720 
_refine_ls_shell.R_factor_R_work                  0.3730000 
_refine_ls_shell.percent_reflns_obs               94.4 
_refine_ls_shell.R_factor_R_free                  0.4140000 
_refine_ls_shell.R_factor_R_free_error            ? 
_refine_ls_shell.percent_reflns_R_free            10.0 
_refine_ls_shell.number_reflns_R_free             81 
_refine_ls_shell.pdbx_refine_id                   'X-RAY DIFFRACTION' 
_refine_ls_shell.number_reflns_all                ? 
_refine_ls_shell.R_factor_all                     ? 
# 
_struct.entry_id                  1NSJ 
_struct.title                     'CRYSTAL STRUCTURE OF PHOSPHORIBOSYL ANTHRANILATE ISOMERASE FROM THERMOTOGA MARITIMA' 
_struct.pdbx_model_details        ? 
_struct.pdbx_CASP_flag            ? 
_struct.pdbx_model_type_details   ? 
# 
_struct_keywords.entry_id        1NSJ 
_struct_keywords.pdbx_keywords   ISOMERASE 
_struct_keywords.text            'ISOMERASE, PHOSPHORIBOSYL ANTHRANILATE ISOMERASE, THERMOSTABILITY' 
# 
loop_
_struct_asym.id 
_struct_asym.pdbx_blank_PDB_chainid_flag 
_struct_asym.pdbx_modified 
_struct_asym.entity_id 
_struct_asym.details 
A N N 1 ? 
B N N 2 ? 
C N N 3 ? 
# 
_struct_ref.id                         1 
_struct_ref.db_name                    UNP 
_struct_ref.db_code                    TRPF_THEMA 
_struct_ref.entity_id                  1 
_struct_ref.pdbx_db_accession          Q56320 
_struct_ref.pdbx_align_begin           1 
_struct_ref.pdbx_seq_one_letter_code   
;MVRVKICGITNLEDALFSVESGADAVGFVFYPKSKRYISPEDARRISVELPPFVFRVGVFVNEEPEKILDVASYVQLNAV
QLHGEEPIELCRKIAERILVIKAVGVSNERDMERALNYREFPILLDTKTPEYGGSGKTFDWSLILPYRDRFRYLVLSGGL
NPENVRSAIDVVRPFAVDVSSGVEAFPGKKDHDSIKMFIKNAKGL
;
_struct_ref.pdbx_db_isoform            ? 
# 
_struct_ref_seq.align_id                      1 
_struct_ref_seq.ref_id                        1 
_struct_ref_seq.pdbx_PDB_id_code              1NSJ 
_struct_ref_seq.pdbx_strand_id                A 
_struct_ref_seq.seq_align_beg                 1 
_struct_ref_seq.pdbx_seq_align_beg_ins_code   ? 
_struct_ref_seq.seq_align_end                 205 
_struct_ref_seq.pdbx_seq_align_end_ins_code   ? 
_struct_ref_seq.pdbx_db_accession             Q56320 
_struct_ref_seq.db_align_beg                  1 
_struct_ref_seq.pdbx_db_align_beg_ins_code    ? 
_struct_ref_seq.db_align_end                  205 
_struct_ref_seq.pdbx_db_align_end_ins_code    ? 
_struct_ref_seq.pdbx_auth_seq_align_beg       1 
_struct_ref_seq.pdbx_auth_seq_align_end       205 
# 
_pdbx_struct_assembly.id                   1 
_pdbx_struct_assembly.details              author_defined_assembly 
_pdbx_struct_assembly.method_details       ? 
_pdbx_struct_assembly.oligomeric_details   dimeric 
_pdbx_struct_assembly.oligomeric_count     2 
# 
_pdbx_struct_assembly_gen.assembly_id       1 
_pdbx_struct_assembly_gen.oper_expression   1,2 
_pdbx_struct_assembly_gen.asym_id_list      A,B,C 
# 
loop_
_pdbx_struct_oper_list.id 
_pdbx_struct_oper_list.type 
_pdbx_struct_oper_list.name 
_pdbx_struct_oper_list.symmetry_operation 
_pdbx_struct_oper_list.matrix[1][1] 
_pdbx_struct_oper_list.matrix[1][2] 
_pdbx_struct_oper_list.matrix[1][3] 
_pdbx_struct_oper_list.vector[1] 
_pdbx_struct_oper_list.matrix[2][1] 
_pdbx_struct_oper_list.matrix[2][2] 
_pdbx_struct_oper_list.matrix[2][3] 
_pdbx_struct_oper_list.vector[2] 
_pdbx_struct_oper_list.matrix[3][1] 
_pdbx_struct_oper_list.matrix[3][2] 
_pdbx_struct_oper_list.matrix[3][3] 
_pdbx_struct_oper_list.vector[3] 
1 'identity operation'         1_555  x,y,z         1.0000000000 0.0000000000  0.0000000000  0.0000000000   0.0000000000  1.0000000000  0.0000000000 0.0000000000   0.0000000000  0.0000000000 1.0000000000  0.0000000000  
2 'crystal symmetry operation' 11_555 -x+y,y,-z+1/2 0.3294426876 -0.2795757181 -0.9018342051 -10.3118432836 -0.2795757181 -0.9412065049 0.1896516095 -23.6080530312 -0.9018342051 0.1896516095 -0.3882361827 -7.8825644779 
# 
_struct_biol.id   1 
# 
loop_
_struct_conf.conf_type_id 
_struct_conf.id 
_struct_conf.pdbx_PDB_helix_id 
_struct_conf.beg_label_comp_id 
_struct_conf.beg_label_asym_id 
_struct_conf.beg_label_seq_id 
_struct_conf.pdbx_beg_PDB_ins_code 
_struct_conf.end_label_comp_id 
_struct_conf.end_label_asym_id 
_struct_conf.end_label_seq_id 
_struct_conf.pdbx_end_PDB_ins_code 
_struct_conf.beg_auth_comp_id 
_struct_conf.beg_auth_asym_id 
_struct_conf.beg_auth_seq_id 
_struct_conf.end_auth_comp_id 
_struct_conf.end_auth_asym_id 
_struct_conf.end_auth_seq_id 
_struct_conf.pdbx_PDB_helix_class 
_struct_conf.details 
_struct_conf.pdbx_PDB_helix_length 
HELX_P HELX_P1 1 LEU A 12  ? SER A 21  ? LEU A 12  SER A 21  1 ? 10 
HELX_P HELX_P2 2 PRO A 40  ? GLU A 49  ? PRO A 40  GLU A 49  1 ? 10 
HELX_P HELX_P3 3 PRO A 65  ? VAL A 75  ? PRO A 65  VAL A 75  1 ? 11 
HELX_P HELX_P4 4 ILE A 88  ? GLU A 96  ? ILE A 88  GLU A 96  1 ? 9  
HELX_P HELX_P5 5 GLU A 109 ? TYR A 118 ? GLU A 109 TYR A 118 1 ? 10 
HELX_P HELX_P6 6 TRP A 141 ? ARG A 150 ? TRP A 141 ARG A 150 5 ? 10 
HELX_P HELX_P7 7 VAL A 165 ? VAL A 172 ? VAL A 165 VAL A 172 1 ? 8  
HELX_P HELX_P8 8 SER A 181 ? VAL A 183 ? SER A 181 VAL A 183 5 ? 3  
HELX_P HELX_P9 9 HIS A 192 ? LYS A 203 ? HIS A 192 LYS A 203 1 ? 12 
# 
_struct_conf_type.id          HELX_P 
_struct_conf_type.criteria    ? 
_struct_conf_type.reference   ? 
# 
_struct_mon_prot_cis.pdbx_id                1 
_struct_mon_prot_cis.label_comp_id          THR 
_struct_mon_prot_cis.label_seq_id           129 
_struct_mon_prot_cis.label_asym_id          A 
_struct_mon_prot_cis.label_alt_id           . 
_struct_mon_prot_cis.pdbx_PDB_ins_code      ? 
_struct_mon_prot_cis.auth_comp_id           THR 
_struct_mon_prot_cis.auth_seq_id            129 
_struct_mon_prot_cis.auth_asym_id           A 
_struct_mon_prot_cis.pdbx_label_comp_id_2   PRO 
_struct_mon_prot_cis.pdbx_label_seq_id_2    130 
_struct_mon_prot_cis.pdbx_label_asym_id_2   A 
_struct_mon_prot_cis.pdbx_PDB_ins_code_2    ? 
_struct_mon_prot_cis.pdbx_auth_comp_id_2    PRO 
_struct_mon_prot_cis.pdbx_auth_seq_id_2     130 
_struct_mon_prot_cis.pdbx_auth_asym_id_2    A 
_struct_mon_prot_cis.pdbx_PDB_model_num     1 
_struct_mon_prot_cis.pdbx_omega_angle       0.84 
# 
_struct_sheet.id               A 
_struct_sheet.type             ? 
_struct_sheet.number_strands   8 
_struct_sheet.details          ? 
# 
loop_
_struct_sheet_order.sheet_id 
_struct_sheet_order.range_id_1 
_struct_sheet_order.range_id_2 
_struct_sheet_order.offset 
_struct_sheet_order.sense 
A 1 2 ? parallel 
A 2 3 ? parallel 
A 3 4 ? parallel 
A 4 5 ? parallel 
A 5 6 ? parallel 
A 6 7 ? parallel 
A 7 8 ? parallel 
# 
loop_
_struct_sheet_range.sheet_id 
_struct_sheet_range.id 
_struct_sheet_range.beg_label_comp_id 
_struct_sheet_range.beg_label_asym_id 
_struct_sheet_range.beg_label_seq_id 
_struct_sheet_range.pdbx_beg_PDB_ins_code 
_struct_sheet_range.end_label_comp_id 
_struct_sheet_range.end_label_asym_id 
_struct_sheet_range.end_label_seq_id 
_struct_sheet_range.pdbx_end_PDB_ins_code 
_struct_sheet_range.beg_auth_comp_id 
_struct_sheet_range.beg_auth_asym_id 
_struct_sheet_range.beg_auth_seq_id 
_struct_sheet_range.end_auth_comp_id 
_struct_sheet_range.end_auth_asym_id 
_struct_sheet_range.end_auth_seq_id 
A 1 ARG A 3   ? ILE A 6   ? ARG A 3   ILE A 6   
A 2 ALA A 176 ? VAL A 179 ? ALA A 176 VAL A 179 
A 3 LEU A 154 ? SER A 157 ? LEU A 154 SER A 157 
A 4 PRO A 122 ? THR A 127 ? PRO A 122 THR A 127 
A 5 LEU A 99  ? VAL A 106 ? LEU A 99  VAL A 106 
A 6 ALA A 79  ? LEU A 82  ? ALA A 79  LEU A 82  
A 7 PHE A 55  ? PHE A 60  ? PHE A 55  PHE A 60  
A 8 ALA A 25  ? VAL A 29  ? ALA A 25  VAL A 29  
# 
loop_
_pdbx_struct_sheet_hbond.sheet_id 
_pdbx_struct_sheet_hbond.range_id_1 
_pdbx_struct_sheet_hbond.range_id_2 
_pdbx_struct_sheet_hbond.range_1_label_atom_id 
_pdbx_struct_sheet_hbond.range_1_label_comp_id 
_pdbx_struct_sheet_hbond.range_1_label_asym_id 
_pdbx_struct_sheet_hbond.range_1_label_seq_id 
_pdbx_struct_sheet_hbond.range_1_PDB_ins_code 
_pdbx_struct_sheet_hbond.range_1_auth_atom_id 
_pdbx_struct_sheet_hbond.range_1_auth_comp_id 
_pdbx_struct_sheet_hbond.range_1_auth_asym_id 
_pdbx_struct_sheet_hbond.range_1_auth_seq_id 
_pdbx_struct_sheet_hbond.range_2_label_atom_id 
_pdbx_struct_sheet_hbond.range_2_label_comp_id 
_pdbx_struct_sheet_hbond.range_2_label_asym_id 
_pdbx_struct_sheet_hbond.range_2_label_seq_id 
_pdbx_struct_sheet_hbond.range_2_PDB_ins_code 
_pdbx_struct_sheet_hbond.range_2_auth_atom_id 
_pdbx_struct_sheet_hbond.range_2_auth_comp_id 
_pdbx_struct_sheet_hbond.range_2_auth_asym_id 
_pdbx_struct_sheet_hbond.range_2_auth_seq_id 
A 1 2 O ARG A 3   ? O ARG A 3   N VAL A 177 ? N VAL A 177 
A 2 3 O ALA A 176 ? O ALA A 176 N LEU A 156 ? N LEU A 156 
A 3 4 O VAL A 155 ? O VAL A 155 N ILE A 123 ? N ILE A 123 
A 4 5 O PRO A 122 ? O PRO A 122 N LYS A 102 ? N LYS A 102 
A 5 6 O LEU A 99  ? O LEU A 99  N VAL A 80  ? N VAL A 80  
A 6 7 O ALA A 79  ? O ALA A 79  N GLY A 58  ? N GLY A 58  
A 7 8 O PHE A 55  ? O PHE A 55  N VAL A 26  ? N VAL A 26  
# 
_struct_site.id                   AC1 
_struct_site.pdbx_evidence_code   Software 
_struct_site.pdbx_auth_asym_id    A 
_struct_site.pdbx_auth_comp_id    PO4 
_struct_site.pdbx_auth_seq_id     300 
_struct_site.pdbx_auth_ins_code   ? 
_struct_site.pdbx_num_residues    8 
_struct_site.details              'BINDING SITE FOR RESIDUE PO4 A 300' 
# 
loop_
_struct_site_gen.id 
_struct_site_gen.site_id 
_struct_site_gen.pdbx_num_res 
_struct_site_gen.label_comp_id 
_struct_site_gen.label_asym_id 
_struct_site_gen.label_seq_id 
_struct_site_gen.pdbx_auth_ins_code 
_struct_site_gen.auth_comp_id 
_struct_site_gen.auth_asym_id 
_struct_site_gen.auth_seq_id 
_struct_site_gen.label_atom_id 
_struct_site_gen.label_alt_id 
_struct_site_gen.symmetry 
_struct_site_gen.details 
1 AC1 8 GLY A 158 ? GLY A 158 . ? 1_555 ? 
2 AC1 8 GLY A 159 ? GLY A 159 . ? 1_555 ? 
3 AC1 8 VAL A 179 ? VAL A 179 . ? 1_555 ? 
4 AC1 8 SER A 180 ? SER A 180 . ? 1_555 ? 
5 AC1 8 SER A 181 ? SER A 181 . ? 1_555 ? 
6 AC1 8 HOH C .   ? HOH A 303 . ? 1_555 ? 
7 AC1 8 HOH C .   ? HOH A 333 . ? 1_555 ? 
8 AC1 8 HOH C .   ? HOH A 344 . ? 1_555 ? 
# 
loop_
_pdbx_validate_rmsd_angle.id 
_pdbx_validate_rmsd_angle.PDB_model_num 
_pdbx_validate_rmsd_angle.auth_atom_id_1 
_pdbx_validate_rmsd_angle.auth_asym_id_1 
_pdbx_validate_rmsd_angle.auth_comp_id_1 
_pdbx_validate_rmsd_angle.auth_seq_id_1 
_pdbx_validate_rmsd_angle.PDB_ins_code_1 
_pdbx_validate_rmsd_angle.label_alt_id_1 
_pdbx_validate_rmsd_angle.auth_atom_id_2 
_pdbx_validate_rmsd_angle.auth_asym_id_2 
_pdbx_validate_rmsd_angle.auth_comp_id_2 
_pdbx_validate_rmsd_angle.auth_seq_id_2 
_pdbx_validate_rmsd_angle.PDB_ins_code_2 
_pdbx_validate_rmsd_angle.label_alt_id_2 
_pdbx_validate_rmsd_angle.auth_atom_id_3 
_pdbx_validate_rmsd_angle.auth_asym_id_3 
_pdbx_validate_rmsd_angle.auth_comp_id_3 
_pdbx_validate_rmsd_angle.auth_seq_id_3 
_pdbx_validate_rmsd_angle.PDB_ins_code_3 
_pdbx_validate_rmsd_angle.label_alt_id_3 
_pdbx_validate_rmsd_angle.angle_value 
_pdbx_validate_rmsd_angle.angle_target_value 
_pdbx_validate_rmsd_angle.angle_deviation 
_pdbx_validate_rmsd_angle.angle_standard_deviation 
_pdbx_validate_rmsd_angle.linker_flag 
1 1 N A SER 135 ? ? CA A SER 135 ? ? C A SER 135 ? ? 128.36 111.00 17.36 2.70 N 
2 1 O A LYS 137 ? ? C  A LYS 137 ? ? N A THR 138 ? ? 135.26 122.70 12.56 1.60 Y 
# 
loop_
_pdbx_validate_torsion.id 
_pdbx_validate_torsion.PDB_model_num 
_pdbx_validate_torsion.auth_comp_id 
_pdbx_validate_torsion.auth_asym_id 
_pdbx_validate_torsion.auth_seq_id 
_pdbx_validate_torsion.PDB_ins_code 
_pdbx_validate_torsion.label_alt_id 
_pdbx_validate_torsion.phi 
_pdbx_validate_torsion.psi 
1 1 LYS A 128 ? ? 55.94   96.06   
2 1 PRO A 130 ? ? -71.23  -83.16  
3 1 GLU A 131 ? ? 63.82   -74.93  
4 1 TYR A 132 ? ? -146.81 -139.49 
5 1 SER A 135 ? ? 87.23   154.29  
6 1 THR A 138 ? ? 59.49   105.52  
7 1 SER A 180 ? ? -131.47 -71.48  
# 
loop_
_pdbx_unobs_or_zero_occ_residues.id 
_pdbx_unobs_or_zero_occ_residues.PDB_model_num 
_pdbx_unobs_or_zero_occ_residues.polymer_flag 
_pdbx_unobs_or_zero_occ_residues.occupancy_flag 
_pdbx_unobs_or_zero_occ_residues.auth_asym_id 
_pdbx_unobs_or_zero_occ_residues.auth_comp_id 
_pdbx_unobs_or_zero_occ_residues.auth_seq_id 
_pdbx_unobs_or_zero_occ_residues.PDB_ins_code 
_pdbx_unobs_or_zero_occ_residues.label_asym_id 
_pdbx_unobs_or_zero_occ_residues.label_comp_id 
_pdbx_unobs_or_zero_occ_residues.label_seq_id 
1 1 Y 0 A THR 129 ? A THR 129 
2 1 Y 0 A PRO 130 ? A PRO 130 
3 1 Y 0 A GLU 131 ? A GLU 131 
4 1 Y 0 A TYR 132 ? A TYR 132 
5 1 Y 0 A GLY 133 ? A GLY 133 
6 1 Y 0 A GLY 134 ? A GLY 134 
7 1 Y 0 A SER 135 ? A SER 135 
8 1 Y 0 A GLY 136 ? A GLY 136 
# 
loop_
_chem_comp_atom.comp_id 
_chem_comp_atom.atom_id 
_chem_comp_atom.type_symbol 
_chem_comp_atom.pdbx_aromatic_flag 
_chem_comp_atom.pdbx_stereo_config 
_chem_comp_atom.pdbx_ordinal 
ALA N    N N N 1   
ALA CA   C N S 2   
ALA C    C N N 3   
ALA O    O N N 4   
ALA CB   C N N 5   
ALA OXT  O N N 6   
ALA H    H N N 7   
ALA H2   H N N 8   
ALA HA   H N N 9   
ALA HB1  H N N 10  
ALA HB2  H N N 11  
ALA HB3  H N N 12  
ALA HXT  H N N 13  
ARG N    N N N 14  
ARG CA   C N S 15  
ARG C    C N N 16  
ARG O    O N N 17  
ARG CB   C N N 18  
ARG CG   C N N 19  
ARG CD   C N N 20  
ARG NE   N N N 21  
ARG CZ   C N N 22  
ARG NH1  N N N 23  
ARG NH2  N N N 24  
ARG OXT  O N N 25  
ARG H    H N N 26  
ARG H2   H N N 27  
ARG HA   H N N 28  
ARG HB2  H N N 29  
ARG HB3  H N N 30  
ARG HG2  H N N 31  
ARG HG3  H N N 32  
ARG HD2  H N N 33  
ARG HD3  H N N 34  
ARG HE   H N N 35  
ARG HH11 H N N 36  
ARG HH12 H N N 37  
ARG HH21 H N N 38  
ARG HH22 H N N 39  
ARG HXT  H N N 40  
ASN N    N N N 41  
ASN CA   C N S 42  
ASN C    C N N 43  
ASN O    O N N 44  
ASN CB   C N N 45  
ASN CG   C N N 46  
ASN OD1  O N N 47  
ASN ND2  N N N 48  
ASN OXT  O N N 49  
ASN H    H N N 50  
ASN H2   H N N 51  
ASN HA   H N N 52  
ASN HB2  H N N 53  
ASN HB3  H N N 54  
ASN HD21 H N N 55  
ASN HD22 H N N 56  
ASN HXT  H N N 57  
ASP N    N N N 58  
ASP CA   C N S 59  
ASP C    C N N 60  
ASP O    O N N 61  
ASP CB   C N N 62  
ASP CG   C N N 63  
ASP OD1  O N N 64  
ASP OD2  O N N 65  
ASP OXT  O N N 66  
ASP H    H N N 67  
ASP H2   H N N 68  
ASP HA   H N N 69  
ASP HB2  H N N 70  
ASP HB3  H N N 71  
ASP HD2  H N N 72  
ASP HXT  H N N 73  
CYS N    N N N 74  
CYS CA   C N R 75  
CYS C    C N N 76  
CYS O    O N N 77  
CYS CB   C N N 78  
CYS SG   S N N 79  
CYS OXT  O N N 80  
CYS H    H N N 81  
CYS H2   H N N 82  
CYS HA   H N N 83  
CYS HB2  H N N 84  
CYS HB3  H N N 85  
CYS HG   H N N 86  
CYS HXT  H N N 87  
GLN N    N N N 88  
GLN CA   C N S 89  
GLN C    C N N 90  
GLN O    O N N 91  
GLN CB   C N N 92  
GLN CG   C N N 93  
GLN CD   C N N 94  
GLN OE1  O N N 95  
GLN NE2  N N N 96  
GLN OXT  O N N 97  
GLN H    H N N 98  
GLN H2   H N N 99  
GLN HA   H N N 100 
GLN HB2  H N N 101 
GLN HB3  H N N 102 
GLN HG2  H N N 103 
GLN HG3  H N N 104 
GLN HE21 H N N 105 
GLN HE22 H N N 106 
GLN HXT  H N N 107 
GLU N    N N N 108 
GLU CA   C N S 109 
GLU C    C N N 110 
GLU O    O N N 111 
GLU CB   C N N 112 
GLU CG   C N N 113 
GLU CD   C N N 114 
GLU OE1  O N N 115 
GLU OE2  O N N 116 
GLU OXT  O N N 117 
GLU H    H N N 118 
GLU H2   H N N 119 
GLU HA   H N N 120 
GLU HB2  H N N 121 
GLU HB3  H N N 122 
GLU HG2  H N N 123 
GLU HG3  H N N 124 
GLU HE2  H N N 125 
GLU HXT  H N N 126 
GLY N    N N N 127 
GLY CA   C N N 128 
GLY C    C N N 129 
GLY O    O N N 130 
GLY OXT  O N N 131 
GLY H    H N N 132 
GLY H2   H N N 133 
GLY HA2  H N N 134 
GLY HA3  H N N 135 
GLY HXT  H N N 136 
HIS N    N N N 137 
HIS CA   C N S 138 
HIS C    C N N 139 
HIS O    O N N 140 
HIS CB   C N N 141 
HIS CG   C Y N 142 
HIS ND1  N Y N 143 
HIS CD2  C Y N 144 
HIS CE1  C Y N 145 
HIS NE2  N Y N 146 
HIS OXT  O N N 147 
HIS H    H N N 148 
HIS H2   H N N 149 
HIS HA   H N N 150 
HIS HB2  H N N 151 
HIS HB3  H N N 152 
HIS HD1  H N N 153 
HIS HD2  H N N 154 
HIS HE1  H N N 155 
HIS HE2  H N N 156 
HIS HXT  H N N 157 
HOH O    O N N 158 
HOH H1   H N N 159 
HOH H2   H N N 160 
ILE N    N N N 161 
ILE CA   C N S 162 
ILE C    C N N 163 
ILE O    O N N 164 
ILE CB   C N S 165 
ILE CG1  C N N 166 
ILE CG2  C N N 167 
ILE CD1  C N N 168 
ILE OXT  O N N 169 
ILE H    H N N 170 
ILE H2   H N N 171 
ILE HA   H N N 172 
ILE HB   H N N 173 
ILE HG12 H N N 174 
ILE HG13 H N N 175 
ILE HG21 H N N 176 
ILE HG22 H N N 177 
ILE HG23 H N N 178 
ILE HD11 H N N 179 
ILE HD12 H N N 180 
ILE HD13 H N N 181 
ILE HXT  H N N 182 
LEU N    N N N 183 
LEU CA   C N S 184 
LEU C    C N N 185 
LEU O    O N N 186 
LEU CB   C N N 187 
LEU CG   C N N 188 
LEU CD1  C N N 189 
LEU CD2  C N N 190 
LEU OXT  O N N 191 
LEU H    H N N 192 
LEU H2   H N N 193 
LEU HA   H N N 194 
LEU HB2  H N N 195 
LEU HB3  H N N 196 
LEU HG   H N N 197 
LEU HD11 H N N 198 
LEU HD12 H N N 199 
LEU HD13 H N N 200 
LEU HD21 H N N 201 
LEU HD22 H N N 202 
LEU HD23 H N N 203 
LEU HXT  H N N 204 
LYS N    N N N 205 
LYS CA   C N S 206 
LYS C    C N N 207 
LYS O    O N N 208 
LYS CB   C N N 209 
LYS CG   C N N 210 
LYS CD   C N N 211 
LYS CE   C N N 212 
LYS NZ   N N N 213 
LYS OXT  O N N 214 
LYS H    H N N 215 
LYS H2   H N N 216 
LYS HA   H N N 217 
LYS HB2  H N N 218 
LYS HB3  H N N 219 
LYS HG2  H N N 220 
LYS HG3  H N N 221 
LYS HD2  H N N 222 
LYS HD3  H N N 223 
LYS HE2  H N N 224 
LYS HE3  H N N 225 
LYS HZ1  H N N 226 
LYS HZ2  H N N 227 
LYS HZ3  H N N 228 
LYS HXT  H N N 229 
MET N    N N N 230 
MET CA   C N S 231 
MET C    C N N 232 
MET O    O N N 233 
MET CB   C N N 234 
MET CG   C N N 235 
MET SD   S N N 236 
MET CE   C N N 237 
MET OXT  O N N 238 
MET H    H N N 239 
MET H2   H N N 240 
MET HA   H N N 241 
MET HB2  H N N 242 
MET HB3  H N N 243 
MET HG2  H N N 244 
MET HG3  H N N 245 
MET HE1  H N N 246 
MET HE2  H N N 247 
MET HE3  H N N 248 
MET HXT  H N N 249 
PHE N    N N N 250 
PHE CA   C N S 251 
PHE C    C N N 252 
PHE O    O N N 253 
PHE CB   C N N 254 
PHE CG   C Y N 255 
PHE CD1  C Y N 256 
PHE CD2  C Y N 257 
PHE CE1  C Y N 258 
PHE CE2  C Y N 259 
PHE CZ   C Y N 260 
PHE OXT  O N N 261 
PHE H    H N N 262 
PHE H2   H N N 263 
PHE HA   H N N 264 
PHE HB2  H N N 265 
PHE HB3  H N N 266 
PHE HD1  H N N 267 
PHE HD2  H N N 268 
PHE HE1  H N N 269 
PHE HE2  H N N 270 
PHE HZ   H N N 271 
PHE HXT  H N N 272 
PO4 P    P N N 273 
PO4 O1   O N N 274 
PO4 O2   O N N 275 
PO4 O3   O N N 276 
PO4 O4   O N N 277 
PRO N    N N N 278 
PRO CA   C N S 279 
PRO C    C N N 280 
PRO O    O N N 281 
PRO CB   C N N 282 
PRO CG   C N N 283 
PRO CD   C N N 284 
PRO OXT  O N N 285 
PRO H    H N N 286 
PRO HA   H N N 287 
PRO HB2  H N N 288 
PRO HB3  H N N 289 
PRO HG2  H N N 290 
PRO HG3  H N N 291 
PRO HD2  H N N 292 
PRO HD3  H N N 293 
PRO HXT  H N N 294 
SER N    N N N 295 
SER CA   C N S 296 
SER C    C N N 297 
SER O    O N N 298 
SER CB   C N N 299 
SER OG   O N N 300 
SER OXT  O N N 301 
SER H    H N N 302 
SER H2   H N N 303 
SER HA   H N N 304 
SER HB2  H N N 305 
SER HB3  H N N 306 
SER HG   H N N 307 
SER HXT  H N N 308 
THR N    N N N 309 
THR CA   C N S 310 
THR C    C N N 311 
THR O    O N N 312 
THR CB   C N R 313 
THR OG1  O N N 314 
THR CG2  C N N 315 
THR OXT  O N N 316 
THR H    H N N 317 
THR H2   H N N 318 
THR HA   H N N 319 
THR HB   H N N 320 
THR HG1  H N N 321 
THR HG21 H N N 322 
THR HG22 H N N 323 
THR HG23 H N N 324 
THR HXT  H N N 325 
TRP N    N N N 326 
TRP CA   C N S 327 
TRP C    C N N 328 
TRP O    O N N 329 
TRP CB   C N N 330 
TRP CG   C Y N 331 
TRP CD1  C Y N 332 
TRP CD2  C Y N 333 
TRP NE1  N Y N 334 
TRP CE2  C Y N 335 
TRP CE3  C Y N 336 
TRP CZ2  C Y N 337 
TRP CZ3  C Y N 338 
TRP CH2  C Y N 339 
TRP OXT  O N N 340 
TRP H    H N N 341 
TRP H2   H N N 342 
TRP HA   H N N 343 
TRP HB2  H N N 344 
TRP HB3  H N N 345 
TRP HD1  H N N 346 
TRP HE1  H N N 347 
TRP HE3  H N N 348 
TRP HZ2  H N N 349 
TRP HZ3  H N N 350 
TRP HH2  H N N 351 
TRP HXT  H N N 352 
TYR N    N N N 353 
TYR CA   C N S 354 
TYR C    C N N 355 
TYR O    O N N 356 
TYR CB   C N N 357 
TYR CG   C Y N 358 
TYR CD1  C Y N 359 
TYR CD2  C Y N 360 
TYR CE1  C Y N 361 
TYR CE2  C Y N 362 
TYR CZ   C Y N 363 
TYR OH   O N N 364 
TYR OXT  O N N 365 
TYR H    H N N 366 
TYR H2   H N N 367 
TYR HA   H N N 368 
TYR HB2  H N N 369 
TYR HB3  H N N 370 
TYR HD1  H N N 371 
TYR HD2  H N N 372 
TYR HE1  H N N 373 
TYR HE2  H N N 374 
TYR HH   H N N 375 
TYR HXT  H N N 376 
VAL N    N N N 377 
VAL CA   C N S 378 
VAL C    C N N 379 
VAL O    O N N 380 
VAL CB   C N N 381 
VAL CG1  C N N 382 
VAL CG2  C N N 383 
VAL OXT  O N N 384 
VAL H    H N N 385 
VAL H2   H N N 386 
VAL HA   H N N 387 
VAL HB   H N N 388 
VAL HG11 H N N 389 
VAL HG12 H N N 390 
VAL HG13 H N N 391 
VAL HG21 H N N 392 
VAL HG22 H N N 393 
VAL HG23 H N N 394 
VAL HXT  H N N 395 
# 
loop_
_chem_comp_bond.comp_id 
_chem_comp_bond.atom_id_1 
_chem_comp_bond.atom_id_2 
_chem_comp_bond.value_order 
_chem_comp_bond.pdbx_aromatic_flag 
_chem_comp_bond.pdbx_stereo_config 
_chem_comp_bond.pdbx_ordinal 
ALA N   CA   sing N N 1   
ALA N   H    sing N N 2   
ALA N   H2   sing N N 3   
ALA CA  C    sing N N 4   
ALA CA  CB   sing N N 5   
ALA CA  HA   sing N N 6   
ALA C   O    doub N N 7   
ALA C   OXT  sing N N 8   
ALA CB  HB1  sing N N 9   
ALA CB  HB2  sing N N 10  
ALA CB  HB3  sing N N 11  
ALA OXT HXT  sing N N 12  
ARG N   CA   sing N N 13  
ARG N   H    sing N N 14  
ARG N   H2   sing N N 15  
ARG CA  C    sing N N 16  
ARG CA  CB   sing N N 17  
ARG CA  HA   sing N N 18  
ARG C   O    doub N N 19  
ARG C   OXT  sing N N 20  
ARG CB  CG   sing N N 21  
ARG CB  HB2  sing N N 22  
ARG CB  HB3  sing N N 23  
ARG CG  CD   sing N N 24  
ARG CG  HG2  sing N N 25  
ARG CG  HG3  sing N N 26  
ARG CD  NE   sing N N 27  
ARG CD  HD2  sing N N 28  
ARG CD  HD3  sing N N 29  
ARG NE  CZ   sing N N 30  
ARG NE  HE   sing N N 31  
ARG CZ  NH1  sing N N 32  
ARG CZ  NH2  doub N N 33  
ARG NH1 HH11 sing N N 34  
ARG NH1 HH12 sing N N 35  
ARG NH2 HH21 sing N N 36  
ARG NH2 HH22 sing N N 37  
ARG OXT HXT  sing N N 38  
ASN N   CA   sing N N 39  
ASN N   H    sing N N 40  
ASN N   H2   sing N N 41  
ASN CA  C    sing N N 42  
ASN CA  CB   sing N N 43  
ASN CA  HA   sing N N 44  
ASN C   O    doub N N 45  
ASN C   OXT  sing N N 46  
ASN CB  CG   sing N N 47  
ASN CB  HB2  sing N N 48  
ASN CB  HB3  sing N N 49  
ASN CG  OD1  doub N N 50  
ASN CG  ND2  sing N N 51  
ASN ND2 HD21 sing N N 52  
ASN ND2 HD22 sing N N 53  
ASN OXT HXT  sing N N 54  
ASP N   CA   sing N N 55  
ASP N   H    sing N N 56  
ASP N   H2   sing N N 57  
ASP CA  C    sing N N 58  
ASP CA  CB   sing N N 59  
ASP CA  HA   sing N N 60  
ASP C   O    doub N N 61  
ASP C   OXT  sing N N 62  
ASP CB  CG   sing N N 63  
ASP CB  HB2  sing N N 64  
ASP CB  HB3  sing N N 65  
ASP CG  OD1  doub N N 66  
ASP CG  OD2  sing N N 67  
ASP OD2 HD2  sing N N 68  
ASP OXT HXT  sing N N 69  
CYS N   CA   sing N N 70  
CYS N   H    sing N N 71  
CYS N   H2   sing N N 72  
CYS CA  C    sing N N 73  
CYS CA  CB   sing N N 74  
CYS CA  HA   sing N N 75  
CYS C   O    doub N N 76  
CYS C   OXT  sing N N 77  
CYS CB  SG   sing N N 78  
CYS CB  HB2  sing N N 79  
CYS CB  HB3  sing N N 80  
CYS SG  HG   sing N N 81  
CYS OXT HXT  sing N N 82  
GLN N   CA   sing N N 83  
GLN N   H    sing N N 84  
GLN N   H2   sing N N 85  
GLN CA  C    sing N N 86  
GLN CA  CB   sing N N 87  
GLN CA  HA   sing N N 88  
GLN C   O    doub N N 89  
GLN C   OXT  sing N N 90  
GLN CB  CG   sing N N 91  
GLN CB  HB2  sing N N 92  
GLN CB  HB3  sing N N 93  
GLN CG  CD   sing N N 94  
GLN CG  HG2  sing N N 95  
GLN CG  HG3  sing N N 96  
GLN CD  OE1  doub N N 97  
GLN CD  NE2  sing N N 98  
GLN NE2 HE21 sing N N 99  
GLN NE2 HE22 sing N N 100 
GLN OXT HXT  sing N N 101 
GLU N   CA   sing N N 102 
GLU N   H    sing N N 103 
GLU N   H2   sing N N 104 
GLU CA  C    sing N N 105 
GLU CA  CB   sing N N 106 
GLU CA  HA   sing N N 107 
GLU C   O    doub N N 108 
GLU C   OXT  sing N N 109 
GLU CB  CG   sing N N 110 
GLU CB  HB2  sing N N 111 
GLU CB  HB3  sing N N 112 
GLU CG  CD   sing N N 113 
GLU CG  HG2  sing N N 114 
GLU CG  HG3  sing N N 115 
GLU CD  OE1  doub N N 116 
GLU CD  OE2  sing N N 117 
GLU OE2 HE2  sing N N 118 
GLU OXT HXT  sing N N 119 
GLY N   CA   sing N N 120 
GLY N   H    sing N N 121 
GLY N   H2   sing N N 122 
GLY CA  C    sing N N 123 
GLY CA  HA2  sing N N 124 
GLY CA  HA3  sing N N 125 
GLY C   O    doub N N 126 
GLY C   OXT  sing N N 127 
GLY OXT HXT  sing N N 128 
HIS N   CA   sing N N 129 
HIS N   H    sing N N 130 
HIS N   H2   sing N N 131 
HIS CA  C    sing N N 132 
HIS CA  CB   sing N N 133 
HIS CA  HA   sing N N 134 
HIS C   O    doub N N 135 
HIS C   OXT  sing N N 136 
HIS CB  CG   sing N N 137 
HIS CB  HB2  sing N N 138 
HIS CB  HB3  sing N N 139 
HIS CG  ND1  sing Y N 140 
HIS CG  CD2  doub Y N 141 
HIS ND1 CE1  doub Y N 142 
HIS ND1 HD1  sing N N 143 
HIS CD2 NE2  sing Y N 144 
HIS CD2 HD2  sing N N 145 
HIS CE1 NE2  sing Y N 146 
HIS CE1 HE1  sing N N 147 
HIS NE2 HE2  sing N N 148 
HIS OXT HXT  sing N N 149 
HOH O   H1   sing N N 150 
HOH O   H2   sing N N 151 
ILE N   CA   sing N N 152 
ILE N   H    sing N N 153 
ILE N   H2   sing N N 154 
ILE CA  C    sing N N 155 
ILE CA  CB   sing N N 156 
ILE CA  HA   sing N N 157 
ILE C   O    doub N N 158 
ILE C   OXT  sing N N 159 
ILE CB  CG1  sing N N 160 
ILE CB  CG2  sing N N 161 
ILE CB  HB   sing N N 162 
ILE CG1 CD1  sing N N 163 
ILE CG1 HG12 sing N N 164 
ILE CG1 HG13 sing N N 165 
ILE CG2 HG21 sing N N 166 
ILE CG2 HG22 sing N N 167 
ILE CG2 HG23 sing N N 168 
ILE CD1 HD11 sing N N 169 
ILE CD1 HD12 sing N N 170 
ILE CD1 HD13 sing N N 171 
ILE OXT HXT  sing N N 172 
LEU N   CA   sing N N 173 
LEU N   H    sing N N 174 
LEU N   H2   sing N N 175 
LEU CA  C    sing N N 176 
LEU CA  CB   sing N N 177 
LEU CA  HA   sing N N 178 
LEU C   O    doub N N 179 
LEU C   OXT  sing N N 180 
LEU CB  CG   sing N N 181 
LEU CB  HB2  sing N N 182 
LEU CB  HB3  sing N N 183 
LEU CG  CD1  sing N N 184 
LEU CG  CD2  sing N N 185 
LEU CG  HG   sing N N 186 
LEU CD1 HD11 sing N N 187 
LEU CD1 HD12 sing N N 188 
LEU CD1 HD13 sing N N 189 
LEU CD2 HD21 sing N N 190 
LEU CD2 HD22 sing N N 191 
LEU CD2 HD23 sing N N 192 
LEU OXT HXT  sing N N 193 
LYS N   CA   sing N N 194 
LYS N   H    sing N N 195 
LYS N   H2   sing N N 196 
LYS CA  C    sing N N 197 
LYS CA  CB   sing N N 198 
LYS CA  HA   sing N N 199 
LYS C   O    doub N N 200 
LYS C   OXT  sing N N 201 
LYS CB  CG   sing N N 202 
LYS CB  HB2  sing N N 203 
LYS CB  HB3  sing N N 204 
LYS CG  CD   sing N N 205 
LYS CG  HG2  sing N N 206 
LYS CG  HG3  sing N N 207 
LYS CD  CE   sing N N 208 
LYS CD  HD2  sing N N 209 
LYS CD  HD3  sing N N 210 
LYS CE  NZ   sing N N 211 
LYS CE  HE2  sing N N 212 
LYS CE  HE3  sing N N 213 
LYS NZ  HZ1  sing N N 214 
LYS NZ  HZ2  sing N N 215 
LYS NZ  HZ3  sing N N 216 
LYS OXT HXT  sing N N 217 
MET N   CA   sing N N 218 
MET N   H    sing N N 219 
MET N   H2   sing N N 220 
MET CA  C    sing N N 221 
MET CA  CB   sing N N 222 
MET CA  HA   sing N N 223 
MET C   O    doub N N 224 
MET C   OXT  sing N N 225 
MET CB  CG   sing N N 226 
MET CB  HB2  sing N N 227 
MET CB  HB3  sing N N 228 
MET CG  SD   sing N N 229 
MET CG  HG2  sing N N 230 
MET CG  HG3  sing N N 231 
MET SD  CE   sing N N 232 
MET CE  HE1  sing N N 233 
MET CE  HE2  sing N N 234 
MET CE  HE3  sing N N 235 
MET OXT HXT  sing N N 236 
PHE N   CA   sing N N 237 
PHE N   H    sing N N 238 
PHE N   H2   sing N N 239 
PHE CA  C    sing N N 240 
PHE CA  CB   sing N N 241 
PHE CA  HA   sing N N 242 
PHE C   O    doub N N 243 
PHE C   OXT  sing N N 244 
PHE CB  CG   sing N N 245 
PHE CB  HB2  sing N N 246 
PHE CB  HB3  sing N N 247 
PHE CG  CD1  doub Y N 248 
PHE CG  CD2  sing Y N 249 
PHE CD1 CE1  sing Y N 250 
PHE CD1 HD1  sing N N 251 
PHE CD2 CE2  doub Y N 252 
PHE CD2 HD2  sing N N 253 
PHE CE1 CZ   doub Y N 254 
PHE CE1 HE1  sing N N 255 
PHE CE2 CZ   sing Y N 256 
PHE CE2 HE2  sing N N 257 
PHE CZ  HZ   sing N N 258 
PHE OXT HXT  sing N N 259 
PO4 P   O1   doub N N 260 
PO4 P   O2   sing N N 261 
PO4 P   O3   sing N N 262 
PO4 P   O4   sing N N 263 
PRO N   CA   sing N N 264 
PRO N   CD   sing N N 265 
PRO N   H    sing N N 266 
PRO CA  C    sing N N 267 
PRO CA  CB   sing N N 268 
PRO CA  HA   sing N N 269 
PRO C   O    doub N N 270 
PRO C   OXT  sing N N 271 
PRO CB  CG   sing N N 272 
PRO CB  HB2  sing N N 273 
PRO CB  HB3  sing N N 274 
PRO CG  CD   sing N N 275 
PRO CG  HG2  sing N N 276 
PRO CG  HG3  sing N N 277 
PRO CD  HD2  sing N N 278 
PRO CD  HD3  sing N N 279 
PRO OXT HXT  sing N N 280 
SER N   CA   sing N N 281 
SER N   H    sing N N 282 
SER N   H2   sing N N 283 
SER CA  C    sing N N 284 
SER CA  CB   sing N N 285 
SER CA  HA   sing N N 286 
SER C   O    doub N N 287 
SER C   OXT  sing N N 288 
SER CB  OG   sing N N 289 
SER CB  HB2  sing N N 290 
SER CB  HB3  sing N N 291 
SER OG  HG   sing N N 292 
SER OXT HXT  sing N N 293 
THR N   CA   sing N N 294 
THR N   H    sing N N 295 
THR N   H2   sing N N 296 
THR CA  C    sing N N 297 
THR CA  CB   sing N N 298 
THR CA  HA   sing N N 299 
THR C   O    doub N N 300 
THR C   OXT  sing N N 301 
THR CB  OG1  sing N N 302 
THR CB  CG2  sing N N 303 
THR CB  HB   sing N N 304 
THR OG1 HG1  sing N N 305 
THR CG2 HG21 sing N N 306 
THR CG2 HG22 sing N N 307 
THR CG2 HG23 sing N N 308 
THR OXT HXT  sing N N 309 
TRP N   CA   sing N N 310 
TRP N   H    sing N N 311 
TRP N   H2   sing N N 312 
TRP CA  C    sing N N 313 
TRP CA  CB   sing N N 314 
TRP CA  HA   sing N N 315 
TRP C   O    doub N N 316 
TRP C   OXT  sing N N 317 
TRP CB  CG   sing N N 318 
TRP CB  HB2  sing N N 319 
TRP CB  HB3  sing N N 320 
TRP CG  CD1  doub Y N 321 
TRP CG  CD2  sing Y N 322 
TRP CD1 NE1  sing Y N 323 
TRP CD1 HD1  sing N N 324 
TRP CD2 CE2  doub Y N 325 
TRP CD2 CE3  sing Y N 326 
TRP NE1 CE2  sing Y N 327 
TRP NE1 HE1  sing N N 328 
TRP CE2 CZ2  sing Y N 329 
TRP CE3 CZ3  doub Y N 330 
TRP CE3 HE3  sing N N 331 
TRP CZ2 CH2  doub Y N 332 
TRP CZ2 HZ2  sing N N 333 
TRP CZ3 CH2  sing Y N 334 
TRP CZ3 HZ3  sing N N 335 
TRP CH2 HH2  sing N N 336 
TRP OXT HXT  sing N N 337 
TYR N   CA   sing N N 338 
TYR N   H    sing N N 339 
TYR N   H2   sing N N 340 
TYR CA  C    sing N N 341 
TYR CA  CB   sing N N 342 
TYR CA  HA   sing N N 343 
TYR C   O    doub N N 344 
TYR C   OXT  sing N N 345 
TYR CB  CG   sing N N 346 
TYR CB  HB2  sing N N 347 
TYR CB  HB3  sing N N 348 
TYR CG  CD1  doub Y N 349 
TYR CG  CD2  sing Y N 350 
TYR CD1 CE1  sing Y N 351 
TYR CD1 HD1  sing N N 352 
TYR CD2 CE2  doub Y N 353 
TYR CD2 HD2  sing N N 354 
TYR CE1 CZ   doub Y N 355 
TYR CE1 HE1  sing N N 356 
TYR CE2 CZ   sing Y N 357 
TYR CE2 HE2  sing N N 358 
TYR CZ  OH   sing N N 359 
TYR OH  HH   sing N N 360 
TYR OXT HXT  sing N N 361 
VAL N   CA   sing N N 362 
VAL N   H    sing N N 363 
VAL N   H2   sing N N 364 
VAL CA  C    sing N N 365 
VAL CA  CB   sing N N 366 
VAL CA  HA   sing N N 367 
VAL C   O    doub N N 368 
VAL C   OXT  sing N N 369 
VAL CB  CG1  sing N N 370 
VAL CB  CG2  sing N N 371 
VAL CB  HB   sing N N 372 
VAL CG1 HG11 sing N N 373 
VAL CG1 HG12 sing N N 374 
VAL CG1 HG13 sing N N 375 
VAL CG2 HG21 sing N N 376 
VAL CG2 HG22 sing N N 377 
VAL CG2 HG23 sing N N 378 
VAL OXT HXT  sing N N 379 
# 
_atom_sites.entry_id                    1NSJ 
_atom_sites.fract_transf_matrix[1][1]   -0.01027791 
_atom_sites.fract_transf_matrix[1][2]   0.01282291 
_atom_sites.fract_transf_matrix[1][3]   -0.00386424 
_atom_sites.fract_transf_matrix[2][1]   -0.01376397 
_atom_sites.fract_transf_matrix[2][2]   0.00289450 
_atom_sites.fract_transf_matrix[2][3]   0.00933686 
_atom_sites.fract_transf_matrix[3][1]   0.00286098 
_atom_sites.fract_transf_matrix[3][2]   0.00325960 
_atom_sites.fract_transf_matrix[3][3]   0.00320702 
_atom_sites.fract_transf_vector[1]      0.338316 
_atom_sites.fract_transf_vector[2]      0.510352 
_atom_sites.fract_transf_vector[3]      0.315879 
# 
loop_
_atom_type.symbol 
C 
N 
O 
P 
S 
# 
loop_
_atom_site.group_PDB 
_atom_site.id 
_atom_site.type_symbol 
_atom_site.label_atom_id 
_atom_site.label_alt_id 
_atom_site.label_comp_id 
_atom_site.label_asym_id 
_atom_site.label_entity_id 
_atom_site.label_seq_id 
_atom_site.pdbx_PDB_ins_code 
_atom_site.Cartn_x 
_atom_site.Cartn_y 
_atom_site.Cartn_z 
_atom_site.occupancy 
_atom_site.B_iso_or_equiv 
_atom_site.pdbx_formal_charge 
_atom_site.auth_seq_id 
_atom_site.auth_comp_id 
_atom_site.auth_asym_id 
_atom_site.auth_atom_id 
_atom_site.pdbx_PDB_model_num 
ATOM   1    N N   . MET A 1 1   ? 9.237   -14.907 -4.557  1.00 54.26 ? 1   MET A N   1 
ATOM   2    C CA  . MET A 1 1   ? 8.989   -13.706 -5.393  1.00 53.99 ? 1   MET A CA  1 
ATOM   3    C C   . MET A 1 1   ? 8.121   -12.707 -4.625  1.00 48.98 ? 1   MET A C   1 
ATOM   4    O O   . MET A 1 1   ? 7.235   -13.102 -3.886  1.00 53.10 ? 1   MET A O   1 
ATOM   5    C CB  . MET A 1 1   ? 8.278   -14.128 -6.670  1.00 62.67 ? 1   MET A CB  1 
ATOM   6    C CG  . MET A 1 1   ? 7.979   -12.977 -7.612  1.00 74.01 ? 1   MET A CG  1 
ATOM   7    S SD  . MET A 1 1   ? 7.192   -13.588 -9.095  1.00 89.03 ? 1   MET A SD  1 
ATOM   8    C CE  . MET A 1 1   ? 8.635   -13.977 -10.110 1.00 85.81 ? 1   MET A CE  1 
ATOM   9    N N   . VAL A 1 2   ? 8.365   -11.424 -4.824  1.00 41.43 ? 2   VAL A N   1 
ATOM   10   C CA  . VAL A 1 2   ? 7.637   -10.370 -4.136  1.00 37.62 ? 2   VAL A CA  1 
ATOM   11   C C   . VAL A 1 2   ? 6.224   -10.057 -4.695  1.00 34.23 ? 2   VAL A C   1 
ATOM   12   O O   . VAL A 1 2   ? 5.949   -10.290 -5.878  1.00 34.16 ? 2   VAL A O   1 
ATOM   13   C CB  . VAL A 1 2   ? 8.517   -9.084  -4.153  1.00 35.97 ? 2   VAL A CB  1 
ATOM   14   C CG1 . VAL A 1 2   ? 8.321   -8.314  -5.448  1.00 37.15 ? 2   VAL A CG1 1 
ATOM   15   C CG2 . VAL A 1 2   ? 8.250   -8.221  -2.949  1.00 40.61 ? 2   VAL A CG2 1 
ATOM   16   N N   . ARG A 1 3   ? 5.320   -9.602  -3.828  1.00 28.93 ? 3   ARG A N   1 
ATOM   17   C CA  . ARG A 1 3   ? 3.974   -9.203  -4.251  1.00 24.74 ? 3   ARG A CA  1 
ATOM   18   C C   . ARG A 1 3   ? 4.038   -7.707  -4.533  1.00 23.32 ? 3   ARG A C   1 
ATOM   19   O O   . ARG A 1 3   ? 4.852   -7.010  -3.952  1.00 22.33 ? 3   ARG A O   1 
ATOM   20   C CB  . ARG A 1 3   ? 2.929   -9.490  -3.172  1.00 25.28 ? 3   ARG A CB  1 
ATOM   21   C CG  . ARG A 1 3   ? 2.221   -10.832 -3.335  1.00 20.73 ? 3   ARG A CG  1 
ATOM   22   C CD  . ARG A 1 3   ? 3.185   -11.998 -3.320  1.00 25.71 ? 3   ARG A CD  1 
ATOM   23   N NE  . ARG A 1 3   ? 2.464   -13.267 -3.372  1.00 28.20 ? 3   ARG A NE  1 
ATOM   24   C CZ  . ARG A 1 3   ? 2.910   -14.424 -2.882  1.00 30.57 ? 3   ARG A CZ  1 
ATOM   25   N NH1 . ARG A 1 3   ? 4.089   -14.508 -2.284  1.00 28.83 ? 3   ARG A NH1 1 
ATOM   26   N NH2 . ARG A 1 3   ? 2.188   -15.520 -3.028  1.00 26.26 ? 3   ARG A NH2 1 
ATOM   27   N N   . VAL A 1 4   ? 3.177   -7.212  -5.418  1.00 21.66 ? 4   VAL A N   1 
ATOM   28   C CA  . VAL A 1 4   ? 3.171   -5.804  -5.793  1.00 19.52 ? 4   VAL A CA  1 
ATOM   29   C C   . VAL A 1 4   ? 1.789   -5.205  -5.702  1.00 22.90 ? 4   VAL A C   1 
ATOM   30   O O   . VAL A 1 4   ? 0.841   -5.732  -6.287  1.00 24.19 ? 4   VAL A O   1 
ATOM   31   C CB  . VAL A 1 4   ? 3.635   -5.630  -7.257  1.00 16.95 ? 4   VAL A CB  1 
ATOM   32   C CG1 . VAL A 1 4   ? 3.431   -4.186  -7.733  1.00 23.66 ? 4   VAL A CG1 1 
ATOM   33   C CG2 . VAL A 1 4   ? 5.088   -6.078  -7.415  1.00 16.34 ? 4   VAL A CG2 1 
ATOM   34   N N   . LYS A 1 5   ? 1.655   -4.118  -4.960  1.00 20.56 ? 5   LYS A N   1 
ATOM   35   C CA  . LYS A 1 5   ? 0.379   -3.423  -4.858  1.00 22.29 ? 5   LYS A CA  1 
ATOM   36   C C   . LYS A 1 5   ? 0.543   -2.062  -5.560  1.00 25.54 ? 5   LYS A C   1 
ATOM   37   O O   . LYS A 1 5   ? 1.561   -1.391  -5.370  1.00 26.84 ? 5   LYS A O   1 
ATOM   38   C CB  . LYS A 1 5   ? -0.014  -3.232  -3.387  1.00 18.48 ? 5   LYS A CB  1 
ATOM   39   C CG  . LYS A 1 5   ? -1.100  -2.176  -3.145  1.00 20.03 ? 5   LYS A CG  1 
ATOM   40   C CD  . LYS A 1 5   ? -1.594  -2.167  -1.698  1.00 23.04 ? 5   LYS A CD  1 
ATOM   41   C CE  . LYS A 1 5   ? -2.476  -0.953  -1.389  1.00 30.74 ? 5   LYS A CE  1 
ATOM   42   N NZ  . LYS A 1 5   ? -1.715  0.331   -1.274  1.00 35.31 ? 5   LYS A NZ  1 
ATOM   43   N N   . ILE A 1 6   ? -0.402  -1.694  -6.425  1.00 24.21 ? 6   ILE A N   1 
ATOM   44   C CA  . ILE A 1 6   ? -0.356  -0.402  -7.109  1.00 24.28 ? 6   ILE A CA  1 
ATOM   45   C C   . ILE A 1 6   ? -1.463  0.378   -6.393  1.00 26.31 ? 6   ILE A C   1 
ATOM   46   O O   . ILE A 1 6   ? -2.634  -0.020  -6.410  1.00 27.20 ? 6   ILE A O   1 
ATOM   47   C CB  . ILE A 1 6   ? -0.639  -0.519  -8.654  1.00 24.38 ? 6   ILE A CB  1 
ATOM   48   C CG1 . ILE A 1 6   ? 0.397   -1.427  -9.352  1.00 20.19 ? 6   ILE A CG1 1 
ATOM   49   C CG2 . ILE A 1 6   ? -0.603  0.853   -9.304  1.00 24.19 ? 6   ILE A CG2 1 
ATOM   50   C CD1 . ILE A 1 6   ? 1.841   -0.926  -9.320  1.00 23.16 ? 6   ILE A CD1 1 
ATOM   51   N N   . CYS A 1 7   ? -1.082  1.436   -5.681  1.00 23.90 ? 7   CYS A N   1 
ATOM   52   C CA  . CYS A 1 7   ? -2.052  2.218   -4.925  1.00 22.21 ? 7   CYS A CA  1 
ATOM   53   C C   . CYS A 1 7   ? -2.506  3.478   -5.661  1.00 22.32 ? 7   CYS A C   1 
ATOM   54   O O   . CYS A 1 7   ? -1.929  3.859   -6.677  1.00 24.61 ? 7   CYS A O   1 
ATOM   55   C CB  . CYS A 1 7   ? -1.467  2.565   -3.543  1.00 22.40 ? 7   CYS A CB  1 
ATOM   56   S SG  . CYS A 1 7   ? -2.649  2.876   -2.224  1.00 26.21 ? 7   CYS A SG  1 
ATOM   57   N N   . GLY A 1 8   ? -3.566  4.103   -5.158  1.00 24.47 ? 8   GLY A N   1 
ATOM   58   C CA  . GLY A 1 8   ? -4.072  5.322   -5.766  1.00 26.18 ? 8   GLY A CA  1 
ATOM   59   C C   . GLY A 1 8   ? -4.758  5.148   -7.108  1.00 24.49 ? 8   GLY A C   1 
ATOM   60   O O   . GLY A 1 8   ? -4.701  6.038   -7.955  1.00 25.86 ? 8   GLY A O   1 
ATOM   61   N N   . ILE A 1 9   ? -5.393  3.999   -7.308  1.00 24.96 ? 9   ILE A N   1 
ATOM   62   C CA  . ILE A 1 9   ? -6.102  3.726   -8.545  1.00 23.71 ? 9   ILE A CA  1 
ATOM   63   C C   . ILE A 1 9   ? -7.396  4.531   -8.525  1.00 22.36 ? 9   ILE A C   1 
ATOM   64   O O   . ILE A 1 9   ? -8.144  4.489   -7.547  1.00 23.56 ? 9   ILE A O   1 
ATOM   65   C CB  . ILE A 1 9   ? -6.425  2.220   -8.673  1.00 24.79 ? 9   ILE A CB  1 
ATOM   66   C CG1 . ILE A 1 9   ? -5.142  1.414   -8.889  1.00 20.22 ? 9   ILE A CG1 1 
ATOM   67   C CG2 . ILE A 1 9   ? -7.453  1.987   -9.777  1.00 23.91 ? 9   ILE A CG2 1 
ATOM   68   C CD1 . ILE A 1 9   ? -4.358  1.819   -10.125 1.00 18.70 ? 9   ILE A CD1 1 
ATOM   69   N N   . THR A 1 10  ? -7.648  5.298   -9.581  1.00 24.89 ? 10  THR A N   1 
ATOM   70   C CA  . THR A 1 10  ? -8.865  6.091   -9.636  1.00 27.12 ? 10  THR A CA  1 
ATOM   71   C C   . THR A 1 10  ? -9.720  5.743   -10.840 1.00 29.20 ? 10  THR A C   1 
ATOM   72   O O   . THR A 1 10  ? -10.818 6.277   -10.994 1.00 31.22 ? 10  THR A O   1 
ATOM   73   C CB  . THR A 1 10  ? -8.583  7.613   -9.701  1.00 27.29 ? 10  THR A CB  1 
ATOM   74   O OG1 . THR A 1 10  ? -7.973  7.938   -10.959 1.00 28.41 ? 10  THR A OG1 1 
ATOM   75   C CG2 . THR A 1 10  ? -7.700  8.057   -8.541  1.00 14.98 ? 10  THR A CG2 1 
ATOM   76   N N   . ASN A 1 11  ? -9.238  4.859   -11.699 1.00 28.81 ? 11  ASN A N   1 
ATOM   77   C CA  . ASN A 1 11  ? -10.016 4.516   -12.880 1.00 29.39 ? 11  ASN A CA  1 
ATOM   78   C C   . ASN A 1 11  ? -9.835  3.071   -13.344 1.00 28.85 ? 11  ASN A C   1 
ATOM   79   O O   . ASN A 1 11  ? -8.783  2.475   -13.144 1.00 27.65 ? 11  ASN A O   1 
ATOM   80   C CB  . ASN A 1 11  ? -9.725  5.505   -14.009 1.00 25.29 ? 11  ASN A CB  1 
ATOM   81   C CG  . ASN A 1 11  ? -8.308  5.450   -14.465 1.00 27.65 ? 11  ASN A CG  1 
ATOM   82   O OD1 . ASN A 1 11  ? -7.912  4.516   -15.166 1.00 26.75 ? 11  ASN A OD1 1 
ATOM   83   N ND2 . ASN A 1 11  ? -7.511  6.431   -14.051 1.00 31.56 ? 11  ASN A ND2 1 
ATOM   84   N N   . LEU A 1 12  ? -10.885 2.521   -13.961 1.00 29.13 ? 12  LEU A N   1 
ATOM   85   C CA  . LEU A 1 12  ? -10.900 1.140   -14.432 1.00 26.56 ? 12  LEU A CA  1 
ATOM   86   C C   . LEU A 1 12  ? -9.742  0.728   -15.326 1.00 24.25 ? 12  LEU A C   1 
ATOM   87   O O   . LEU A 1 12  ? -9.117  -0.301  -15.056 1.00 26.77 ? 12  LEU A O   1 
ATOM   88   C CB  . LEU A 1 12  ? -12.248 0.804   -15.102 1.00 29.60 ? 12  LEU A CB  1 
ATOM   89   C CG  . LEU A 1 12  ? -12.521 -0.633  -15.572 1.00 26.88 ? 12  LEU A CG  1 
ATOM   90   C CD1 . LEU A 1 12  ? -12.611 -1.562  -14.376 1.00 20.86 ? 12  LEU A CD1 1 
ATOM   91   C CD2 . LEU A 1 12  ? -13.794 -0.679  -16.409 1.00 27.66 ? 12  LEU A CD2 1 
ATOM   92   N N   . GLU A 1 13  ? -9.418  1.519   -16.354 1.00 23.08 ? 13  GLU A N   1 
ATOM   93   C CA  . GLU A 1 13  ? -8.325  1.131   -17.250 1.00 24.31 ? 13  GLU A CA  1 
ATOM   94   C C   . GLU A 1 13  ? -6.967  0.992   -16.558 1.00 26.67 ? 13  GLU A C   1 
ATOM   95   O O   . GLU A 1 13  ? -6.197  0.093   -16.907 1.00 26.95 ? 13  GLU A O   1 
ATOM   96   C CB  . GLU A 1 13  ? -8.203  2.037   -18.488 1.00 24.30 ? 13  GLU A CB  1 
ATOM   97   C CG  . GLU A 1 13  ? -9.447  2.141   -19.403 1.00 33.62 ? 13  GLU A CG  1 
ATOM   98   C CD  . GLU A 1 13  ? -10.048 0.796   -19.899 1.00 37.83 ? 13  GLU A CD  1 
ATOM   99   O OE1 . GLU A 1 13  ? -9.335  -0.224  -20.063 1.00 30.13 ? 13  GLU A OE1 1 
ATOM   100  O OE2 . GLU A 1 13  ? -11.274 0.786   -20.145 1.00 46.28 ? 13  GLU A OE2 1 
ATOM   101  N N   . ASP A 1 14  ? -6.659  1.866   -15.591 1.00 27.64 ? 14  ASP A N   1 
ATOM   102  C CA  . ASP A 1 14  ? -5.377  1.771   -14.871 1.00 24.96 ? 14  ASP A CA  1 
ATOM   103  C C   . ASP A 1 14  ? -5.393  0.498   -14.040 1.00 21.53 ? 14  ASP A C   1 
ATOM   104  O O   . ASP A 1 14  ? -4.398  -0.201  -13.948 1.00 24.96 ? 14  ASP A O   1 
ATOM   105  C CB  . ASP A 1 14  ? -5.138  2.971   -13.940 1.00 23.43 ? 14  ASP A CB  1 
ATOM   106  C CG  . ASP A 1 14  ? -4.811  4.267   -14.692 1.00 28.61 ? 14  ASP A CG  1 
ATOM   107  O OD1 . ASP A 1 14  ? -4.478  4.222   -15.899 1.00 27.20 ? 14  ASP A OD1 1 
ATOM   108  O OD2 . ASP A 1 14  ? -4.881  5.342   -14.047 1.00 23.28 ? 14  ASP A OD2 1 
ATOM   109  N N   . ALA A 1 15  ? -6.534  0.193   -13.444 1.00 19.74 ? 15  ALA A N   1 
ATOM   110  C CA  . ALA A 1 15  ? -6.656  -1.002  -12.630 1.00 20.95 ? 15  ALA A CA  1 
ATOM   111  C C   . ALA A 1 15  ? -6.465  -2.279  -13.462 1.00 22.08 ? 15  ALA A C   1 
ATOM   112  O O   . ALA A 1 15  ? -5.675  -3.155  -13.101 1.00 22.38 ? 15  ALA A O   1 
ATOM   113  C CB  . ALA A 1 15  ? -8.012  -1.014  -11.933 1.00 21.08 ? 15  ALA A CB  1 
ATOM   114  N N   . LEU A 1 16  ? -7.165  -2.378  -14.589 1.00 23.49 ? 16  LEU A N   1 
ATOM   115  C CA  . LEU A 1 16  ? -7.049  -3.564  -15.439 1.00 23.54 ? 16  LEU A CA  1 
ATOM   116  C C   . LEU A 1 16  ? -5.645  -3.725  -16.015 1.00 21.59 ? 16  LEU A C   1 
ATOM   117  O O   . LEU A 1 16  ? -5.136  -4.836  -16.139 1.00 22.99 ? 16  LEU A O   1 
ATOM   118  C CB  . LEU A 1 16  ? -8.102  -3.548  -16.560 1.00 22.37 ? 16  LEU A CB  1 
ATOM   119  C CG  . LEU A 1 16  ? -9.552  -3.674  -16.113 1.00 25.47 ? 16  LEU A CG  1 
ATOM   120  C CD1 . LEU A 1 16  ? -10.450 -3.410  -17.311 1.00 24.57 ? 16  LEU A CD1 1 
ATOM   121  C CD2 . LEU A 1 16  ? -9.804  -5.044  -15.451 1.00 24.59 ? 16  LEU A CD2 1 
ATOM   122  N N   . PHE A 1 17  ? -5.017  -2.619  -16.391 1.00 23.55 ? 17  PHE A N   1 
ATOM   123  C CA  . PHE A 1 17  ? -3.673  -2.710  -16.931 1.00 23.26 ? 17  PHE A CA  1 
ATOM   124  C C   . PHE A 1 17  ? -2.749  -3.250  -15.835 1.00 25.77 ? 17  PHE A C   1 
ATOM   125  O O   . PHE A 1 17  ? -1.893  -4.094  -16.114 1.00 27.73 ? 17  PHE A O   1 
ATOM   126  C CB  . PHE A 1 17  ? -3.190  -1.350  -17.437 1.00 19.52 ? 17  PHE A CB  1 
ATOM   127  C CG  . PHE A 1 17  ? -1.817  -1.389  -18.008 1.00 21.89 ? 17  PHE A CG  1 
ATOM   128  C CD1 . PHE A 1 17  ? -1.619  -1.741  -19.341 1.00 21.93 ? 17  PHE A CD1 1 
ATOM   129  C CD2 . PHE A 1 17  ? -0.704  -1.161  -17.190 1.00 19.40 ? 17  PHE A CD2 1 
ATOM   130  C CE1 . PHE A 1 17  ? -0.336  -1.866  -19.849 1.00 22.64 ? 17  PHE A CE1 1 
ATOM   131  C CE2 . PHE A 1 17  ? 0.576   -1.286  -17.686 1.00 21.53 ? 17  PHE A CE2 1 
ATOM   132  C CZ  . PHE A 1 17  ? 0.770   -1.643  -19.018 1.00 23.92 ? 17  PHE A CZ  1 
ATOM   133  N N   . SER A 1 18  ? -2.943  -2.788  -14.591 1.00 26.66 ? 18  SER A N   1 
ATOM   134  C CA  . SER A 1 18  ? -2.143  -3.229  -13.443 1.00 25.16 ? 18  SER A CA  1 
ATOM   135  C C   . SER A 1 18  ? -2.251  -4.736  -13.259 1.00 25.63 ? 18  SER A C   1 
ATOM   136  O O   . SER A 1 18  ? -1.233  -5.421  -13.124 1.00 27.38 ? 18  SER A O   1 
ATOM   137  C CB  . SER A 1 18  ? -2.594  -2.526  -12.148 1.00 24.46 ? 18  SER A CB  1 
ATOM   138  O OG  . SER A 1 18  ? -2.304  -1.139  -12.190 1.00 27.27 ? 18  SER A OG  1 
ATOM   139  N N   . VAL A 1 19  ? -3.486  -5.244  -13.261 1.00 24.83 ? 19  VAL A N   1 
ATOM   140  C CA  . VAL A 1 19  ? -3.756  -6.678  -13.094 1.00 23.21 ? 19  VAL A CA  1 
ATOM   141  C C   . VAL A 1 19  ? -3.090  -7.498  -14.205 1.00 22.46 ? 19  VAL A C   1 
ATOM   142  O O   . VAL A 1 19  ? -2.346  -8.446  -13.926 1.00 21.81 ? 19  VAL A O   1 
ATOM   143  C CB  . VAL A 1 19  ? -5.281  -6.964  -13.070 1.00 20.73 ? 19  VAL A CB  1 
ATOM   144  C CG1 . VAL A 1 19  ? -5.552  -8.452  -13.090 1.00 27.51 ? 19  VAL A CG1 1 
ATOM   145  C CG2 . VAL A 1 19  ? -5.899  -6.343  -11.836 1.00 25.54 ? 19  VAL A CG2 1 
ATOM   146  N N   . GLU A 1 20  ? -3.298  -7.088  -15.460 1.00 25.83 ? 20  GLU A N   1 
ATOM   147  C CA  . GLU A 1 20  ? -2.722  -7.782  -16.614 1.00 25.73 ? 20  GLU A CA  1 
ATOM   148  C C   . GLU A 1 20  ? -1.192  -7.699  -16.667 1.00 28.32 ? 20  GLU A C   1 
ATOM   149  O O   . GLU A 1 20  ? -0.559  -8.573  -17.259 1.00 30.52 ? 20  GLU A O   1 
ATOM   150  C CB  . GLU A 1 20  ? -3.342  -7.285  -17.926 1.00 22.39 ? 20  GLU A CB  1 
ATOM   151  C CG  . GLU A 1 20  ? -4.868  -7.461  -18.043 1.00 28.62 ? 20  GLU A CG  1 
ATOM   152  C CD  . GLU A 1 20  ? -5.324  -8.921  -18.125 1.00 32.64 ? 20  GLU A CD  1 
ATOM   153  O OE1 . GLU A 1 20  ? -4.515  -9.793  -18.511 1.00 33.52 ? 20  GLU A OE1 1 
ATOM   154  O OE2 . GLU A 1 20  ? -6.501  -9.195  -17.797 1.00 40.42 ? 20  GLU A OE2 1 
ATOM   155  N N   . SER A 1 21  ? -0.589  -6.663  -16.075 1.00 29.25 ? 21  SER A N   1 
ATOM   156  C CA  . SER A 1 21  ? 0.878   -6.553  -16.047 1.00 27.68 ? 21  SER A CA  1 
ATOM   157  C C   . SER A 1 21  ? 1.479   -7.341  -14.901 1.00 26.75 ? 21  SER A C   1 
ATOM   158  O O   . SER A 1 21  ? 2.693   -7.480  -14.818 1.00 31.07 ? 21  SER A O   1 
ATOM   159  C CB  . SER A 1 21  ? 1.336   -5.110  -15.975 1.00 26.24 ? 21  SER A CB  1 
ATOM   160  O OG  . SER A 1 21  ? 0.911   -4.440  -17.139 1.00 36.14 ? 21  SER A OG  1 
ATOM   161  N N   . GLY A 1 22  ? 0.627   -7.861  -14.020 1.00 26.01 ? 22  GLY A N   1 
ATOM   162  C CA  . GLY A 1 22  ? 1.113   -8.664  -12.920 1.00 25.29 ? 22  GLY A CA  1 
ATOM   163  C C   . GLY A 1 22  ? 0.931   -8.154  -11.504 1.00 26.41 ? 22  GLY A C   1 
ATOM   164  O O   . GLY A 1 22  ? 1.453   -8.789  -10.607 1.00 27.69 ? 22  GLY A O   1 
ATOM   165  N N   . ALA A 1 23  ? 0.228   -7.046  -11.287 1.00 23.86 ? 23  ALA A N   1 
ATOM   166  C CA  . ALA A 1 23  ? 0.034   -6.530  -9.936  1.00 22.40 ? 23  ALA A CA  1 
ATOM   167  C C   . ALA A 1 23  ? -0.848  -7.487  -9.141  1.00 24.46 ? 23  ALA A C   1 
ATOM   168  O O   . ALA A 1 23  ? -1.806  -8.026  -9.673  1.00 27.29 ? 23  ALA A O   1 
ATOM   169  C CB  . ALA A 1 23  ? -0.595  -5.170  -9.990  1.00 22.56 ? 23  ALA A CB  1 
ATOM   170  N N   . ASP A 1 24  ? -0.543  -7.677  -7.861  1.00 23.36 ? 24  ASP A N   1 
ATOM   171  C CA  . ASP A 1 24  ? -1.287  -8.591  -7.003  1.00 20.37 ? 24  ASP A CA  1 
ATOM   172  C C   . ASP A 1 24  ? -2.369  -7.920  -6.187  1.00 20.75 ? 24  ASP A C   1 
ATOM   173  O O   . ASP A 1 24  ? -3.152  -8.595  -5.523  1.00 20.72 ? 24  ASP A O   1 
ATOM   174  C CB  . ASP A 1 24  ? -0.344  -9.308  -6.031  1.00 24.33 ? 24  ASP A CB  1 
ATOM   175  C CG  . ASP A 1 24  ? 0.845   -9.922  -6.727  1.00 25.65 ? 24  ASP A CG  1 
ATOM   176  O OD1 . ASP A 1 24  ? 0.741   -11.073 -7.187  1.00 28.95 ? 24  ASP A OD1 1 
ATOM   177  O OD2 . ASP A 1 24  ? 1.901   -9.270  -6.803  1.00 25.56 ? 24  ASP A OD2 1 
ATOM   178  N N   . ALA A 1 25  ? -2.367  -6.594  -6.162  1.00 23.08 ? 25  ALA A N   1 
ATOM   179  C CA  . ALA A 1 25  ? -3.349  -5.841  -5.389  1.00 22.57 ? 25  ALA A CA  1 
ATOM   180  C C   . ALA A 1 25  ? -3.488  -4.450  -5.952  1.00 22.59 ? 25  ALA A C   1 
ATOM   181  O O   . ALA A 1 25  ? -2.526  -3.947  -6.543  1.00 23.49 ? 25  ALA A O   1 
ATOM   182  C CB  . ALA A 1 25  ? -2.919  -5.766  -3.918  1.00 17.62 ? 25  ALA A CB  1 
ATOM   183  N N   . VAL A 1 26  ? -4.675  -3.860  -5.830  1.00 23.99 ? 26  VAL A N   1 
ATOM   184  C CA  . VAL A 1 26  ? -4.874  -2.475  -6.249  1.00 24.55 ? 26  VAL A CA  1 
ATOM   185  C C   . VAL A 1 26  ? -5.374  -1.772  -5.005  1.00 23.86 ? 26  VAL A C   1 
ATOM   186  O O   . VAL A 1 26  ? -6.073  -2.370  -4.160  1.00 24.69 ? 26  VAL A O   1 
ATOM   187  C CB  . VAL A 1 26  ? -5.927  -2.239  -7.374  1.00 23.79 ? 26  VAL A CB  1 
ATOM   188  C CG1 . VAL A 1 26  ? -5.409  -2.800  -8.703  1.00 25.92 ? 26  VAL A CG1 1 
ATOM   189  C CG2 . VAL A 1 26  ? -7.276  -2.794  -7.011  1.00 27.26 ? 26  VAL A CG2 1 
ATOM   190  N N   . GLY A 1 27  ? -5.000  -0.504  -4.854  1.00 20.21 ? 27  GLY A N   1 
ATOM   191  C CA  . GLY A 1 27  ? -5.426  0.263   -3.713  1.00 21.11 ? 27  GLY A CA  1 
ATOM   192  C C   . GLY A 1 27  ? -6.291  1.471   -4.075  1.00 21.12 ? 27  GLY A C   1 
ATOM   193  O O   . GLY A 1 27  ? -5.981  2.159   -5.038  1.00 24.47 ? 27  GLY A O   1 
ATOM   194  N N   . PHE A 1 28  ? -7.351  1.692   -3.305  1.00 23.39 ? 28  PHE A N   1 
ATOM   195  C CA  . PHE A 1 28  ? -8.296  2.815   -3.454  1.00 23.00 ? 28  PHE A CA  1 
ATOM   196  C C   . PHE A 1 28  ? -8.148  3.677   -2.199  1.00 24.13 ? 28  PHE A C   1 
ATOM   197  O O   . PHE A 1 28  ? -8.269  3.170   -1.088  1.00 25.54 ? 28  PHE A O   1 
ATOM   198  C CB  . PHE A 1 28  ? -9.749  2.326   -3.527  1.00 26.77 ? 28  PHE A CB  1 
ATOM   199  C CG  . PHE A 1 28  ? -10.014 1.346   -4.646  1.00 30.58 ? 28  PHE A CG  1 
ATOM   200  C CD1 . PHE A 1 28  ? -9.867  1.730   -5.977  1.00 28.79 ? 28  PHE A CD1 1 
ATOM   201  C CD2 . PHE A 1 28  ? -10.418 0.037   -4.361  1.00 31.26 ? 28  PHE A CD2 1 
ATOM   202  C CE1 . PHE A 1 28  ? -10.111 0.830   -7.002  1.00 31.43 ? 28  PHE A CE1 1 
ATOM   203  C CE2 . PHE A 1 28  ? -10.661 -0.862  -5.371  1.00 30.64 ? 28  PHE A CE2 1 
ATOM   204  C CZ  . PHE A 1 28  ? -10.508 -0.468  -6.695  1.00 31.48 ? 28  PHE A CZ  1 
ATOM   205  N N   . VAL A 1 29  ? -7.882  4.964   -2.381  1.00 23.28 ? 29  VAL A N   1 
ATOM   206  C CA  . VAL A 1 29  ? -7.696  5.887   -1.271  1.00 24.05 ? 29  VAL A CA  1 
ATOM   207  C C   . VAL A 1 29  ? -9.030  6.497   -0.882  1.00 26.72 ? 29  VAL A C   1 
ATOM   208  O O   . VAL A 1 29  ? -9.633  7.233   -1.660  1.00 29.74 ? 29  VAL A O   1 
ATOM   209  C CB  . VAL A 1 29  ? -6.730  7.000   -1.674  1.00 23.81 ? 29  VAL A CB  1 
ATOM   210  C CG1 . VAL A 1 29  ? -6.585  7.996   -0.532  1.00 29.95 ? 29  VAL A CG1 1 
ATOM   211  C CG2 . VAL A 1 29  ? -5.383  6.396   -2.044  1.00 19.25 ? 29  VAL A CG2 1 
ATOM   212  N N   . PHE A 1 30  ? -9.480  6.232   0.337   1.00 27.03 ? 30  PHE A N   1 
ATOM   213  C CA  . PHE A 1 30  ? -10.763 6.754   0.784   1.00 27.14 ? 30  PHE A CA  1 
ATOM   214  C C   . PHE A 1 30  ? -10.607 7.923   1.749   1.00 29.24 ? 30  PHE A C   1 
ATOM   215  O O   . PHE A 1 30  ? -11.503 8.249   2.524   1.00 31.30 ? 30  PHE A O   1 
ATOM   216  C CB  . PHE A 1 30  ? -11.625 5.626   1.374   1.00 28.82 ? 30  PHE A CB  1 
ATOM   217  C CG  . PHE A 1 30  ? -12.033 4.560   0.359   1.00 30.61 ? 30  PHE A CG  1 
ATOM   218  C CD1 . PHE A 1 30  ? -12.853 4.877   -0.728  1.00 28.29 ? 30  PHE A CD1 1 
ATOM   219  C CD2 . PHE A 1 30  ? -11.607 3.240   0.502   1.00 27.77 ? 30  PHE A CD2 1 
ATOM   220  C CE1 . PHE A 1 30  ? -13.239 3.903   -1.643  1.00 22.80 ? 30  PHE A CE1 1 
ATOM   221  C CE2 . PHE A 1 30  ? -11.991 2.261   -0.413  1.00 32.40 ? 30  PHE A CE2 1 
ATOM   222  C CZ  . PHE A 1 30  ? -12.806 2.596   -1.483  1.00 25.97 ? 30  PHE A CZ  1 
ATOM   223  N N   . TYR A 1 31  ? -9.458  8.575   1.664   1.00 31.68 ? 31  TYR A N   1 
ATOM   224  C CA  . TYR A 1 31  ? -9.159  9.732   2.487   1.00 31.38 ? 31  TYR A CA  1 
ATOM   225  C C   . TYR A 1 31  ? -9.568  10.944  1.634   1.00 29.86 ? 31  TYR A C   1 
ATOM   226  O O   . TYR A 1 31  ? -8.949  11.237  0.615   1.00 28.87 ? 31  TYR A O   1 
ATOM   227  C CB  . TYR A 1 31  ? -7.668  9.741   2.829   1.00 30.39 ? 31  TYR A CB  1 
ATOM   228  C CG  . TYR A 1 31  ? -7.265  10.877  3.714   1.00 35.11 ? 31  TYR A CG  1 
ATOM   229  C CD1 . TYR A 1 31  ? -8.121  11.337  4.713   1.00 36.91 ? 31  TYR A CD1 1 
ATOM   230  C CD2 . TYR A 1 31  ? -6.026  11.492  3.561   1.00 41.57 ? 31  TYR A CD2 1 
ATOM   231  C CE1 . TYR A 1 31  ? -7.759  12.391  5.530   1.00 51.41 ? 31  TYR A CE1 1 
ATOM   232  C CE2 . TYR A 1 31  ? -5.645  12.552  4.379   1.00 46.60 ? 31  TYR A CE2 1 
ATOM   233  C CZ  . TYR A 1 31  ? -6.513  12.992  5.366   1.00 51.98 ? 31  TYR A CZ  1 
ATOM   234  O OH  . TYR A 1 31  ? -6.145  14.024  6.194   1.00 57.62 ? 31  TYR A OH  1 
ATOM   235  N N   . PRO A 1 32  ? -10.635 11.648  2.041   1.00 32.43 ? 32  PRO A N   1 
ATOM   236  C CA  . PRO A 1 32  ? -11.195 12.825  1.364   1.00 33.68 ? 32  PRO A CA  1 
ATOM   237  C C   . PRO A 1 32  ? -10.206 13.920  0.965   1.00 35.71 ? 32  PRO A C   1 
ATOM   238  O O   . PRO A 1 32  ? -10.376 14.556  -0.067  1.00 36.39 ? 32  PRO A O   1 
ATOM   239  C CB  . PRO A 1 32  ? -12.219 13.333  2.376   1.00 34.24 ? 32  PRO A CB  1 
ATOM   240  C CG  . PRO A 1 32  ? -12.648 12.080  3.092   1.00 34.65 ? 32  PRO A CG  1 
ATOM   241  C CD  . PRO A 1 32  ? -11.343 11.387  3.310   1.00 33.67 ? 32  PRO A CD  1 
ATOM   242  N N   . LYS A 1 33  ? -9.187  14.153  1.784   1.00 37.48 ? 33  LYS A N   1 
ATOM   243  C CA  . LYS A 1 33  ? -8.200  15.189  1.473   1.00 40.15 ? 33  LYS A CA  1 
ATOM   244  C C   . LYS A 1 33  ? -7.097  14.759  0.515   1.00 40.81 ? 33  LYS A C   1 
ATOM   245  O O   . LYS A 1 33  ? -6.170  15.523  0.261   1.00 43.63 ? 33  LYS A O   1 
ATOM   246  C CB  . LYS A 1 33  ? -7.560  15.760  2.748   1.00 43.40 ? 33  LYS A CB  1 
ATOM   247  C CG  . LYS A 1 33  ? -8.421  16.766  3.506   1.00 48.32 ? 33  LYS A CG  1 
ATOM   248  C CD  . LYS A 1 33  ? -7.657  17.283  4.700   1.00 60.76 ? 33  LYS A CD  1 
ATOM   249  C CE  . LYS A 1 33  ? -8.577  17.673  5.841   1.00 69.45 ? 33  LYS A CE  1 
ATOM   250  N NZ  . LYS A 1 33  ? -7.814  17.729  7.129   1.00 76.29 ? 33  LYS A NZ  1 
ATOM   251  N N   . SER A 1 34  ? -7.157  13.532  0.011   1.00 38.61 ? 34  SER A N   1 
ATOM   252  C CA  . SER A 1 34  ? -6.139  13.078  -0.920  1.00 35.44 ? 34  SER A CA  1 
ATOM   253  C C   . SER A 1 34  ? -6.507  13.468  -2.350  1.00 37.27 ? 34  SER A C   1 
ATOM   254  O O   . SER A 1 34  ? -7.684  13.450  -2.732  1.00 36.00 ? 34  SER A O   1 
ATOM   255  C CB  . SER A 1 34  ? -5.981  11.564  -0.844  1.00 36.21 ? 34  SER A CB  1 
ATOM   256  O OG  . SER A 1 34  ? -5.031  11.116  -1.796  1.00 37.85 ? 34  SER A OG  1 
ATOM   257  N N   . LYS A 1 35  ? -5.493  13.807  -3.144  1.00 37.09 ? 35  LYS A N   1 
ATOM   258  C CA  . LYS A 1 35  ? -5.720  14.149  -4.546  1.00 38.77 ? 35  LYS A CA  1 
ATOM   259  C C   . LYS A 1 35  ? -6.066  12.867  -5.322  1.00 40.01 ? 35  LYS A C   1 
ATOM   260  O O   . LYS A 1 35  ? -6.554  12.925  -6.451  1.00 43.48 ? 35  LYS A O   1 
ATOM   261  C CB  . LYS A 1 35  ? -4.486  14.825  -5.162  1.00 40.09 ? 35  LYS A CB  1 
ATOM   262  C CG  . LYS A 1 35  ? -4.119  16.157  -4.511  1.00 56.00 ? 35  LYS A CG  1 
ATOM   263  C CD  . LYS A 1 35  ? -3.310  17.050  -5.452  1.00 63.30 ? 35  LYS A CD  1 
ATOM   264  C CE  . LYS A 1 35  ? -1.936  17.379  -4.882  1.00 69.36 ? 35  LYS A CE  1 
ATOM   265  N NZ  . LYS A 1 35  ? -1.044  16.183  -4.773  1.00 69.24 ? 35  LYS A NZ  1 
ATOM   266  N N   . ARG A 1 36  ? -5.751  11.717  -4.727  1.00 36.37 ? 36  ARG A N   1 
ATOM   267  C CA  . ARG A 1 36  ? -6.033  10.415  -5.332  1.00 32.82 ? 36  ARG A CA  1 
ATOM   268  C C   . ARG A 1 36  ? -7.314  9.804   -4.751  1.00 31.14 ? 36  ARG A C   1 
ATOM   269  O O   . ARG A 1 36  ? -7.521  8.593   -4.839  1.00 33.15 ? 36  ARG A O   1 
ATOM   270  C CB  . ARG A 1 36  ? -4.848  9.454   -5.134  1.00 27.20 ? 36  ARG A CB  1 
ATOM   271  C CG  . ARG A 1 36  ? -3.654  9.760   -5.998  1.00 33.73 ? 36  ARG A CG  1 
ATOM   272  C CD  . ARG A 1 36  ? -2.369  9.784   -5.193  1.00 44.48 ? 36  ARG A CD  1 
ATOM   273  N NE  . ARG A 1 36  ? -1.758  11.115  -5.201  1.00 59.95 ? 36  ARG A NE  1 
ATOM   274  C CZ  . ARG A 1 36  ? -0.546  11.389  -5.678  1.00 63.90 ? 36  ARG A CZ  1 
ATOM   275  N NH1 . ARG A 1 36  ? 0.211   10.427  -6.183  1.00 72.20 ? 36  ARG A NH1 1 
ATOM   276  N NH2 . ARG A 1 36  ? -0.104  12.643  -5.702  1.00 71.62 ? 36  ARG A NH2 1 
ATOM   277  N N   . TYR A 1 37  ? -8.159  10.632  -4.144  1.00 27.22 ? 37  TYR A N   1 
ATOM   278  C CA  . TYR A 1 37  ? -9.412  10.162  -3.554  1.00 28.36 ? 37  TYR A CA  1 
ATOM   279  C C   . TYR A 1 37  ? -10.435 9.609   -4.575  1.00 29.97 ? 37  TYR A C   1 
ATOM   280  O O   . TYR A 1 37  ? -10.626 10.178  -5.645  1.00 30.68 ? 37  TYR A O   1 
ATOM   281  C CB  . TYR A 1 37  ? -10.066 11.297  -2.754  1.00 25.78 ? 37  TYR A CB  1 
ATOM   282  C CG  . TYR A 1 37  ? -11.447 10.972  -2.239  1.00 23.41 ? 37  TYR A CG  1 
ATOM   283  C CD1 . TYR A 1 37  ? -11.615 10.187  -1.113  1.00 24.22 ? 37  TYR A CD1 1 
ATOM   284  C CD2 . TYR A 1 37  ? -12.591 11.376  -2.937  1.00 29.59 ? 37  TYR A CD2 1 
ATOM   285  C CE1 . TYR A 1 37  ? -12.866 9.803   -0.685  1.00 26.24 ? 37  TYR A CE1 1 
ATOM   286  C CE2 . TYR A 1 37  ? -13.864 10.991  -2.514  1.00 24.16 ? 37  TYR A CE2 1 
ATOM   287  C CZ  . TYR A 1 37  ? -13.982 10.196  -1.389  1.00 31.13 ? 37  TYR A CZ  1 
ATOM   288  O OH  . TYR A 1 37  ? -15.204 9.744   -0.957  1.00 36.89 ? 37  TYR A OH  1 
ATOM   289  N N   . ILE A 1 38  ? -11.114 8.523   -4.215  1.00 30.22 ? 38  ILE A N   1 
ATOM   290  C CA  . ILE A 1 38  ? -12.150 7.927   -5.068  1.00 29.15 ? 38  ILE A CA  1 
ATOM   291  C C   . ILE A 1 38  ? -13.340 7.560   -4.167  1.00 29.59 ? 38  ILE A C   1 
ATOM   292  O O   . ILE A 1 38  ? -13.154 6.959   -3.109  1.00 30.45 ? 38  ILE A O   1 
ATOM   293  C CB  . ILE A 1 38  ? -11.636 6.682   -5.842  1.00 25.20 ? 38  ILE A CB  1 
ATOM   294  C CG1 . ILE A 1 38  ? -12.755 6.130   -6.727  1.00 23.83 ? 38  ILE A CG1 1 
ATOM   295  C CG2 . ILE A 1 38  ? -11.111 5.612   -4.868  1.00 24.35 ? 38  ILE A CG2 1 
ATOM   296  C CD1 . ILE A 1 38  ? -12.296 5.052   -7.628  1.00 24.56 ? 38  ILE A CD1 1 
ATOM   297  N N   . SER A 1 39  ? -14.551 7.968   -4.544  1.00 28.38 ? 39  SER A N   1 
ATOM   298  C CA  . SER A 1 39  ? -15.725 7.676   -3.731  1.00 28.85 ? 39  SER A CA  1 
ATOM   299  C C   . SER A 1 39  ? -15.982 6.177   -3.663  1.00 28.73 ? 39  SER A C   1 
ATOM   300  O O   . SER A 1 39  ? -15.610 5.437   -4.574  1.00 29.60 ? 39  SER A O   1 
ATOM   301  C CB  . SER A 1 39  ? -16.939 8.382   -4.314  1.00 26.73 ? 39  SER A CB  1 
ATOM   302  O OG  . SER A 1 39  ? -17.148 7.952   -5.644  1.00 35.91 ? 39  SER A OG  1 
ATOM   303  N N   . PRO A 1 40  ? -16.607 5.706   -2.575  1.00 27.48 ? 40  PRO A N   1 
ATOM   304  C CA  . PRO A 1 40  ? -16.901 4.284   -2.428  1.00 28.13 ? 40  PRO A CA  1 
ATOM   305  C C   . PRO A 1 40  ? -17.729 3.792   -3.603  1.00 30.88 ? 40  PRO A C   1 
ATOM   306  O O   . PRO A 1 40  ? -17.597 2.648   -4.009  1.00 32.62 ? 40  PRO A O   1 
ATOM   307  C CB  . PRO A 1 40  ? -17.697 4.241   -1.134  1.00 26.36 ? 40  PRO A CB  1 
ATOM   308  C CG  . PRO A 1 40  ? -17.067 5.310   -0.350  1.00 29.96 ? 40  PRO A CG  1 
ATOM   309  C CD  . PRO A 1 40  ? -16.954 6.432   -1.349  1.00 24.18 ? 40  PRO A CD  1 
ATOM   310  N N   . GLU A 1 41  ? -18.571 4.663   -4.154  1.00 32.70 ? 41  GLU A N   1 
ATOM   311  C CA  . GLU A 1 41  ? -19.411 4.290   -5.293  1.00 34.90 ? 41  GLU A CA  1 
ATOM   312  C C   . GLU A 1 41  ? -18.592 4.083   -6.559  1.00 33.46 ? 41  GLU A C   1 
ATOM   313  O O   . GLU A 1 41  ? -18.775 3.091   -7.263  1.00 31.68 ? 41  GLU A O   1 
ATOM   314  C CB  . GLU A 1 41  ? -20.556 5.294   -5.529  1.00 44.40 ? 41  GLU A CB  1 
ATOM   315  C CG  . GLU A 1 41  ? -20.328 6.739   -5.022  1.00 64.90 ? 41  GLU A CG  1 
ATOM   316  C CD  . GLU A 1 41  ? -20.401 6.896   -3.483  1.00 69.80 ? 41  GLU A CD  1 
ATOM   317  O OE1 . GLU A 1 41  ? -20.918 5.989   -2.781  1.00 73.57 ? 41  GLU A OE1 1 
ATOM   318  O OE2 . GLU A 1 41  ? -19.929 7.940   -2.977  1.00 75.39 ? 41  GLU A OE2 1 
ATOM   319  N N   . ASP A 1 42  ? -17.656 4.987   -6.821  1.00 31.82 ? 42  ASP A N   1 
ATOM   320  C CA  . ASP A 1 42  ? -16.799 4.857   -7.991  1.00 32.14 ? 42  ASP A CA  1 
ATOM   321  C C   . ASP A 1 42  ? -15.876 3.655   -7.842  1.00 32.60 ? 42  ASP A C   1 
ATOM   322  O O   . ASP A 1 42  ? -15.540 2.991   -8.822  1.00 33.02 ? 42  ASP A O   1 
ATOM   323  C CB  . ASP A 1 42  ? -15.939 6.096   -8.172  1.00 32.28 ? 42  ASP A CB  1 
ATOM   324  C CG  . ASP A 1 42  ? -16.674 7.222   -8.841  1.00 41.57 ? 42  ASP A CG  1 
ATOM   325  O OD1 . ASP A 1 42  ? -17.653 6.964   -9.566  1.00 46.64 ? 42  ASP A OD1 1 
ATOM   326  O OD2 . ASP A 1 42  ? -16.248 8.376   -8.665  1.00 44.08 ? 42  ASP A OD2 1 
ATOM   327  N N   . ALA A 1 43  ? -15.434 3.407   -6.613  1.00 31.52 ? 43  ALA A N   1 
ATOM   328  C CA  . ALA A 1 43  ? -14.545 2.285   -6.332  1.00 29.41 ? 43  ALA A CA  1 
ATOM   329  C C   . ALA A 1 43  ? -15.284 0.960   -6.490  1.00 27.71 ? 43  ALA A C   1 
ATOM   330  O O   . ALA A 1 43  ? -14.731 0.004   -7.027  1.00 26.25 ? 43  ALA A O   1 
ATOM   331  C CB  . ALA A 1 43  ? -13.956 2.400   -4.935  1.00 24.30 ? 43  ALA A CB  1 
ATOM   332  N N   . ARG A 1 44  ? -16.525 0.896   -6.014  1.00 29.00 ? 44  ARG A N   1 
ATOM   333  C CA  . ARG A 1 44  ? -17.315 -0.323  -6.140  1.00 28.52 ? 44  ARG A CA  1 
ATOM   334  C C   . ARG A 1 44  ? -17.419 -0.788  -7.606  1.00 27.89 ? 44  ARG A C   1 
ATOM   335  O O   . ARG A 1 44  ? -17.275 -1.968  -7.885  1.00 29.46 ? 44  ARG A O   1 
ATOM   336  C CB  . ARG A 1 44  ? -18.707 -0.144  -5.520  1.00 29.55 ? 44  ARG A CB  1 
ATOM   337  C CG  . ARG A 1 44  ? -19.492 -1.448  -5.504  1.00 38.13 ? 44  ARG A CG  1 
ATOM   338  C CD  . ARG A 1 44  ? -20.907 -1.330  -4.951  1.00 40.12 ? 44  ARG A CD  1 
ATOM   339  N NE  . ARG A 1 44  ? -21.392 -2.654  -4.555  1.00 45.59 ? 44  ARG A NE  1 
ATOM   340  C CZ  . ARG A 1 44  ? -21.973 -3.528  -5.379  1.00 47.37 ? 44  ARG A CZ  1 
ATOM   341  N NH1 . ARG A 1 44  ? -22.168 -3.225  -6.658  1.00 46.00 ? 44  ARG A NH1 1 
ATOM   342  N NH2 . ARG A 1 44  ? -22.296 -4.739  -4.939  1.00 44.35 ? 44  ARG A NH2 1 
ATOM   343  N N   . ARG A 1 45  ? -17.627 0.156   -8.527  1.00 29.45 ? 45  ARG A N   1 
ATOM   344  C CA  . ARG A 1 45  ? -17.738 -0.121  -9.978  1.00 30.38 ? 45  ARG A CA  1 
ATOM   345  C C   . ARG A 1 45  ? -16.517 -0.847  -10.501 1.00 30.15 ? 45  ARG A C   1 
ATOM   346  O O   . ARG A 1 45  ? -16.613 -1.768  -11.317 1.00 32.31 ? 45  ARG A O   1 
ATOM   347  C CB  . ARG A 1 45  ? -17.816 1.172   -10.794 1.00 33.31 ? 45  ARG A CB  1 
ATOM   348  C CG  . ARG A 1 45  ? -19.108 1.876   -10.716 1.00 41.06 ? 45  ARG A CG  1 
ATOM   349  C CD  . ARG A 1 45  ? -19.233 3.078   -11.679 1.00 51.12 ? 45  ARG A CD  1 
ATOM   350  N NE  . ARG A 1 45  ? -20.618 3.535   -11.662 1.00 62.35 ? 45  ARG A NE  1 
ATOM   351  C CZ  . ARG A 1 45  ? -21.062 4.601   -10.968 1.00 65.59 ? 45  ARG A CZ  1 
ATOM   352  N NH1 . ARG A 1 45  ? -20.211 5.341   -10.197 1.00 68.07 ? 45  ARG A NH1 1 
ATOM   353  N NH2 . ARG A 1 45  ? -22.362 4.941   -10.997 1.00 67.23 ? 45  ARG A NH2 1 
ATOM   354  N N   . ILE A 1 46  ? -15.360 -0.372  -10.059 1.00 29.41 ? 46  ILE A N   1 
ATOM   355  C CA  . ILE A 1 46  ? -14.086 -0.933  -10.455 1.00 26.01 ? 46  ILE A CA  1 
ATOM   356  C C   . ILE A 1 46  ? -13.837 -2.289  -9.813  1.00 25.61 ? 46  ILE A C   1 
ATOM   357  O O   . ILE A 1 46  ? -13.452 -3.235  -10.497 1.00 28.66 ? 46  ILE A O   1 
ATOM   358  C CB  . ILE A 1 46  ? -12.962 0.016   -10.086 1.00 25.43 ? 46  ILE A CB  1 
ATOM   359  C CG1 . ILE A 1 46  ? -13.127 1.353   -10.829 1.00 23.63 ? 46  ILE A CG1 1 
ATOM   360  C CG2 . ILE A 1 46  ? -11.648 -0.636  -10.386 1.00 23.45 ? 46  ILE A CG2 1 
ATOM   361  C CD1 . ILE A 1 46  ? -12.084 2.426   -10.470 1.00 28.38 ? 46  ILE A CD1 1 
ATOM   362  N N   . SER A 1 47  ? -14.092 -2.392  -8.513  1.00 23.77 ? 47  SER A N   1 
ATOM   363  C CA  . SER A 1 47  ? -13.865 -3.637  -7.778  1.00 24.62 ? 47  SER A CA  1 
ATOM   364  C C   . SER A 1 47  ? -14.642 -4.822  -8.376  1.00 26.14 ? 47  SER A C   1 
ATOM   365  O O   . SER A 1 47  ? -14.128 -5.928  -8.554  1.00 25.16 ? 47  SER A O   1 
ATOM   366  C CB  . SER A 1 47  ? -14.281 -3.439  -6.318  1.00 22.18 ? 47  SER A CB  1 
ATOM   367  O OG  . SER A 1 47  ? -14.011 -4.590  -5.540  1.00 26.74 ? 47  SER A OG  1 
ATOM   368  N N   . VAL A 1 48  ? -15.909 -4.571  -8.647  1.00 27.70 ? 48  VAL A N   1 
ATOM   369  C CA  . VAL A 1 48  ? -16.817 -5.561  -9.188  1.00 29.28 ? 48  VAL A CA  1 
ATOM   370  C C   . VAL A 1 48  ? -16.388 -6.095  -10.574 1.00 28.22 ? 48  VAL A C   1 
ATOM   371  O O   . VAL A 1 48  ? -16.605 -7.252  -10.893 1.00 30.86 ? 48  VAL A O   1 
ATOM   372  C CB  . VAL A 1 48  ? -18.244 -4.951  -9.139  1.00 28.20 ? 48  VAL A CB  1 
ATOM   373  C CG1 . VAL A 1 48  ? -18.932 -5.020  -10.462 1.00 35.06 ? 48  VAL A CG1 1 
ATOM   374  C CG2 . VAL A 1 48  ? -19.034 -5.584  -8.007  1.00 27.77 ? 48  VAL A CG2 1 
ATOM   375  N N   . GLU A 1 49  ? -15.680 -5.270  -11.331 1.00 26.75 ? 49  GLU A N   1 
ATOM   376  C CA  . GLU A 1 49  ? -15.196 -5.577  -12.674 1.00 25.92 ? 49  GLU A CA  1 
ATOM   377  C C   . GLU A 1 49  ? -13.868 -6.369  -12.713 1.00 28.73 ? 49  GLU A C   1 
ATOM   378  O O   . GLU A 1 49  ? -13.528 -7.020  -13.719 1.00 29.01 ? 49  GLU A O   1 
ATOM   379  C CB  . GLU A 1 49  ? -14.988 -4.239  -13.379 1.00 27.45 ? 49  GLU A CB  1 
ATOM   380  C CG  . GLU A 1 49  ? -15.136 -4.254  -14.854 1.00 44.29 ? 49  GLU A CG  1 
ATOM   381  C CD  . GLU A 1 49  ? -16.533 -4.628  -15.278 1.00 53.84 ? 49  GLU A CD  1 
ATOM   382  O OE1 . GLU A 1 49  ? -17.503 -4.313  -14.550 1.00 50.71 ? 49  GLU A OE1 1 
ATOM   383  O OE2 . GLU A 1 49  ? -16.653 -5.249  -16.352 1.00 62.10 ? 49  GLU A OE2 1 
ATOM   384  N N   . LEU A 1 50  ? -13.088 -6.251  -11.641 1.00 28.46 ? 50  LEU A N   1 
ATOM   385  C CA  . LEU A 1 50  ? -11.781 -6.899  -11.528 1.00 25.86 ? 50  LEU A CA  1 
ATOM   386  C C   . LEU A 1 50  ? -11.892 -8.404  -11.346 1.00 23.38 ? 50  LEU A C   1 
ATOM   387  O O   . LEU A 1 50  ? -12.862 -8.890  -10.790 1.00 25.64 ? 50  LEU A O   1 
ATOM   388  C CB  . LEU A 1 50  ? -11.008 -6.299  -10.346 1.00 26.41 ? 50  LEU A CB  1 
ATOM   389  C CG  . LEU A 1 50  ? -10.628 -4.817  -10.423 1.00 26.70 ? 50  LEU A CG  1 
ATOM   390  C CD1 . LEU A 1 50  ? -9.933  -4.379  -9.130  1.00 27.08 ? 50  LEU A CD1 1 
ATOM   391  C CD2 . LEU A 1 50  ? -9.726  -4.588  -11.620 1.00 27.04 ? 50  LEU A CD2 1 
ATOM   392  N N   . PRO A 1 51  ? -10.879 -9.159  -11.794 1.00 21.85 ? 51  PRO A N   1 
ATOM   393  C CA  . PRO A 1 51  ? -10.910 -10.614 -11.651 1.00 24.75 ? 51  PRO A CA  1 
ATOM   394  C C   . PRO A 1 51  ? -10.624 -11.080 -10.232 1.00 29.15 ? 51  PRO A C   1 
ATOM   395  O O   . PRO A 1 51  ? -10.254 -10.286 -9.357  1.00 30.90 ? 51  PRO A O   1 
ATOM   396  C CB  . PRO A 1 51  ? -9.754  -11.043 -12.542 1.00 22.47 ? 51  PRO A CB  1 
ATOM   397  C CG  . PRO A 1 51  ? -8.779  -9.927  -12.351 1.00 18.58 ? 51  PRO A CG  1 
ATOM   398  C CD  . PRO A 1 51  ? -9.664  -8.731  -12.496 1.00 18.29 ? 51  PRO A CD  1 
ATOM   399  N N   . PRO A 1 52  ? -10.880 -12.365 -9.954  1.00 27.21 ? 52  PRO A N   1 
ATOM   400  C CA  . PRO A 1 52  ? -10.591 -12.854 -8.613  1.00 21.98 ? 52  PRO A CA  1 
ATOM   401  C C   . PRO A 1 52  ? -9.061  -12.955 -8.537  1.00 20.63 ? 52  PRO A C   1 
ATOM   402  O O   . PRO A 1 52  ? -8.370  -12.746 -9.537  1.00 20.61 ? 52  PRO A O   1 
ATOM   403  C CB  . PRO A 1 52  ? -11.233 -14.238 -8.617  1.00 20.39 ? 52  PRO A CB  1 
ATOM   404  C CG  . PRO A 1 52  ? -11.224 -14.607 -10.060 1.00 16.95 ? 52  PRO A CG  1 
ATOM   405  C CD  . PRO A 1 52  ? -11.666 -13.352 -10.704 1.00 20.78 ? 52  PRO A CD  1 
ATOM   406  N N   . PHE A 1 53  ? -8.543  -13.275 -7.353  1.00 21.91 ? 53  PHE A N   1 
ATOM   407  C CA  . PHE A 1 53  ? -7.102  -13.420 -7.104  1.00 22.93 ? 53  PHE A CA  1 
ATOM   408  C C   . PHE A 1 53  ? -6.286  -12.143 -7.165  1.00 23.28 ? 53  PHE A C   1 
ATOM   409  O O   . PHE A 1 53  ? -5.093  -12.186 -7.415  1.00 26.07 ? 53  PHE A O   1 
ATOM   410  C CB  . PHE A 1 53  ? -6.482  -14.459 -8.024  1.00 24.10 ? 53  PHE A CB  1 
ATOM   411  C CG  . PHE A 1 53  ? -7.268  -15.701 -8.108  1.00 28.80 ? 53  PHE A CG  1 
ATOM   412  C CD1 . PHE A 1 53  ? -7.982  -16.147 -6.999  1.00 25.73 ? 53  PHE A CD1 1 
ATOM   413  C CD2 . PHE A 1 53  ? -7.373  -16.390 -9.306  1.00 23.86 ? 53  PHE A CD2 1 
ATOM   414  C CE1 . PHE A 1 53  ? -8.783  -17.275 -7.070  1.00 28.64 ? 53  PHE A CE1 1 
ATOM   415  C CE2 . PHE A 1 53  ? -8.165  -17.517 -9.387  1.00 26.34 ? 53  PHE A CE2 1 
ATOM   416  C CZ  . PHE A 1 53  ? -8.881  -17.957 -8.269  1.00 24.31 ? 53  PHE A CZ  1 
ATOM   417  N N   . VAL A 1 54  ? -6.961  -11.014 -6.993  1.00 23.78 ? 54  VAL A N   1 
ATOM   418  C CA  . VAL A 1 54  ? -6.348  -9.701  -6.982  1.00 22.47 ? 54  VAL A CA  1 
ATOM   419  C C   . VAL A 1 54  ? -6.993  -8.957  -5.811  1.00 22.15 ? 54  VAL A C   1 
ATOM   420  O O   . VAL A 1 54  ? -8.211  -8.795  -5.766  1.00 22.05 ? 54  VAL A O   1 
ATOM   421  C CB  . VAL A 1 54  ? -6.588  -8.953  -8.301  1.00 23.73 ? 54  VAL A CB  1 
ATOM   422  C CG1 . VAL A 1 54  ? -6.020  -7.560  -8.224  1.00 26.83 ? 54  VAL A CG1 1 
ATOM   423  C CG2 . VAL A 1 54  ? -5.924  -9.705  -9.448  1.00 28.07 ? 54  VAL A CG2 1 
ATOM   424  N N   . PHE A 1 55  ? -6.174  -8.575  -4.831  1.00 21.90 ? 55  PHE A N   1 
ATOM   425  C CA  . PHE A 1 55  ? -6.661  -7.873  -3.651  1.00 20.64 ? 55  PHE A CA  1 
ATOM   426  C C   . PHE A 1 55  ? -7.116  -6.438  -3.913  1.00 19.72 ? 55  PHE A C   1 
ATOM   427  O O   . PHE A 1 55  ? -6.503  -5.716  -4.699  1.00 21.95 ? 55  PHE A O   1 
ATOM   428  C CB  . PHE A 1 55  ? -5.576  -7.874  -2.563  1.00 19.78 ? 55  PHE A CB  1 
ATOM   429  C CG  . PHE A 1 55  ? -5.852  -8.814  -1.440  1.00 19.21 ? 55  PHE A CG  1 
ATOM   430  C CD1 . PHE A 1 55  ? -6.090  -10.161 -1.680  1.00 24.89 ? 55  PHE A CD1 1 
ATOM   431  C CD2 . PHE A 1 55  ? -5.885  -8.357  -0.137  1.00 17.96 ? 55  PHE A CD2 1 
ATOM   432  C CE1 . PHE A 1 55  ? -6.359  -11.030 -0.637  1.00 20.88 ? 55  PHE A CE1 1 
ATOM   433  C CE2 . PHE A 1 55  ? -6.153  -9.224  0.921   1.00 20.77 ? 55  PHE A CE2 1 
ATOM   434  C CZ  . PHE A 1 55  ? -6.389  -10.557 0.670   1.00 24.76 ? 55  PHE A CZ  1 
ATOM   435  N N   . ARG A 1 56  ? -8.235  -6.060  -3.303  1.00 20.02 ? 56  ARG A N   1 
ATOM   436  C CA  . ARG A 1 56  ? -8.743  -4.699  -3.395  1.00 23.65 ? 56  ARG A CA  1 
ATOM   437  C C   . ARG A 1 56  ? -8.489  -4.201  -1.986  1.00 22.54 ? 56  ARG A C   1 
ATOM   438  O O   . ARG A 1 56  ? -9.012  -4.769  -1.033  1.00 23.70 ? 56  ARG A O   1 
ATOM   439  C CB  . ARG A 1 56  ? -10.247 -4.664  -3.674  1.00 23.93 ? 56  ARG A CB  1 
ATOM   440  C CG  . ARG A 1 56  ? -10.658 -5.128  -5.063  1.00 24.52 ? 56  ARG A CG  1 
ATOM   441  C CD  . ARG A 1 56  ? -11.177 -6.544  -4.986  1.00 26.38 ? 56  ARG A CD  1 
ATOM   442  N NE  . ARG A 1 56  ? -12.038 -6.884  -6.106  1.00 25.16 ? 56  ARG A NE  1 
ATOM   443  C CZ  . ARG A 1 56  ? -11.787 -7.867  -6.969  1.00 26.23 ? 56  ARG A CZ  1 
ATOM   444  N NH1 . ARG A 1 56  ? -10.688 -8.605  -6.858  1.00 19.62 ? 56  ARG A NH1 1 
ATOM   445  N NH2 . ARG A 1 56  ? -12.670 -8.153  -7.917  1.00 23.45 ? 56  ARG A NH2 1 
ATOM   446  N N   . VAL A 1 57  ? -7.634  -3.202  -1.840  1.00 23.20 ? 57  VAL A N   1 
ATOM   447  C CA  . VAL A 1 57  ? -7.317  -2.688  -0.516  1.00 21.90 ? 57  VAL A CA  1 
ATOM   448  C C   . VAL A 1 57  ? -7.873  -1.281  -0.397  1.00 20.29 ? 57  VAL A C   1 
ATOM   449  O O   . VAL A 1 57  ? -7.857  -0.529  -1.362  1.00 22.82 ? 57  VAL A O   1 
ATOM   450  C CB  . VAL A 1 57  ? -5.786  -2.686  -0.286  1.00 22.59 ? 57  VAL A CB  1 
ATOM   451  C CG1 . VAL A 1 57  ? -5.445  -2.140  1.092   1.00 26.13 ? 57  VAL A CG1 1 
ATOM   452  C CG2 . VAL A 1 57  ? -5.227  -4.097  -0.428  1.00 18.94 ? 57  VAL A CG2 1 
ATOM   453  N N   . GLY A 1 58  ? -8.462  -0.956  0.747   1.00 22.52 ? 58  GLY A N   1 
ATOM   454  C CA  . GLY A 1 58  ? -8.990  0.389   0.947   1.00 21.99 ? 58  GLY A CA  1 
ATOM   455  C C   . GLY A 1 58  ? -8.086  1.165   1.906   1.00 22.75 ? 58  GLY A C   1 
ATOM   456  O O   . GLY A 1 58  ? -7.721  0.639   2.946   1.00 22.86 ? 58  GLY A O   1 
ATOM   457  N N   . VAL A 1 59  ? -7.689  2.384   1.547   1.00 23.08 ? 59  VAL A N   1 
ATOM   458  C CA  . VAL A 1 59  ? -6.823  3.196   2.404   1.00 24.95 ? 59  VAL A CA  1 
ATOM   459  C C   . VAL A 1 59  ? -7.616  4.221   3.203   1.00 24.58 ? 59  VAL A C   1 
ATOM   460  O O   . VAL A 1 59  ? -8.262  5.098   2.628   1.00 24.92 ? 59  VAL A O   1 
ATOM   461  C CB  . VAL A 1 59  ? -5.767  3.951   1.611   1.00 22.82 ? 59  VAL A CB  1 
ATOM   462  C CG1 . VAL A 1 59  ? -4.817  4.654   2.569   1.00 23.53 ? 59  VAL A CG1 1 
ATOM   463  C CG2 . VAL A 1 59  ? -5.002  2.991   0.737   1.00 23.29 ? 59  VAL A CG2 1 
ATOM   464  N N   . PHE A 1 60  ? -7.544  4.112   4.526   1.00 24.43 ? 60  PHE A N   1 
ATOM   465  C CA  . PHE A 1 60  ? -8.236  5.011   5.441   1.00 25.63 ? 60  PHE A CA  1 
ATOM   466  C C   . PHE A 1 60  ? -7.232  5.742   6.337   1.00 28.69 ? 60  PHE A C   1 
ATOM   467  O O   . PHE A 1 60  ? -6.197  5.184   6.697   1.00 28.50 ? 60  PHE A O   1 
ATOM   468  C CB  . PHE A 1 60  ? -9.205  4.210   6.310   1.00 24.30 ? 60  PHE A CB  1 
ATOM   469  C CG  . PHE A 1 60  ? -10.285 3.539   5.524   1.00 29.38 ? 60  PHE A CG  1 
ATOM   470  C CD1 . PHE A 1 60  ? -11.461 4.224   5.215   1.00 25.58 ? 60  PHE A CD1 1 
ATOM   471  C CD2 . PHE A 1 60  ? -10.110 2.241   5.046   1.00 27.15 ? 60  PHE A CD2 1 
ATOM   472  C CE1 . PHE A 1 60  ? -12.442 3.629   4.442   1.00 27.64 ? 60  PHE A CE1 1 
ATOM   473  C CE2 . PHE A 1 60  ? -11.099 1.629   4.261   1.00 28.17 ? 60  PHE A CE2 1 
ATOM   474  C CZ  . PHE A 1 60  ? -12.264 2.327   3.960   1.00 29.89 ? 60  PHE A CZ  1 
ATOM   475  N N   . VAL A 1 61  ? -7.542  6.987   6.691   1.00 29.64 ? 61  VAL A N   1 
ATOM   476  C CA  . VAL A 1 61  ? -6.675  7.801   7.549   1.00 29.01 ? 61  VAL A CA  1 
ATOM   477  C C   . VAL A 1 61  ? -7.532  8.327   8.698   1.00 29.63 ? 61  VAL A C   1 
ATOM   478  O O   . VAL A 1 61  ? -8.376  9.201   8.506   1.00 32.57 ? 61  VAL A O   1 
ATOM   479  C CB  . VAL A 1 61  ? -6.023  9.004   6.768   1.00 28.52 ? 61  VAL A CB  1 
ATOM   480  C CG1 . VAL A 1 61  ? -5.142  9.852   7.695   1.00 31.35 ? 61  VAL A CG1 1 
ATOM   481  C CG2 . VAL A 1 61  ? -5.189  8.505   5.598   1.00 25.57 ? 61  VAL A CG2 1 
ATOM   482  N N   . ASN A 1 62  ? -7.392  7.711   9.865   1.00 30.03 ? 62  ASN A N   1 
ATOM   483  C CA  . ASN A 1 62  ? -8.138  8.124   11.057  1.00 32.15 ? 62  ASN A CA  1 
ATOM   484  C C   . ASN A 1 62  ? -9.654  8.175   10.827  1.00 35.14 ? 62  ASN A C   1 
ATOM   485  O O   . ASN A 1 62  ? -10.331 9.101   11.283  1.00 35.48 ? 62  ASN A O   1 
ATOM   486  C CB  . ASN A 1 62  ? -7.639  9.495   11.552  1.00 31.38 ? 62  ASN A CB  1 
ATOM   487  C CG  . ASN A 1 62  ? -6.148  9.505   11.861  1.00 30.12 ? 62  ASN A CG  1 
ATOM   488  O OD1 . ASN A 1 62  ? -5.390  10.319  11.326  1.00 34.23 ? 62  ASN A OD1 1 
ATOM   489  N ND2 . ASN A 1 62  ? -5.713  8.571   12.696  1.00 28.88 ? 62  ASN A ND2 1 
ATOM   490  N N   . GLU A 1 63  ? -10.181 7.198   10.093  1.00 35.35 ? 63  GLU A N   1 
ATOM   491  C CA  . GLU A 1 63  ? -11.614 7.136   9.820   1.00 34.13 ? 63  GLU A CA  1 
ATOM   492  C C   . GLU A 1 63  ? -12.243 6.398   10.987  1.00 34.45 ? 63  GLU A C   1 
ATOM   493  O O   . GLU A 1 63  ? -11.598 5.551   11.603  1.00 34.72 ? 63  GLU A O   1 
ATOM   494  C CB  . GLU A 1 63  ? -11.869 6.373   8.515   1.00 33.87 ? 63  GLU A CB  1 
ATOM   495  C CG  . GLU A 1 63  ? -13.276 6.494   7.995   1.00 31.91 ? 63  GLU A CG  1 
ATOM   496  C CD  . GLU A 1 63  ? -13.680 7.935   7.775   1.00 35.70 ? 63  GLU A CD  1 
ATOM   497  O OE1 . GLU A 1 63  ? -13.167 8.569   6.827   1.00 44.42 ? 63  GLU A OE1 1 
ATOM   498  O OE2 . GLU A 1 63  ? -14.504 8.439   8.559   1.00 42.10 ? 63  GLU A OE2 1 
ATOM   499  N N   . GLU A 1 64  ? -13.482 6.732   11.323  1.00 36.07 ? 64  GLU A N   1 
ATOM   500  C CA  . GLU A 1 64  ? -14.112 6.035   12.433  1.00 40.91 ? 64  GLU A CA  1 
ATOM   501  C C   . GLU A 1 64  ? -14.450 4.608   11.978  1.00 42.71 ? 64  GLU A C   1 
ATOM   502  O O   . GLU A 1 64  ? -14.949 4.393   10.862  1.00 41.25 ? 64  GLU A O   1 
ATOM   503  C CB  . GLU A 1 64  ? -15.312 6.808   12.972  1.00 43.72 ? 64  GLU A CB  1 
ATOM   504  C CG  . GLU A 1 64  ? -16.378 7.121   11.967  1.00 53.70 ? 64  GLU A CG  1 
ATOM   505  C CD  . GLU A 1 64  ? -17.691 6.483   12.346  1.00 61.76 ? 64  GLU A CD  1 
ATOM   506  O OE1 . GLU A 1 64  ? -17.676 5.492   13.108  1.00 54.31 ? 64  GLU A OE1 1 
ATOM   507  O OE2 . GLU A 1 64  ? -18.739 6.976   11.887  1.00 66.30 ? 64  GLU A OE2 1 
ATOM   508  N N   . PRO A 1 65  ? -14.219 3.618   12.857  1.00 40.91 ? 65  PRO A N   1 
ATOM   509  C CA  . PRO A 1 65  ? -14.446 2.190   12.606  1.00 41.90 ? 65  PRO A CA  1 
ATOM   510  C C   . PRO A 1 65  ? -15.698 1.745   11.869  1.00 43.02 ? 65  PRO A C   1 
ATOM   511  O O   . PRO A 1 65  ? -15.604 0.933   10.947  1.00 41.91 ? 65  PRO A O   1 
ATOM   512  C CB  . PRO A 1 65  ? -14.322 1.566   13.997  1.00 38.15 ? 65  PRO A CB  1 
ATOM   513  C CG  . PRO A 1 65  ? -14.672 2.670   14.903  1.00 41.20 ? 65  PRO A CG  1 
ATOM   514  C CD  . PRO A 1 65  ? -14.013 3.863   14.288  1.00 39.40 ? 65  PRO A CD  1 
ATOM   515  N N   . GLU A 1 66  ? -16.857 2.289   12.231  1.00 44.33 ? 66  GLU A N   1 
ATOM   516  C CA  . GLU A 1 66  ? -18.091 1.874   11.578  1.00 44.36 ? 66  GLU A CA  1 
ATOM   517  C C   . GLU A 1 66  ? -18.103 2.239   10.100  1.00 40.75 ? 66  GLU A C   1 
ATOM   518  O O   . GLU A 1 66  ? -18.558 1.448   9.275   1.00 39.83 ? 66  GLU A O   1 
ATOM   519  C CB  . GLU A 1 66  ? -19.312 2.460   12.279  1.00 54.21 ? 66  GLU A CB  1 
ATOM   520  C CG  . GLU A 1 66  ? -20.616 1.905   11.725  1.00 77.36 ? 66  GLU A CG  1 
ATOM   521  C CD  . GLU A 1 66  ? -21.848 2.553   12.330  1.00 90.65 ? 66  GLU A CD  1 
ATOM   522  O OE1 . GLU A 1 66  ? -21.965 2.545   13.578  1.00 98.83 ? 66  GLU A OE1 1 
ATOM   523  O OE2 . GLU A 1 66  ? -22.701 3.057   11.557  1.00 94.19 ? 66  GLU A OE2 1 
ATOM   524  N N   . LYS A 1 67  ? -17.605 3.428   9.769   1.00 36.40 ? 67  LYS A N   1 
ATOM   525  C CA  . LYS A 1 67  ? -17.542 3.874   8.371   1.00 38.75 ? 67  LYS A CA  1 
ATOM   526  C C   . LYS A 1 67  ? -16.572 3.017   7.520   1.00 38.19 ? 67  LYS A C   1 
ATOM   527  O O   . LYS A 1 67  ? -16.811 2.787   6.329   1.00 38.49 ? 67  LYS A O   1 
ATOM   528  C CB  . LYS A 1 67  ? -17.136 5.351   8.282   1.00 38.75 ? 67  LYS A CB  1 
ATOM   529  C CG  . LYS A 1 67  ? -16.684 5.781   6.881   1.00 49.71 ? 67  LYS A CG  1 
ATOM   530  C CD  . LYS A 1 67  ? -17.798 6.400   6.057   1.00 57.24 ? 67  LYS A CD  1 
ATOM   531  C CE  . LYS A 1 67  ? -17.735 7.930   6.141   1.00 67.46 ? 67  LYS A CE  1 
ATOM   532  N NZ  . LYS A 1 67  ? -16.399 8.468   5.714   1.00 70.28 ? 67  LYS A NZ  1 
ATOM   533  N N   . ILE A 1 68  ? -15.463 2.597   8.127   1.00 37.53 ? 68  ILE A N   1 
ATOM   534  C CA  . ILE A 1 68  ? -14.473 1.757   7.460   1.00 35.27 ? 68  ILE A CA  1 
ATOM   535  C C   . ILE A 1 68  ? -15.140 0.428   7.073   1.00 34.24 ? 68  ILE A C   1 
ATOM   536  O O   . ILE A 1 68  ? -15.027 -0.030  5.944   1.00 32.03 ? 68  ILE A O   1 
ATOM   537  C CB  . ILE A 1 68  ? -13.266 1.469   8.410   1.00 34.34 ? 68  ILE A CB  1 
ATOM   538  C CG1 . ILE A 1 68  ? -12.446 2.741   8.640   1.00 29.63 ? 68  ILE A CG1 1 
ATOM   539  C CG2 . ILE A 1 68  ? -12.386 0.354   7.863   1.00 23.85 ? 68  ILE A CG2 1 
ATOM   540  C CD1 . ILE A 1 68  ? -11.450 2.620   9.787   1.00 23.29 ? 68  ILE A CD1 1 
ATOM   541  N N   . LEU A 1 69  ? -15.855 -0.171  8.014   1.00 33.82 ? 69  LEU A N   1 
ATOM   542  C CA  . LEU A 1 69  ? -16.520 -1.442  7.768   1.00 33.17 ? 69  LEU A CA  1 
ATOM   543  C C   . LEU A 1 69  ? -17.638 -1.354  6.734   1.00 34.47 ? 69  LEU A C   1 
ATOM   544  O O   . LEU A 1 69  ? -17.854 -2.295  5.963   1.00 33.76 ? 69  LEU A O   1 
ATOM   545  C CB  . LEU A 1 69  ? -17.022 -2.050  9.079   1.00 35.66 ? 69  LEU A CB  1 
ATOM   546  C CG  . LEU A 1 69  ? -15.929 -2.482  10.067  1.00 35.99 ? 69  LEU A CG  1 
ATOM   547  C CD1 . LEU A 1 69  ? -16.545 -2.953  11.385  1.00 31.48 ? 69  LEU A CD1 1 
ATOM   548  C CD2 . LEU A 1 69  ? -15.056 -3.579  9.456   1.00 27.52 ? 69  LEU A CD2 1 
ATOM   549  N N   . ASP A 1 70  ? -18.337 -0.226  6.694   1.00 33.05 ? 70  ASP A N   1 
ATOM   550  C CA  . ASP A 1 70  ? -19.401 -0.057  5.713   1.00 36.35 ? 70  ASP A CA  1 
ATOM   551  C C   . ASP A 1 70  ? -18.847 0.092   4.288   1.00 36.35 ? 70  ASP A C   1 
ATOM   552  O O   . ASP A 1 70  ? -19.380 -0.504  3.346   1.00 37.05 ? 70  ASP A O   1 
ATOM   553  C CB  . ASP A 1 70  ? -20.324 1.110   6.080   1.00 34.87 ? 70  ASP A CB  1 
ATOM   554  C CG  . ASP A 1 70  ? -21.284 0.761   7.213   1.00 50.11 ? 70  ASP A CG  1 
ATOM   555  O OD1 . ASP A 1 70  ? -21.450 -0.440  7.540   1.00 58.67 ? 70  ASP A OD1 1 
ATOM   556  O OD2 . ASP A 1 70  ? -21.877 1.693   7.784   1.00 56.19 ? 70  ASP A OD2 1 
ATOM   557  N N   . VAL A 1 71  ? -17.770 0.859   4.130   1.00 33.26 ? 71  VAL A N   1 
ATOM   558  C CA  . VAL A 1 71  ? -17.167 1.040   2.818   1.00 29.31 ? 71  VAL A CA  1 
ATOM   559  C C   . VAL A 1 71  ? -16.583 -0.286  2.350   1.00 29.76 ? 71  VAL A C   1 
ATOM   560  O O   . VAL A 1 71  ? -16.740 -0.637  1.187   1.00 30.88 ? 71  VAL A O   1 
ATOM   561  C CB  . VAL A 1 71  ? -16.086 2.137   2.836   1.00 26.39 ? 71  VAL A CB  1 
ATOM   562  C CG1 . VAL A 1 71  ? -15.289 2.155   1.525   1.00 24.01 ? 71  VAL A CG1 1 
ATOM   563  C CG2 . VAL A 1 71  ? -16.745 3.483   3.062   1.00 27.09 ? 71  VAL A CG2 1 
ATOM   564  N N   . ALA A 1 72  ? -15.989 -1.053  3.273   1.00 31.15 ? 72  ALA A N   1 
ATOM   565  C CA  . ALA A 1 72  ? -15.379 -2.348  2.951   1.00 29.64 ? 72  ALA A CA  1 
ATOM   566  C C   . ALA A 1 72  ? -16.373 -3.361  2.419   1.00 31.62 ? 72  ALA A C   1 
ATOM   567  O O   . ALA A 1 72  ? -16.082 -4.049  1.447   1.00 33.00 ? 72  ALA A O   1 
ATOM   568  C CB  . ALA A 1 72  ? -14.633 -2.925  4.142   1.00 22.22 ? 72  ALA A CB  1 
ATOM   569  N N   . SER A 1 73  ? -17.538 -3.471  3.052   1.00 33.92 ? 73  SER A N   1 
ATOM   570  C CA  . SER A 1 73  ? -18.538 -4.425  2.583   1.00 32.28 ? 73  SER A CA  1 
ATOM   571  C C   . SER A 1 73  ? -19.190 -3.922  1.301   1.00 29.83 ? 73  SER A C   1 
ATOM   572  O O   . SER A 1 73  ? -19.433 -4.704  0.388   1.00 32.87 ? 73  SER A O   1 
ATOM   573  C CB  . SER A 1 73  ? -19.587 -4.733  3.660   1.00 32.50 ? 73  SER A CB  1 
ATOM   574  O OG  . SER A 1 73  ? -20.318 -3.575  3.994   1.00 43.42 ? 73  SER A OG  1 
ATOM   575  N N   . TYR A 1 74  ? -19.380 -2.612  1.185   1.00 25.50 ? 74  TYR A N   1 
ATOM   576  C CA  . TYR A 1 74  ? -19.991 -2.027  -0.005  1.00 25.69 ? 74  TYR A CA  1 
ATOM   577  C C   . TYR A 1 74  ? -19.122 -2.173  -1.257  1.00 27.14 ? 74  TYR A C   1 
ATOM   578  O O   . TYR A 1 74  ? -19.584 -2.611  -2.306  1.00 26.81 ? 74  TYR A O   1 
ATOM   579  C CB  . TYR A 1 74  ? -20.311 -0.548  0.238   1.00 29.03 ? 74  TYR A CB  1 
ATOM   580  C CG  . TYR A 1 74  ? -20.941 0.155   -0.943  1.00 29.19 ? 74  TYR A CG  1 
ATOM   581  C CD1 . TYR A 1 74  ? -22.279 -0.052  -1.276  1.00 32.33 ? 74  TYR A CD1 1 
ATOM   582  C CD2 . TYR A 1 74  ? -20.204 1.033   -1.723  1.00 29.05 ? 74  TYR A CD2 1 
ATOM   583  C CE1 . TYR A 1 74  ? -22.860 0.608   -2.360  1.00 31.06 ? 74  TYR A CE1 1 
ATOM   584  C CE2 . TYR A 1 74  ? -20.771 1.694   -2.802  1.00 31.43 ? 74  TYR A CE2 1 
ATOM   585  C CZ  . TYR A 1 74  ? -22.093 1.478   -3.116  1.00 35.81 ? 74  TYR A CZ  1 
ATOM   586  O OH  . TYR A 1 74  ? -22.636 2.128   -4.200  1.00 46.10 ? 74  TYR A OH  1 
ATOM   587  N N   . VAL A 1 75  ? -17.862 -1.778  -1.140  1.00 25.89 ? 75  VAL A N   1 
ATOM   588  C CA  . VAL A 1 75  ? -16.901 -1.847  -2.240  1.00 24.37 ? 75  VAL A CA  1 
ATOM   589  C C   . VAL A 1 75  ? -16.329 -3.259  -2.404  1.00 26.27 ? 75  VAL A C   1 
ATOM   590  O O   . VAL A 1 75  ? -15.693 -3.556  -3.416  1.00 26.18 ? 75  VAL A O   1 
ATOM   591  C CB  . VAL A 1 75  ? -15.719 -0.846  -2.002  1.00 24.02 ? 75  VAL A CB  1 
ATOM   592  C CG1 . VAL A 1 75  ? -14.710 -0.915  -3.123  1.00 21.39 ? 75  VAL A CG1 1 
ATOM   593  C CG2 . VAL A 1 75  ? -16.248 0.589   -1.850  1.00 23.88 ? 75  VAL A CG2 1 
ATOM   594  N N   . GLN A 1 76  ? -16.586 -4.127  -1.422  1.00 25.32 ? 76  GLN A N   1 
ATOM   595  C CA  . GLN A 1 76  ? -16.084 -5.512  -1.410  1.00 28.75 ? 76  GLN A CA  1 
ATOM   596  C C   . GLN A 1 76  ? -14.553 -5.564  -1.390  1.00 28.37 ? 76  GLN A C   1 
ATOM   597  O O   . GLN A 1 76  ? -13.911 -6.163  -2.259  1.00 27.10 ? 76  GLN A O   1 
ATOM   598  C CB  . GLN A 1 76  ? -16.664 -6.332  -2.579  1.00 27.20 ? 76  GLN A CB  1 
ATOM   599  C CG  . GLN A 1 76  ? -18.150 -6.677  -2.395  1.00 29.84 ? 76  GLN A CG  1 
ATOM   600  C CD  . GLN A 1 76  ? -18.752 -7.485  -3.543  1.00 30.89 ? 76  GLN A CD  1 
ATOM   601  O OE1 . GLN A 1 76  ? -18.039 -8.041  -4.374  1.00 25.38 ? 76  GLN A OE1 1 
ATOM   602  N NE2 . GLN A 1 76  ? -20.071 -7.562  -3.578  1.00 25.81 ? 76  GLN A NE2 1 
ATOM   603  N N   . LEU A 1 77  ? -13.988 -4.888  -0.394  1.00 26.74 ? 77  LEU A N   1 
ATOM   604  C CA  . LEU A 1 77  ? -12.551 -4.812  -0.192  1.00 25.43 ? 77  LEU A CA  1 
ATOM   605  C C   . LEU A 1 77  ? -12.113 -6.122  0.408   1.00 22.51 ? 77  LEU A C   1 
ATOM   606  O O   . LEU A 1 77  ? -12.903 -6.802  1.044   1.00 24.56 ? 77  LEU A O   1 
ATOM   607  C CB  . LEU A 1 77  ? -12.206 -3.675  0.781   1.00 21.53 ? 77  LEU A CB  1 
ATOM   608  C CG  . LEU A 1 77  ? -12.415 -2.250  0.260   1.00 25.35 ? 77  LEU A CG  1 
ATOM   609  C CD1 . LEU A 1 77  ? -12.049 -1.252  1.346   1.00 28.85 ? 77  LEU A CD1 1 
ATOM   610  C CD2 . LEU A 1 77  ? -11.578 -2.019  -0.976  1.00 21.11 ? 77  LEU A CD2 1 
ATOM   611  N N   . ASN A 1 78  ? -10.850 -6.468  0.191   1.00 21.29 ? 78  ASN A N   1 
ATOM   612  C CA  . ASN A 1 78  ? -10.264 -7.696  0.731   1.00 22.69 ? 78  ASN A CA  1 
ATOM   613  C C   . ASN A 1 78  ? -9.389  -7.381  1.942   1.00 23.40 ? 78  ASN A C   1 
ATOM   614  O O   . ASN A 1 78  ? -9.107  -8.249  2.772   1.00 24.50 ? 78  ASN A O   1 
ATOM   615  C CB  . ASN A 1 78  ? -9.447  -8.428  -0.342  1.00 20.59 ? 78  ASN A CB  1 
ATOM   616  C CG  . ASN A 1 78  ? -10.282 -8.795  -1.547  1.00 24.72 ? 78  ASN A CG  1 
ATOM   617  O OD1 . ASN A 1 78  ? -11.357 -9.363  -1.407  1.00 25.91 ? 78  ASN A OD1 1 
ATOM   618  N ND2 . ASN A 1 78  ? -9.810  -8.450  -2.727  1.00 16.60 ? 78  ASN A ND2 1 
ATOM   619  N N   . ALA A 1 79  ? -8.992  -6.118  2.061   1.00 24.31 ? 79  ALA A N   1 
ATOM   620  C CA  . ALA A 1 79  ? -8.158  -5.683  3.167   1.00 23.20 ? 79  ALA A CA  1 
ATOM   621  C C   . ALA A 1 79  ? -8.315  -4.195  3.352   1.00 26.34 ? 79  ALA A C   1 
ATOM   622  O O   . ALA A 1 79  ? -8.707  -3.463  2.423   1.00 25.37 ? 79  ALA A O   1 
ATOM   623  C CB  . ALA A 1 79  ? -6.682  -6.020  2.910   1.00 16.95 ? 79  ALA A CB  1 
ATOM   624  N N   . VAL A 1 80  ? -8.023  -3.755  4.571   1.00 27.36 ? 80  VAL A N   1 
ATOM   625  C CA  . VAL A 1 80  ? -8.092  -2.353  4.944   1.00 27.16 ? 80  VAL A CA  1 
ATOM   626  C C   . VAL A 1 80  ? -6.658  -1.932  5.342   1.00 27.88 ? 80  VAL A C   1 
ATOM   627  O O   . VAL A 1 80  ? -5.948  -2.688  5.992   1.00 28.48 ? 80  VAL A O   1 
ATOM   628  C CB  . VAL A 1 80  ? -9.125  -2.193  6.095   1.00 26.88 ? 80  VAL A CB  1 
ATOM   629  C CG1 . VAL A 1 80  ? -8.826  -1.024  6.963   1.00 30.36 ? 80  VAL A CG1 1 
ATOM   630  C CG2 . VAL A 1 80  ? -10.491 -2.039  5.504   1.00 29.34 ? 80  VAL A CG2 1 
ATOM   631  N N   . GLN A 1 81  ? -6.190  -0.809  4.810   1.00 26.48 ? 81  GLN A N   1 
ATOM   632  C CA  . GLN A 1 81  ? -4.872  -0.278  5.132   1.00 23.63 ? 81  GLN A CA  1 
ATOM   633  C C   . GLN A 1 81  ? -5.113  0.950   5.992   1.00 23.79 ? 81  GLN A C   1 
ATOM   634  O O   . GLN A 1 81  ? -5.675  1.943   5.516   1.00 24.55 ? 81  GLN A O   1 
ATOM   635  C CB  . GLN A 1 81  ? -4.147  0.139   3.861   1.00 22.00 ? 81  GLN A CB  1 
ATOM   636  C CG  . GLN A 1 81  ? -2.813  0.775   4.110   1.00 22.44 ? 81  GLN A CG  1 
ATOM   637  C CD  . GLN A 1 81  ? -2.006  0.879   2.859   1.00 26.65 ? 81  GLN A CD  1 
ATOM   638  O OE1 . GLN A 1 81  ? -2.007  -0.015  2.046   1.00 30.46 ? 81  GLN A OE1 1 
ATOM   639  N NE2 . GLN A 1 81  ? -1.277  1.967   2.716   1.00 30.25 ? 81  GLN A NE2 1 
ATOM   640  N N   . LEU A 1 82  ? -4.769  0.859   7.273   1.00 24.10 ? 82  LEU A N   1 
ATOM   641  C CA  . LEU A 1 82  ? -4.962  1.982   8.202   1.00 23.81 ? 82  LEU A CA  1 
ATOM   642  C C   . LEU A 1 82  ? -3.696  2.817   8.179   1.00 24.12 ? 82  LEU A C   1 
ATOM   643  O O   . LEU A 1 82  ? -2.663  2.424   8.722   1.00 27.71 ? 82  LEU A O   1 
ATOM   644  C CB  . LEU A 1 82  ? -5.294  1.453   9.588   1.00 20.09 ? 82  LEU A CB  1 
ATOM   645  C CG  . LEU A 1 82  ? -6.589  0.637   9.566   1.00 20.54 ? 82  LEU A CG  1 
ATOM   646  C CD1 . LEU A 1 82  ? -6.840  -0.001  10.926  1.00 22.85 ? 82  LEU A CD1 1 
ATOM   647  C CD2 . LEU A 1 82  ? -7.760  1.530   9.150   1.00 21.09 ? 82  LEU A CD2 1 
ATOM   648  N N   . HIS A 1 83  ? -3.784  3.951   7.491   1.00 23.70 ? 83  HIS A N   1 
ATOM   649  C CA  . HIS A 1 83  ? -2.650  4.843   7.276   1.00 28.27 ? 83  HIS A CA  1 
ATOM   650  C C   . HIS A 1 83  ? -2.594  6.118   8.112   1.00 30.84 ? 83  HIS A C   1 
ATOM   651  O O   . HIS A 1 83  ? -1.959  7.088   7.692   1.00 32.09 ? 83  HIS A O   1 
ATOM   652  C CB  . HIS A 1 83  ? -2.613  5.231   5.786   1.00 23.69 ? 83  HIS A CB  1 
ATOM   653  C CG  . HIS A 1 83  ? -1.248  5.203   5.169   1.00 29.30 ? 83  HIS A CG  1 
ATOM   654  N ND1 . HIS A 1 83  ? -0.956  4.453   4.058   1.00 29.17 ? 83  HIS A ND1 1 
ATOM   655  C CD2 . HIS A 1 83  ? -0.109  5.882   5.475   1.00 31.59 ? 83  HIS A CD2 1 
ATOM   656  C CE1 . HIS A 1 83  ? 0.307   4.670   3.694   1.00 30.89 ? 83  HIS A CE1 1 
ATOM   657  N NE2 . HIS A 1 83  ? 0.827   5.532   4.541   1.00 28.17 ? 83  HIS A NE2 1 
ATOM   658  N N   . GLY A 1 84  ? -3.291  6.148   9.249   1.00 33.43 ? 84  GLY A N   1 
ATOM   659  C CA  . GLY A 1 84  ? -3.275  7.325   10.117  1.00 33.41 ? 84  GLY A CA  1 
ATOM   660  C C   . GLY A 1 84  ? -2.476  7.014   11.374  1.00 31.97 ? 84  GLY A C   1 
ATOM   661  O O   . GLY A 1 84  ? -1.393  6.446   11.293  1.00 32.66 ? 84  GLY A O   1 
ATOM   662  N N   . GLU A 1 85  ? -3.009  7.374   12.537  1.00 33.52 ? 85  GLU A N   1 
ATOM   663  C CA  . GLU A 1 85  ? -2.335  7.092   13.815  1.00 37.75 ? 85  GLU A CA  1 
ATOM   664  C C   . GLU A 1 85  ? -3.301  6.254   14.651  1.00 35.76 ? 85  GLU A C   1 
ATOM   665  O O   . GLU A 1 85  ? -3.439  6.466   15.861  1.00 38.38 ? 85  GLU A O   1 
ATOM   666  C CB  . GLU A 1 85  ? -1.981  8.387   14.578  1.00 40.63 ? 85  GLU A CB  1 
ATOM   667  C CG  . GLU A 1 85  ? -1.088  9.378   13.827  1.00 56.79 ? 85  GLU A CG  1 
ATOM   668  C CD  . GLU A 1 85  ? -1.866  10.577  13.280  1.00 72.89 ? 85  GLU A CD  1 
ATOM   669  O OE1 . GLU A 1 85  ? -2.279  11.438  14.095  1.00 75.40 ? 85  GLU A OE1 1 
ATOM   670  O OE2 . GLU A 1 85  ? -2.054  10.666  12.040  1.00 72.41 ? 85  GLU A OE2 1 
ATOM   671  N N   . GLU A 1 86  ? -3.982  5.326   13.981  1.00 30.14 ? 86  GLU A N   1 
ATOM   672  C CA  . GLU A 1 86  ? -4.967  4.441   14.603  1.00 29.02 ? 86  GLU A CA  1 
ATOM   673  C C   . GLU A 1 86  ? -4.330  3.598   15.703  1.00 29.49 ? 86  GLU A C   1 
ATOM   674  O O   . GLU A 1 86  ? -3.306  2.970   15.481  1.00 30.98 ? 86  GLU A O   1 
ATOM   675  C CB  . GLU A 1 86  ? -5.582  3.472   13.558  1.00 27.45 ? 86  GLU A CB  1 
ATOM   676  C CG  . GLU A 1 86  ? -6.343  4.095   12.394  1.00 21.39 ? 86  GLU A CG  1 
ATOM   677  C CD  . GLU A 1 86  ? -5.439  4.628   11.304  1.00 20.77 ? 86  GLU A CD  1 
ATOM   678  O OE1 . GLU A 1 86  ? -4.221  4.363   11.312  1.00 26.42 ? 86  GLU A OE1 1 
ATOM   679  O OE2 . GLU A 1 86  ? -5.950  5.315   10.406  1.00 29.42 ? 86  GLU A OE2 1 
ATOM   680  N N   . PRO A 1 87  ? -4.928  3.579   16.908  1.00 30.22 ? 87  PRO A N   1 
ATOM   681  C CA  . PRO A 1 87  ? -4.400  2.785   18.035  1.00 32.38 ? 87  PRO A CA  1 
ATOM   682  C C   . PRO A 1 87  ? -4.683  1.291   17.833  1.00 33.73 ? 87  PRO A C   1 
ATOM   683  O O   . PRO A 1 87  ? -5.665  0.956   17.174  1.00 35.27 ? 87  PRO A O   1 
ATOM   684  C CB  . PRO A 1 87  ? -5.165  3.358   19.231  1.00 31.79 ? 87  PRO A CB  1 
ATOM   685  C CG  . PRO A 1 87  ? -6.445  3.817   18.623  1.00 33.64 ? 87  PRO A CG  1 
ATOM   686  C CD  . PRO A 1 87  ? -6.003  4.473   17.346  1.00 29.15 ? 87  PRO A CD  1 
ATOM   687  N N   . ILE A 1 88  ? -3.872  0.400   18.427  1.00 33.61 ? 88  ILE A N   1 
ATOM   688  C CA  . ILE A 1 88  ? -4.070  -1.047  18.254  1.00 34.95 ? 88  ILE A CA  1 
ATOM   689  C C   . ILE A 1 88  ? -5.484  -1.517  18.554  1.00 37.12 ? 88  ILE A C   1 
ATOM   690  O O   . ILE A 1 88  ? -5.920  -2.530  17.997  1.00 35.61 ? 88  ILE A O   1 
ATOM   691  C CB  . ILE A 1 88  ? -3.091  -1.948  19.074  1.00 36.54 ? 88  ILE A CB  1 
ATOM   692  C CG1 . ILE A 1 88  ? -2.684  -1.275  20.376  1.00 44.65 ? 88  ILE A CG1 1 
ATOM   693  C CG2 . ILE A 1 88  ? -1.944  -2.437  18.223  1.00 33.65 ? 88  ILE A CG2 1 
ATOM   694  C CD1 . ILE A 1 88  ? -3.502  -1.734  21.570  1.00 50.24 ? 88  ILE A CD1 1 
ATOM   695  N N   . GLU A 1 89  ? -6.187  -0.806  19.442  1.00 35.89 ? 89  GLU A N   1 
ATOM   696  C CA  . GLU A 1 89  ? -7.568  -1.165  19.791  1.00 35.99 ? 89  GLU A CA  1 
ATOM   697  C C   . GLU A 1 89  ? -8.482  -1.041  18.568  1.00 33.76 ? 89  GLU A C   1 
ATOM   698  O O   . GLU A 1 89  ? -9.294  -1.926  18.306  1.00 34.94 ? 89  GLU A O   1 
ATOM   699  C CB  . GLU A 1 89  ? -8.121  -0.291  20.930  1.00 38.51 ? 89  GLU A CB  1 
ATOM   700  C CG  . GLU A 1 89  ? -7.506  -0.531  22.312  1.00 42.12 ? 89  GLU A CG  1 
ATOM   701  C CD  . GLU A 1 89  ? -6.198  0.228   22.554  1.00 47.41 ? 89  GLU A CD  1 
ATOM   702  O OE1 . GLU A 1 89  ? -5.866  1.161   21.785  1.00 45.03 ? 89  GLU A OE1 1 
ATOM   703  O OE2 . GLU A 1 89  ? -5.497  -0.116  23.531  1.00 58.72 ? 89  GLU A OE2 1 
ATOM   704  N N   . LEU A 1 90  ? -8.347  0.066   17.838  1.00 32.54 ? 90  LEU A N   1 
ATOM   705  C CA  . LEU A 1 90  ? -9.127  0.299   16.634  1.00 31.51 ? 90  LEU A CA  1 
ATOM   706  C C   . LEU A 1 90  ? -8.723  -0.770  15.606  1.00 34.75 ? 90  LEU A C   1 
ATOM   707  O O   . LEU A 1 90  ? -9.585  -1.377  14.967  1.00 34.02 ? 90  LEU A O   1 
ATOM   708  C CB  . LEU A 1 90  ? -8.853  1.701   16.088  1.00 27.42 ? 90  LEU A CB  1 
ATOM   709  C CG  . LEU A 1 90  ? -9.489  2.106   14.756  1.00 33.20 ? 90  LEU A CG  1 
ATOM   710  C CD1 . LEU A 1 90  ? -10.984 1.856   14.796  1.00 35.32 ? 90  LEU A CD1 1 
ATOM   711  C CD2 . LEU A 1 90  ? -9.195  3.565   14.472  1.00 33.40 ? 90  LEU A CD2 1 
ATOM   712  N N   . CYS A 1 91  ? -7.417  -1.027  15.496  1.00 32.62 ? 91  CYS A N   1 
ATOM   713  C CA  . CYS A 1 91  ? -6.888  -2.024  14.566  1.00 31.61 ? 91  CYS A CA  1 
ATOM   714  C C   . CYS A 1 91  ? -7.432  -3.409  14.855  1.00 32.14 ? 91  CYS A C   1 
ATOM   715  O O   . CYS A 1 91  ? -7.782  -4.142  13.933  1.00 32.47 ? 91  CYS A O   1 
ATOM   716  C CB  . CYS A 1 91  ? -5.363  -2.080  14.633  1.00 28.09 ? 91  CYS A CB  1 
ATOM   717  S SG  . CYS A 1 91  ? -4.530  -0.657  13.962  1.00 30.22 ? 91  CYS A SG  1 
ATOM   718  N N   . ARG A 1 92  ? -7.471  -3.768  16.134  1.00 32.39 ? 92  ARG A N   1 
ATOM   719  C CA  . ARG A 1 92  ? -7.974  -5.064  16.571  1.00 34.38 ? 92  ARG A CA  1 
ATOM   720  C C   . ARG A 1 92  ? -9.487  -5.221  16.339  1.00 36.68 ? 92  ARG A C   1 
ATOM   721  O O   . ARG A 1 92  ? -9.971  -6.327  16.076  1.00 36.27 ? 92  ARG A O   1 
ATOM   722  C CB  . ARG A 1 92  ? -7.646  -5.299  18.048  1.00 29.99 ? 92  ARG A CB  1 
ATOM   723  C CG  . ARG A 1 92  ? -6.702  -6.460  18.272  1.00 40.16 ? 92  ARG A CG  1 
ATOM   724  C CD  . ARG A 1 92  ? -5.340  -6.016  18.761  1.00 40.90 ? 92  ARG A CD  1 
ATOM   725  N NE  . ARG A 1 92  ? -5.387  -5.564  20.146  1.00 45.53 ? 92  ARG A NE  1 
ATOM   726  C CZ  . ARG A 1 92  ? -4.424  -5.761  21.047  1.00 47.79 ? 92  ARG A CZ  1 
ATOM   727  N NH1 . ARG A 1 92  ? -3.316  -6.408  20.732  1.00 40.35 ? 92  ARG A NH1 1 
ATOM   728  N NH2 . ARG A 1 92  ? -4.554  -5.264  22.270  1.00 54.35 ? 92  ARG A NH2 1 
ATOM   729  N N   . LYS A 1 93  ? -10.236 -4.123  16.434  1.00 36.96 ? 93  LYS A N   1 
ATOM   730  C CA  . LYS A 1 93  ? -11.681 -4.196  16.223  1.00 38.17 ? 93  LYS A CA  1 
ATOM   731  C C   . LYS A 1 93  ? -11.953 -4.434  14.737  1.00 36.18 ? 93  LYS A C   1 
ATOM   732  O O   . LYS A 1 93  ? -12.759 -5.297  14.375  1.00 38.86 ? 93  LYS A O   1 
ATOM   733  C CB  . LYS A 1 93  ? -12.401 -2.921  16.706  1.00 41.40 ? 93  LYS A CB  1 
ATOM   734  C CG  . LYS A 1 93  ? -13.847 -3.186  17.175  1.00 52.19 ? 93  LYS A CG  1 
ATOM   735  C CD  . LYS A 1 93  ? -14.894 -2.396  16.389  1.00 53.32 ? 93  LYS A CD  1 
ATOM   736  C CE  . LYS A 1 93  ? -16.266 -3.082  16.452  1.00 60.63 ? 93  LYS A CE  1 
ATOM   737  N NZ  . LYS A 1 93  ? -16.330 -4.356  15.618  1.00 69.47 ? 93  LYS A NZ  1 
ATOM   738  N N   . ILE A 1 94  ? -11.271 -3.679  13.877  1.00 34.55 ? 94  ILE A N   1 
ATOM   739  C CA  . ILE A 1 94  ? -11.443 -3.838  12.433  1.00 32.82 ? 94  ILE A CA  1 
ATOM   740  C C   . ILE A 1 94  ? -11.033 -5.257  12.027  1.00 30.37 ? 94  ILE A C   1 
ATOM   741  O O   . ILE A 1 94  ? -11.767 -5.923  11.310  1.00 31.45 ? 94  ILE A O   1 
ATOM   742  C CB  . ILE A 1 94  ? -10.606 -2.821  11.621  1.00 32.28 ? 94  ILE A CB  1 
ATOM   743  C CG1 . ILE A 1 94  ? -10.848 -1.378  12.111  1.00 31.68 ? 94  ILE A CG1 1 
ATOM   744  C CG2 . ILE A 1 94  ? -10.945 -2.937  10.134  1.00 28.59 ? 94  ILE A CG2 1 
ATOM   745  C CD1 . ILE A 1 94  ? -12.245 -0.819  11.851  1.00 32.97 ? 94  ILE A CD1 1 
ATOM   746  N N   . ALA A 1 95  ? -9.919  -5.742  12.572  1.00 28.14 ? 95  ALA A N   1 
ATOM   747  C CA  . ALA A 1 95  ? -9.394  -7.063  12.262  1.00 28.15 ? 95  ALA A CA  1 
ATOM   748  C C   . ALA A 1 95  ? -10.326 -8.218  12.577  1.00 30.26 ? 95  ALA A C   1 
ATOM   749  O O   . ALA A 1 95  ? -10.139 -9.322  12.073  1.00 30.39 ? 95  ALA A O   1 
ATOM   750  C CB  . ALA A 1 95  ? -8.054  -7.271  12.920  1.00 24.62 ? 95  ALA A CB  1 
ATOM   751  N N   . GLU A 1 96  ? -11.341 -7.973  13.392  1.00 32.59 ? 96  GLU A N   1 
ATOM   752  C CA  . GLU A 1 96  ? -12.286 -9.025  13.718  1.00 33.47 ? 96  GLU A CA  1 
ATOM   753  C C   . GLU A 1 96  ? -13.115 -9.373  12.501  1.00 32.63 ? 96  GLU A C   1 
ATOM   754  O O   . GLU A 1 96  ? -13.647 -10.472 12.418  1.00 35.02 ? 96  GLU A O   1 
ATOM   755  C CB  . GLU A 1 96  ? -13.279 -8.558  14.760  1.00 35.83 ? 96  GLU A CB  1 
ATOM   756  C CG  . GLU A 1 96  ? -12.829 -8.556  16.181  1.00 52.70 ? 96  GLU A CG  1 
ATOM   757  C CD  . GLU A 1 96  ? -13.842 -7.831  17.076  1.00 66.00 ? 96  GLU A CD  1 
ATOM   758  O OE1 . GLU A 1 96  ? -14.932 -7.425  16.580  1.00 66.70 ? 96  GLU A OE1 1 
ATOM   759  O OE2 . GLU A 1 96  ? -13.541 -7.649  18.276  1.00 70.40 ? 96  GLU A OE2 1 
ATOM   760  N N   . ARG A 1 97  ? -13.293 -8.406  11.609  1.00 31.97 ? 97  ARG A N   1 
ATOM   761  C CA  . ARG A 1 97  ? -14.121 -8.594  10.424  1.00 32.64 ? 97  ARG A CA  1 
ATOM   762  C C   . ARG A 1 97  ? -13.404 -8.683  9.062   1.00 31.68 ? 97  ARG A C   1 
ATOM   763  O O   . ARG A 1 97  ? -13.870 -9.374  8.154   1.00 31.40 ? 97  ARG A O   1 
ATOM   764  C CB  . ARG A 1 97  ? -15.177 -7.475  10.352  1.00 35.28 ? 97  ARG A CB  1 
ATOM   765  C CG  . ARG A 1 97  ? -16.045 -7.258  11.616  1.00 51.73 ? 97  ARG A CG  1 
ATOM   766  C CD  . ARG A 1 97  ? -17.317 -8.118  11.662  1.00 67.56 ? 97  ARG A CD  1 
ATOM   767  N NE  . ARG A 1 97  ? -17.026 -9.550  11.779  1.00 86.76 ? 97  ARG A NE  1 
ATOM   768  C CZ  . ARG A 1 97  ? -17.943 -10.518 11.790  1.00 92.25 ? 97  ARG A CZ  1 
ATOM   769  N NH1 . ARG A 1 97  ? -19.239 -10.229 11.696  1.00 91.58 ? 97  ARG A NH1 1 
ATOM   770  N NH2 . ARG A 1 97  ? -17.557 -11.790 11.899  1.00 92.81 ? 97  ARG A NH2 1 
ATOM   771  N N   . ILE A 1 98  ? -12.281 -7.993  8.922   1.00 27.57 ? 98  ILE A N   1 
ATOM   772  C CA  . ILE A 1 98  ? -11.556 -7.952  7.665   1.00 24.58 ? 98  ILE A CA  1 
ATOM   773  C C   . ILE A 1 98  ? -10.054 -7.801  7.943   1.00 28.04 ? 98  ILE A C   1 
ATOM   774  O O   . ILE A 1 98  ? -9.666  -7.253  8.972   1.00 30.53 ? 98  ILE A O   1 
ATOM   775  C CB  . ILE A 1 98  ? -12.101 -6.759  6.829   1.00 22.46 ? 98  ILE A CB  1 
ATOM   776  C CG1 . ILE A 1 98  ? -11.504 -6.738  5.425   1.00 24.54 ? 98  ILE A CG1 1 
ATOM   777  C CG2 . ILE A 1 98  ? -11.845 -5.440  7.547   1.00 24.76 ? 98  ILE A CG2 1 
ATOM   778  C CD1 . ILE A 1 98  ? -12.079 -5.646  4.521   1.00 28.00 ? 98  ILE A CD1 1 
ATOM   779  N N   . LEU A 1 99  ? -9.203  -8.316  7.063   1.00 25.72 ? 99  LEU A N   1 
ATOM   780  C CA  . LEU A 1 99  ? -7.754  -8.202  7.247   1.00 25.82 ? 99  LEU A CA  1 
ATOM   781  C C   . LEU A 1 99  ? -7.256  -6.727  7.270   1.00 26.61 ? 99  LEU A C   1 
ATOM   782  O O   . LEU A 1 99  ? -7.667  -5.890  6.430   1.00 22.50 ? 99  LEU A O   1 
ATOM   783  C CB  . LEU A 1 99  ? -7.042  -9.002  6.143   1.00 23.76 ? 99  LEU A CB  1 
ATOM   784  C CG  . LEU A 1 99  ? -5.539  -9.279  6.163   1.00 26.38 ? 99  LEU A CG  1 
ATOM   785  C CD1 . LEU A 1 99  ? -5.256  -10.469 5.300   1.00 25.58 ? 99  LEU A CD1 1 
ATOM   786  C CD2 . LEU A 1 99  ? -4.760  -8.087  5.661   1.00 24.97 ? 99  LEU A CD2 1 
ATOM   787  N N   . VAL A 1 100 ? -6.406  -6.393  8.250   1.00 27.80 ? 100 VAL A N   1 
ATOM   788  C CA  . VAL A 1 100 ? -5.866  -5.021  8.335   1.00 28.20 ? 100 VAL A CA  1 
ATOM   789  C C   . VAL A 1 100 ? -4.335  -4.938  8.193   1.00 22.51 ? 100 VAL A C   1 
ATOM   790  O O   . VAL A 1 100 ? -3.588  -5.788  8.681   1.00 23.72 ? 100 VAL A O   1 
ATOM   791  C CB  . VAL A 1 100 ? -6.360  -4.199  9.630   1.00 32.04 ? 100 VAL A CB  1 
ATOM   792  C CG1 . VAL A 1 100 ? -7.656  -4.745  10.191  1.00 29.53 ? 100 VAL A CG1 1 
ATOM   793  C CG2 . VAL A 1 100 ? -5.302  -4.131  10.703  1.00 39.01 ? 100 VAL A CG2 1 
ATOM   794  N N   . ILE A 1 101 ? -3.899  -3.968  7.412   1.00 21.98 ? 101 ILE A N   1 
ATOM   795  C CA  . ILE A 1 101 ? -2.492  -3.698  7.196   1.00 24.33 ? 101 ILE A CA  1 
ATOM   796  C C   . ILE A 1 101 ? -2.300  -2.332  7.884   1.00 25.17 ? 101 ILE A C   1 
ATOM   797  O O   . ILE A 1 101 ? -3.065  -1.386  7.623   1.00 24.10 ? 101 ILE A O   1 
ATOM   798  C CB  . ILE A 1 101 ? -2.179  -3.557  5.698   1.00 23.32 ? 101 ILE A CB  1 
ATOM   799  C CG1 . ILE A 1 101 ? -2.441  -4.883  4.993   1.00 26.25 ? 101 ILE A CG1 1 
ATOM   800  C CG2 . ILE A 1 101 ? -0.739  -3.112  5.487   1.00 26.39 ? 101 ILE A CG2 1 
ATOM   801  C CD1 . ILE A 1 101 ? -2.425  -4.771  3.477   1.00 27.44 ? 101 ILE A CD1 1 
ATOM   802  N N   . LYS A 1 102 ? -1.369  -2.259  8.832   1.00 25.25 ? 102 LYS A N   1 
ATOM   803  C CA  . LYS A 1 102 ? -1.106  -0.993  9.527   1.00 25.22 ? 102 LYS A CA  1 
ATOM   804  C C   . LYS A 1 102 ? 0.076   -0.348  8.855   1.00 20.82 ? 102 LYS A C   1 
ATOM   805  O O   . LYS A 1 102 ? 1.135   -0.968  8.716   1.00 23.20 ? 102 LYS A O   1 
ATOM   806  C CB  . LYS A 1 102 ? -0.781  -1.215  11.013  1.00 27.05 ? 102 LYS A CB  1 
ATOM   807  C CG  . LYS A 1 102 ? -0.502  0.080   11.782  1.00 29.70 ? 102 LYS A CG  1 
ATOM   808  C CD  . LYS A 1 102 ? -1.781  0.879   12.024  1.00 27.78 ? 102 LYS A CD  1 
ATOM   809  C CE  . LYS A 1 102 ? -1.490  2.281   12.579  1.00 25.01 ? 102 LYS A CE  1 
ATOM   810  N NZ  . LYS A 1 102 ? -1.335  3.262   11.473  1.00 23.72 ? 102 LYS A NZ  1 
ATOM   811  N N   . ALA A 1 103 ? -0.134  0.858   8.364   1.00 19.79 ? 103 ALA A N   1 
ATOM   812  C CA  . ALA A 1 103 ? 0.924   1.600   7.722   1.00 23.25 ? 103 ALA A CA  1 
ATOM   813  C C   . ALA A 1 103 ? 1.579   2.458   8.811   1.00 26.41 ? 103 ALA A C   1 
ATOM   814  O O   . ALA A 1 103 ? 0.888   3.008   9.673   1.00 25.78 ? 103 ALA A O   1 
ATOM   815  C CB  . ALA A 1 103 ? 0.354   2.471   6.629   1.00 16.77 ? 103 ALA A CB  1 
ATOM   816  N N   . VAL A 1 104 ? 2.908   2.530   8.801   1.00 28.07 ? 104 VAL A N   1 
ATOM   817  C CA  . VAL A 1 104 ? 3.642   3.334   9.773   1.00 27.41 ? 104 VAL A CA  1 
ATOM   818  C C   . VAL A 1 104 ? 4.685   4.188   9.059   1.00 26.71 ? 104 VAL A C   1 
ATOM   819  O O   . VAL A 1 104 ? 5.393   3.688   8.180   1.00 28.28 ? 104 VAL A O   1 
ATOM   820  C CB  . VAL A 1 104 ? 4.362   2.450   10.814  1.00 26.41 ? 104 VAL A CB  1 
ATOM   821  C CG1 . VAL A 1 104 ? 5.107   3.322   11.810  1.00 32.68 ? 104 VAL A CG1 1 
ATOM   822  C CG2 . VAL A 1 104 ? 3.363   1.577   11.546  1.00 30.14 ? 104 VAL A CG2 1 
ATOM   823  N N   . GLY A 1 105 ? 4.720   5.487   9.368   1.00 23.45 ? 105 GLY A N   1 
ATOM   824  C CA  . GLY A 1 105 ? 5.719   6.364   8.770   1.00 22.97 ? 105 GLY A CA  1 
ATOM   825  C C   . GLY A 1 105 ? 7.063   6.028   9.394   1.00 21.33 ? 105 GLY A C   1 
ATOM   826  O O   . GLY A 1 105 ? 7.167   5.883   10.608  1.00 24.56 ? 105 GLY A O   1 
ATOM   827  N N   . VAL A 1 106 ? 8.104   5.928   8.586   1.00 23.16 ? 106 VAL A N   1 
ATOM   828  C CA  . VAL A 1 106 ? 9.413   5.537   9.087   1.00 23.81 ? 106 VAL A CA  1 
ATOM   829  C C   . VAL A 1 106 ? 10.556  6.360   8.520   1.00 27.17 ? 106 VAL A C   1 
ATOM   830  O O   . VAL A 1 106 ? 10.723  6.399   7.312   1.00 27.82 ? 106 VAL A O   1 
ATOM   831  C CB  . VAL A 1 106 ? 9.702   4.074   8.699   1.00 24.74 ? 106 VAL A CB  1 
ATOM   832  C CG1 . VAL A 1 106 ? 11.126  3.716   9.017   1.00 26.03 ? 106 VAL A CG1 1 
ATOM   833  C CG2 . VAL A 1 106 ? 8.762   3.135   9.417   1.00 27.18 ? 106 VAL A CG2 1 
ATOM   834  N N   . SER A 1 107 ? 11.378  6.971   9.381   1.00 29.59 ? 107 SER A N   1 
ATOM   835  C CA  . SER A 1 107 ? 12.530  7.749   8.902   1.00 29.06 ? 107 SER A CA  1 
ATOM   836  C C   . SER A 1 107 ? 13.811  7.449   9.671   1.00 27.01 ? 107 SER A C   1 
ATOM   837  O O   . SER A 1 107 ? 14.905  7.731   9.191   1.00 31.19 ? 107 SER A O   1 
ATOM   838  C CB  . SER A 1 107 ? 12.234  9.249   8.895   1.00 31.65 ? 107 SER A CB  1 
ATOM   839  O OG  . SER A 1 107 ? 11.840  9.677   10.181  1.00 46.00 ? 107 SER A OG  1 
ATOM   840  N N   . ASN A 1 108 ? 13.684  6.827   10.834  1.00 26.99 ? 108 ASN A N   1 
ATOM   841  C CA  . ASN A 1 108 ? 14.840  6.469   11.656  1.00 27.33 ? 108 ASN A CA  1 
ATOM   842  C C   . ASN A 1 108 ? 14.445  5.263   12.511  1.00 30.04 ? 108 ASN A C   1 
ATOM   843  O O   . ASN A 1 108 ? 13.289  4.797   12.420  1.00 31.08 ? 108 ASN A O   1 
ATOM   844  C CB  . ASN A 1 108 ? 15.298  7.650   12.528  1.00 26.60 ? 108 ASN A CB  1 
ATOM   845  C CG  . ASN A 1 108 ? 14.193  8.197   13.430  1.00 30.22 ? 108 ASN A CG  1 
ATOM   846  O OD1 . ASN A 1 108 ? 13.982  9.396   13.487  1.00 40.56 ? 108 ASN A OD1 1 
ATOM   847  N ND2 . ASN A 1 108 ? 13.513  7.328   14.155  1.00 28.20 ? 108 ASN A ND2 1 
ATOM   848  N N   . GLU A 1 109 ? 15.329  4.798   13.399  1.00 26.76 ? 109 GLU A N   1 
ATOM   849  C CA  . GLU A 1 109 ? 14.965  3.638   14.200  1.00 24.81 ? 109 GLU A CA  1 
ATOM   850  C C   . GLU A 1 109 ? 13.940  3.816   15.325  1.00 27.50 ? 109 GLU A C   1 
ATOM   851  O O   . GLU A 1 109 ? 13.287  2.849   15.707  1.00 28.71 ? 109 GLU A O   1 
ATOM   852  C CB  . GLU A 1 109 ? 16.155  2.734   14.580  1.00 23.93 ? 109 GLU A CB  1 
ATOM   853  C CG  . GLU A 1 109 ? 17.505  3.357   14.697  1.00 33.10 ? 109 GLU A CG  1 
ATOM   854  C CD  . GLU A 1 109 ? 18.148  3.713   13.377  1.00 27.77 ? 109 GLU A CD  1 
ATOM   855  O OE1 . GLU A 1 109 ? 18.849  2.870   12.788  1.00 28.32 ? 109 GLU A OE1 1 
ATOM   856  O OE2 . GLU A 1 109 ? 18.013  4.874   12.951  1.00 38.57 ? 109 GLU A OE2 1 
ATOM   857  N N   . ARG A 1 110 ? 13.729  5.050   15.793  1.00 28.28 ? 110 ARG A N   1 
ATOM   858  C CA  . ARG A 1 110 ? 12.713  5.308   16.834  1.00 30.74 ? 110 ARG A CA  1 
ATOM   859  C C   . ARG A 1 110 ? 11.345  4.995   16.230  1.00 29.67 ? 110 ARG A C   1 
ATOM   860  O O   . ARG A 1 110 ? 10.447  4.514   16.923  1.00 30.46 ? 110 ARG A O   1 
ATOM   861  C CB  . ARG A 1 110 ? 12.722  6.772   17.298  1.00 34.86 ? 110 ARG A CB  1 
ATOM   862  C CG  . ARG A 1 110 ? 13.746  7.115   18.375  1.00 45.28 ? 110 ARG A CG  1 
ATOM   863  C CD  . ARG A 1 110 ? 13.877  8.645   18.586  1.00 54.72 ? 110 ARG A CD  1 
ATOM   864  N NE  . ARG A 1 110 ? 14.787  9.300   17.631  1.00 55.46 ? 110 ARG A NE  1 
ATOM   865  C CZ  . ARG A 1 110 ? 16.086  9.541   17.849  1.00 61.76 ? 110 ARG A CZ  1 
ATOM   866  N NH1 . ARG A 1 110 ? 16.663  9.185   19.001  1.00 52.21 ? 110 ARG A NH1 1 
ATOM   867  N NH2 . ARG A 1 110 ? 16.816  10.147  16.911  1.00 59.94 ? 110 ARG A NH2 1 
ATOM   868  N N   . ASP A 1 111 ? 11.223  5.224   14.919  1.00 29.98 ? 111 ASP A N   1 
ATOM   869  C CA  . ASP A 1 111 ? 9.985   4.950   14.181  1.00 29.67 ? 111 ASP A CA  1 
ATOM   870  C C   . ASP A 1 111 ? 9.790   3.439   14.032  1.00 29.16 ? 111 ASP A C   1 
ATOM   871  O O   . ASP A 1 111 ? 8.662   2.951   14.079  1.00 29.30 ? 111 ASP A O   1 
ATOM   872  C CB  . ASP A 1 111 ? 10.006  5.615   12.803  1.00 27.63 ? 111 ASP A CB  1 
ATOM   873  C CG  . ASP A 1 111 ? 9.710   7.118   12.860  1.00 34.90 ? 111 ASP A CG  1 
ATOM   874  O OD1 . ASP A 1 111 ? 8.876   7.560   13.695  1.00 36.51 ? 111 ASP A OD1 1 
ATOM   875  O OD2 . ASP A 1 111 ? 10.291  7.858   12.039  1.00 29.47 ? 111 ASP A OD2 1 
ATOM   876  N N   . MET A 1 112 ? 10.891  2.702   13.876  1.00 27.11 ? 112 MET A N   1 
ATOM   877  C CA  . MET A 1 112 ? 10.833  1.250   13.757  1.00 26.78 ? 112 MET A CA  1 
ATOM   878  C C   . MET A 1 112 ? 10.457  0.649   15.099  1.00 28.26 ? 112 MET A C   1 
ATOM   879  O O   . MET A 1 112 ? 9.879   -0.439  15.161  1.00 28.90 ? 112 MET A O   1 
ATOM   880  C CB  . MET A 1 112 ? 12.174  0.677   13.299  1.00 23.61 ? 112 MET A CB  1 
ATOM   881  C CG  . MET A 1 112 ? 12.488  0.919   11.830  1.00 24.66 ? 112 MET A CG  1 
ATOM   882  S SD  . MET A 1 112 ? 11.165  0.276   10.767  1.00 29.47 ? 112 MET A SD  1 
ATOM   883  C CE  . MET A 1 112 ? 11.247  -1.465  11.194  1.00 25.20 ? 112 MET A CE  1 
ATOM   884  N N   . GLU A 1 113 ? 10.811  1.343   16.179  1.00 26.22 ? 113 GLU A N   1 
ATOM   885  C CA  . GLU A 1 113 ? 10.471  0.872   17.512  1.00 27.11 ? 113 GLU A CA  1 
ATOM   886  C C   . GLU A 1 113 ? 8.986   1.072   17.716  1.00 26.45 ? 113 GLU A C   1 
ATOM   887  O O   . GLU A 1 113 ? 8.327   0.280   18.392  1.00 24.95 ? 113 GLU A O   1 
ATOM   888  C CB  . GLU A 1 113 ? 11.235  1.641   18.580  1.00 29.01 ? 113 GLU A CB  1 
ATOM   889  C CG  . GLU A 1 113 ? 12.685  1.262   18.682  1.00 32.05 ? 113 GLU A CG  1 
ATOM   890  C CD  . GLU A 1 113 ? 13.291  1.749   19.981  1.00 34.96 ? 113 GLU A CD  1 
ATOM   891  O OE1 . GLU A 1 113 ? 13.780  2.901   20.028  1.00 40.43 ? 113 GLU A OE1 1 
ATOM   892  O OE2 . GLU A 1 113 ? 13.243  0.992   20.970  1.00 31.60 ? 113 GLU A OE2 1 
ATOM   893  N N   . ARG A 1 114 ? 8.468   2.167   17.175  1.00 28.06 ? 114 ARG A N   1 
ATOM   894  C CA  . ARG A 1 114 ? 7.044   2.441   17.261  1.00 30.78 ? 114 ARG A CA  1 
ATOM   895  C C   . ARG A 1 114 ? 6.283   1.356   16.441  1.00 30.78 ? 114 ARG A C   1 
ATOM   896  O O   . ARG A 1 114 ? 5.280   0.793   16.901  1.00 29.65 ? 114 ARG A O   1 
ATOM   897  C CB  . ARG A 1 114 ? 6.762   3.843   16.724  1.00 36.23 ? 114 ARG A CB  1 
ATOM   898  C CG  . ARG A 1 114 ? 5.319   4.232   16.827  1.00 52.72 ? 114 ARG A CG  1 
ATOM   899  C CD  . ARG A 1 114 ? 5.036   5.611   16.273  1.00 67.43 ? 114 ARG A CD  1 
ATOM   900  N NE  . ARG A 1 114 ? 3.591   5.833   16.290  1.00 83.44 ? 114 ARG A NE  1 
ATOM   901  C CZ  . ARG A 1 114 ? 2.823   5.927   15.206  1.00 91.19 ? 114 ARG A CZ  1 
ATOM   902  N NH1 . ARG A 1 114 ? 3.360   5.840   13.992  1.00 91.75 ? 114 ARG A NH1 1 
ATOM   903  N NH2 . ARG A 1 114 ? 1.507   6.113   15.344  1.00 90.47 ? 114 ARG A NH2 1 
ATOM   904  N N   . ALA A 1 115 ? 6.814   1.029   15.264  1.00 29.24 ? 115 ALA A N   1 
ATOM   905  C CA  . ALA A 1 115 ? 6.242   0.021   14.376  1.00 29.50 ? 115 ALA A CA  1 
ATOM   906  C C   . ALA A 1 115 ? 6.115   -1.346  15.053  1.00 31.30 ? 115 ALA A C   1 
ATOM   907  O O   . ALA A 1 115 ? 5.120   -2.040  14.861  1.00 32.59 ? 115 ALA A O   1 
ATOM   908  C CB  . ALA A 1 115 ? 7.083   -0.085  13.115  1.00 26.61 ? 115 ALA A CB  1 
ATOM   909  N N   . LEU A 1 116 ? 7.092   -1.708  15.882  1.00 31.55 ? 116 LEU A N   1 
ATOM   910  C CA  . LEU A 1 116 ? 7.084   -2.985  16.593  1.00 28.30 ? 116 LEU A CA  1 
ATOM   911  C C   . LEU A 1 116 ? 5.875   -3.202  17.498  1.00 28.49 ? 116 LEU A C   1 
ATOM   912  O O   . LEU A 1 116 ? 5.591   -4.334  17.871  1.00 31.06 ? 116 LEU A O   1 
ATOM   913  C CB  . LEU A 1 116 ? 8.360   -3.171  17.416  1.00 25.13 ? 116 LEU A CB  1 
ATOM   914  C CG  . LEU A 1 116 ? 9.662   -3.470  16.690  1.00 26.70 ? 116 LEU A CG  1 
ATOM   915  C CD1 . LEU A 1 116 ? 10.787  -3.386  17.700  1.00 27.71 ? 116 LEU A CD1 1 
ATOM   916  C CD2 . LEU A 1 116 ? 9.608   -4.849  16.060  1.00 27.68 ? 116 LEU A CD2 1 
ATOM   917  N N   . ASN A 1 117 ? 5.161   -2.146  17.876  1.00 28.61 ? 117 ASN A N   1 
ATOM   918  C CA  . ASN A 1 117 ? 3.983   -2.334  18.739  1.00 29.97 ? 117 ASN A CA  1 
ATOM   919  C C   . ASN A 1 117 ? 2.814   -2.864  17.936  1.00 30.86 ? 117 ASN A C   1 
ATOM   920  O O   . ASN A 1 117 ? 1.800   -3.263  18.490  1.00 30.51 ? 117 ASN A O   1 
ATOM   921  C CB  . ASN A 1 117 ? 3.541   -1.024  19.385  1.00 33.69 ? 117 ASN A CB  1 
ATOM   922  C CG  . ASN A 1 117 ? 4.541   -0.502  20.393  1.00 44.60 ? 117 ASN A CG  1 
ATOM   923  O OD1 . ASN A 1 117 ? 4.973   -1.222  21.294  1.00 46.85 ? 117 ASN A OD1 1 
ATOM   924  N ND2 . ASN A 1 117 ? 4.914   0.762   20.246  1.00 47.88 ? 117 ASN A ND2 1 
ATOM   925  N N   . TYR A 1 118 ? 2.925   -2.746  16.621  1.00 31.25 ? 118 TYR A N   1 
ATOM   926  C CA  . TYR A 1 118 ? 1.886   -3.188  15.717  1.00 32.13 ? 118 TYR A CA  1 
ATOM   927  C C   . TYR A 1 118 ? 2.248   -4.506  15.036  1.00 32.14 ? 118 TYR A C   1 
ATOM   928  O O   . TYR A 1 118 ? 1.496   -4.989  14.193  1.00 34.19 ? 118 TYR A O   1 
ATOM   929  C CB  . TYR A 1 118 ? 1.655   -2.112  14.653  1.00 30.48 ? 118 TYR A CB  1 
ATOM   930  C CG  . TYR A 1 118 ? 1.031   -0.843  15.167  1.00 35.00 ? 118 TYR A CG  1 
ATOM   931  C CD1 . TYR A 1 118 ? -0.352  -0.736  15.328  1.00 29.28 ? 118 TYR A CD1 1 
ATOM   932  C CD2 . TYR A 1 118 ? 1.815   0.259   15.488  1.00 32.73 ? 118 TYR A CD2 1 
ATOM   933  C CE1 . TYR A 1 118 ? -0.935  0.434   15.780  1.00 30.85 ? 118 TYR A CE1 1 
ATOM   934  C CE2 . TYR A 1 118 ? 1.240   1.432   15.944  1.00 35.20 ? 118 TYR A CE2 1 
ATOM   935  C CZ  . TYR A 1 118 ? -0.132  1.513   16.092  1.00 37.65 ? 118 TYR A CZ  1 
ATOM   936  O OH  . TYR A 1 118 ? -0.692  2.690   16.527  1.00 43.32 ? 118 TYR A OH  1 
ATOM   937  N N   . ARG A 1 119 ? 3.347   -5.123  15.454  1.00 31.24 ? 119 ARG A N   1 
ATOM   938  C CA  . ARG A 1 119 ? 3.827   -6.359  14.835  1.00 33.51 ? 119 ARG A CA  1 
ATOM   939  C C   . ARG A 1 119 ? 2.865   -7.534  14.695  1.00 33.32 ? 119 ARG A C   1 
ATOM   940  O O   . ARG A 1 119 ? 3.183   -8.494  14.000  1.00 35.36 ? 119 ARG A O   1 
ATOM   941  C CB  . ARG A 1 119 ? 5.147   -6.836  15.460  1.00 33.71 ? 119 ARG A CB  1 
ATOM   942  C CG  . ARG A 1 119 ? 5.139   -7.002  16.971  1.00 44.37 ? 119 ARG A CG  1 
ATOM   943  C CD  . ARG A 1 119 ? 6.533   -7.322  17.508  1.00 46.81 ? 119 ARG A CD  1 
ATOM   944  N NE  . ARG A 1 119 ? 6.893   -8.677  17.126  1.00 55.55 ? 119 ARG A NE  1 
ATOM   945  C CZ  . ARG A 1 119 ? 6.991   -9.697  17.973  1.00 58.79 ? 119 ARG A CZ  1 
ATOM   946  N NH1 . ARG A 1 119 ? 6.821   -9.504  19.278  1.00 59.62 ? 119 ARG A NH1 1 
ATOM   947  N NH2 . ARG A 1 119 ? 7.312   -10.905 17.516  1.00 56.59 ? 119 ARG A NH2 1 
ATOM   948  N N   . GLU A 1 120 ? 1.709   -7.477  15.347  1.00 33.06 ? 120 GLU A N   1 
ATOM   949  C CA  . GLU A 1 120 ? 0.747   -8.568  15.228  1.00 33.00 ? 120 GLU A CA  1 
ATOM   950  C C   . GLU A 1 120 ? 0.009   -8.506  13.869  1.00 30.88 ? 120 GLU A C   1 
ATOM   951  O O   . GLU A 1 120 ? -0.565  -9.503  13.415  1.00 30.33 ? 120 GLU A O   1 
ATOM   952  C CB  . GLU A 1 120 ? -0.235  -8.580  16.415  1.00 34.95 ? 120 GLU A CB  1 
ATOM   953  C CG  . GLU A 1 120 ? -1.313  -7.497  16.406  1.00 38.97 ? 120 GLU A CG  1 
ATOM   954  C CD  . GLU A 1 120 ? -2.079  -7.419  17.720  1.00 45.69 ? 120 GLU A CD  1 
ATOM   955  O OE1 . GLU A 1 120 ? -1.642  -6.660  18.613  1.00 47.75 ? 120 GLU A OE1 1 
ATOM   956  O OE2 . GLU A 1 120 ? -3.113  -8.111  17.862  1.00 46.67 ? 120 GLU A OE2 1 
ATOM   957  N N   . PHE A 1 121 ? 0.080   -7.345  13.216  1.00 28.30 ? 121 PHE A N   1 
ATOM   958  C CA  . PHE A 1 121 ? -0.542  -7.108  11.916  1.00 28.86 ? 121 PHE A CA  1 
ATOM   959  C C   . PHE A 1 121 ? 0.506   -6.994  10.809  1.00 28.67 ? 121 PHE A C   1 
ATOM   960  O O   . PHE A 1 121 ? 1.691   -6.773  11.079  1.00 30.13 ? 121 PHE A O   1 
ATOM   961  C CB  . PHE A 1 121 ? -1.293  -5.761  11.919  1.00 23.41 ? 121 PHE A CB  1 
ATOM   962  C CG  . PHE A 1 121 ? -2.348  -5.652  12.961  1.00 29.72 ? 121 PHE A CG  1 
ATOM   963  C CD1 . PHE A 1 121 ? -3.557  -6.323  12.824  1.00 36.81 ? 121 PHE A CD1 1 
ATOM   964  C CD2 . PHE A 1 121 ? -2.141  -4.871  14.085  1.00 31.20 ? 121 PHE A CD2 1 
ATOM   965  C CE1 . PHE A 1 121 ? -4.542  -6.219  13.805  1.00 38.49 ? 121 PHE A CE1 1 
ATOM   966  C CE2 . PHE A 1 121 ? -3.115  -4.760  15.065  1.00 32.08 ? 121 PHE A CE2 1 
ATOM   967  C CZ  . PHE A 1 121 ? -4.316  -5.432  14.926  1.00 35.85 ? 121 PHE A CZ  1 
ATOM   968  N N   . PRO A 1 122 ? 0.096   -7.221  9.545   1.00 28.78 ? 122 PRO A N   1 
ATOM   969  C CA  . PRO A 1 122 ? 1.059   -7.078  8.450   1.00 27.62 ? 122 PRO A CA  1 
ATOM   970  C C   . PRO A 1 122 ? 1.369   -5.564  8.527   1.00 28.96 ? 122 PRO A C   1 
ATOM   971  O O   . PRO A 1 122 ? 0.454   -4.753  8.761   1.00 27.10 ? 122 PRO A O   1 
ATOM   972  C CB  . PRO A 1 122 ? 0.204   -7.360  7.210   1.00 19.60 ? 122 PRO A CB  1 
ATOM   973  C CG  . PRO A 1 122 ? -0.838  -8.295  7.709   1.00 22.64 ? 122 PRO A CG  1 
ATOM   974  C CD  . PRO A 1 122 ? -1.189  -7.757  9.062   1.00 31.10 ? 122 PRO A CD  1 
ATOM   975  N N   . ILE A 1 123 ? 2.617   -5.169  8.315   1.00 26.12 ? 123 ILE A N   1 
ATOM   976  C CA  . ILE A 1 123 ? 2.966   -3.767  8.428   1.00 24.97 ? 123 ILE A CA  1 
ATOM   977  C C   . ILE A 1 123 ? 3.388   -3.216  7.105   1.00 25.07 ? 123 ILE A C   1 
ATOM   978  O O   . ILE A 1 123 ? 4.101   -3.886  6.373   1.00 25.40 ? 123 ILE A O   1 
ATOM   979  C CB  . ILE A 1 123 ? 4.183   -3.575  9.401   1.00 25.54 ? 123 ILE A CB  1 
ATOM   980  C CG1 . ILE A 1 123 ? 3.801   -3.989  10.813  1.00 27.81 ? 123 ILE A CG1 1 
ATOM   981  C CG2 . ILE A 1 123 ? 4.626   -2.102  9.461   1.00 26.15 ? 123 ILE A CG2 1 
ATOM   982  C CD1 . ILE A 1 123 ? 2.814   -3.063  11.439  1.00 25.88 ? 123 ILE A CD1 1 
ATOM   983  N N   . LEU A 1 124 ? 2.918   -2.015  6.780   1.00 26.56 ? 124 LEU A N   1 
ATOM   984  C CA  . LEU A 1 124 ? 3.368   -1.332  5.575   1.00 25.41 ? 124 LEU A CA  1 
ATOM   985  C C   . LEU A 1 124 ? 4.288   -0.221  6.124   1.00 25.35 ? 124 LEU A C   1 
ATOM   986  O O   . LEU A 1 124 ? 3.858   0.595   6.943   1.00 25.43 ? 124 LEU A O   1 
ATOM   987  C CB  . LEU A 1 124 ? 2.195   -0.732  4.787   1.00 24.62 ? 124 LEU A CB  1 
ATOM   988  C CG  . LEU A 1 124 ? 2.567   0.057   3.520   1.00 23.01 ? 124 LEU A CG  1 
ATOM   989  C CD1 . LEU A 1 124 ? 1.562   -0.178  2.403   1.00 20.54 ? 124 LEU A CD1 1 
ATOM   990  C CD2 . LEU A 1 124 ? 2.639   1.543   3.850   1.00 24.65 ? 124 LEU A CD2 1 
ATOM   991  N N   . LEU A 1 125 ? 5.563   -0.256  5.759   1.00 23.08 ? 125 LEU A N   1 
ATOM   992  C CA  . LEU A 1 125 ? 6.510   0.752   6.199   1.00 23.95 ? 125 LEU A CA  1 
ATOM   993  C C   . LEU A 1 125 ? 6.556   1.854   5.154   1.00 25.90 ? 125 LEU A C   1 
ATOM   994  O O   . LEU A 1 125 ? 7.052   1.658   4.044   1.00 27.17 ? 125 LEU A O   1 
ATOM   995  C CB  . LEU A 1 125 ? 7.898   0.148   6.379   1.00 20.08 ? 125 LEU A CB  1 
ATOM   996  C CG  . LEU A 1 125 ? 8.022   -0.915  7.466   1.00 20.49 ? 125 LEU A CG  1 
ATOM   997  C CD1 . LEU A 1 125 ? 9.445   -1.410  7.516   1.00 25.07 ? 125 LEU A CD1 1 
ATOM   998  C CD2 . LEU A 1 125 ? 7.605   -0.352  8.813   1.00 25.43 ? 125 LEU A CD2 1 
ATOM   999  N N   . ASP A 1 126 ? 5.988   3.001   5.500   1.00 25.99 ? 126 ASP A N   1 
ATOM   1000 C CA  . ASP A 1 126 ? 5.945   4.152   4.608   1.00 27.51 ? 126 ASP A CA  1 
ATOM   1001 C C   . ASP A 1 126 ? 7.199   4.982   4.906   1.00 29.84 ? 126 ASP A C   1 
ATOM   1002 O O   . ASP A 1 126 ? 7.199   5.822   5.810   1.00 28.88 ? 126 ASP A O   1 
ATOM   1003 C CB  . ASP A 1 126 ? 4.667   4.958   4.898   1.00 28.77 ? 126 ASP A CB  1 
ATOM   1004 C CG  . ASP A 1 126 ? 4.406   6.053   3.876   1.00 31.37 ? 126 ASP A CG  1 
ATOM   1005 O OD1 . ASP A 1 126 ? 5.050   6.055   2.797   1.00 33.86 ? 126 ASP A OD1 1 
ATOM   1006 O OD2 . ASP A 1 126 ? 3.544   6.918   4.152   1.00 30.13 ? 126 ASP A OD2 1 
ATOM   1007 N N   . THR A 1 127 ? 8.253   4.760   4.127   1.00 32.99 ? 127 THR A N   1 
ATOM   1008 C CA  . THR A 1 127 ? 9.533   5.437   4.339   1.00 35.77 ? 127 THR A CA  1 
ATOM   1009 C C   . THR A 1 127 ? 9.658   6.919   3.899   1.00 39.66 ? 127 THR A C   1 
ATOM   1010 O O   . THR A 1 127 ? 9.229   7.290   2.804   1.00 38.91 ? 127 THR A O   1 
ATOM   1011 C CB  . THR A 1 127 ? 10.712  4.585   3.771   1.00 32.39 ? 127 THR A CB  1 
ATOM   1012 O OG1 . THR A 1 127 ? 10.663  4.561   2.344   1.00 32.65 ? 127 THR A OG1 1 
ATOM   1013 C CG2 . THR A 1 127 ? 10.641  3.144   4.277   1.00 26.78 ? 127 THR A CG2 1 
ATOM   1014 N N   . LYS A 1 128 ? 10.306  7.725   4.760   1.00 43.47 ? 128 LYS A N   1 
ATOM   1015 C CA  . LYS A 1 128 ? 10.551  9.174   4.592   1.00 41.68 ? 128 LYS A CA  1 
ATOM   1016 C C   . LYS A 1 128 ? 9.251   9.950   4.374   0.00 39.03 ? 128 LYS A C   1 
ATOM   1017 O O   . LYS A 1 128 ? 8.703   10.001  3.272   0.00 39.60 ? 128 LYS A O   1 
ATOM   1018 C CB  . LYS A 1 128 ? 11.581  9.460   3.481   1.00 43.15 ? 128 LYS A CB  1 
ATOM   1019 C CG  . LYS A 1 128 ? 11.900  10.956  3.245   0.00 41.78 ? 128 LYS A CG  1 
ATOM   1020 C CD  . LYS A 1 128 ? 12.968  11.494  4.189   0.00 41.39 ? 128 LYS A CD  1 
ATOM   1021 C CE  . LYS A 1 128 ? 12.455  11.727  5.611   0.00 41.18 ? 128 LYS A CE  1 
ATOM   1022 N NZ  . LYS A 1 128 ? 13.546  12.229  6.487   0.00 40.31 ? 128 LYS A NZ  1 
ATOM   1023 N N   . THR A 1 129 ? 8.739   10.495  5.471   0.00 36.25 ? 129 THR A N   1 
ATOM   1024 C CA  . THR A 1 129 ? 7.505   11.271  5.473   0.00 33.98 ? 129 THR A CA  1 
ATOM   1025 C C   . THR A 1 129 ? 7.666   12.441  6.446   0.00 32.68 ? 129 THR A C   1 
ATOM   1026 O O   . THR A 1 129 ? 8.573   12.433  7.284   0.00 32.33 ? 129 THR A O   1 
ATOM   1027 C CB  . THR A 1 129 ? 6.295   10.392  5.904   0.00 33.81 ? 129 THR A CB  1 
ATOM   1028 O OG1 . THR A 1 129 ? 6.695   9.482   6.939   0.00 33.62 ? 129 THR A OG1 1 
ATOM   1029 C CG2 . THR A 1 129 ? 5.757   9.606   4.717   0.00 34.12 ? 129 THR A CG2 1 
ATOM   1030 N N   . PRO A 1 130 ? 6.832   13.490  6.319   0.00 31.20 ? 130 PRO A N   1 
ATOM   1031 C CA  . PRO A 1 130 ? 5.743   13.662  5.350   0.00 29.64 ? 130 PRO A CA  1 
ATOM   1032 C C   . PRO A 1 130 ? 6.236   13.897  3.923   0.00 28.15 ? 130 PRO A C   1 
ATOM   1033 O O   . PRO A 1 130 ? 6.336   12.960  3.143   0.00 28.03 ? 130 PRO A O   1 
ATOM   1034 C CB  . PRO A 1 130 ? 4.988   14.880  5.896   0.00 28.63 ? 130 PRO A CB  1 
ATOM   1035 C CG  . PRO A 1 130 ? 5.312   14.869  7.361   0.00 29.40 ? 130 PRO A CG  1 
ATOM   1036 C CD  . PRO A 1 130 ? 6.772   14.551  7.338   0.00 30.01 ? 130 PRO A CD  1 
ATOM   1037 N N   . GLU A 1 131 ? 6.571   15.146  3.609   0.00 26.78 ? 131 GLU A N   1 
ATOM   1038 C CA  . GLU A 1 131 ? 7.051   15.535  2.283   0.00 25.84 ? 131 GLU A CA  1 
ATOM   1039 C C   . GLU A 1 131 ? 5.953   15.306  1.240   0.00 25.47 ? 131 GLU A C   1 
ATOM   1040 O O   . GLU A 1 131 ? 5.307   16.256  0.783   0.00 25.03 ? 131 GLU A O   1 
ATOM   1041 C CB  . GLU A 1 131 ? 8.325   14.756  1.916   0.00 25.44 ? 131 GLU A CB  1 
ATOM   1042 C CG  . GLU A 1 131 ? 9.037   15.248  0.665   0.00 24.10 ? 131 GLU A CG  1 
ATOM   1043 C CD  . GLU A 1 131 ? 10.213  14.368  0.274   0.00 23.17 ? 131 GLU A CD  1 
ATOM   1044 O OE1 . GLU A 1 131 ? 11.124  14.171  1.107   0.00 22.93 ? 131 GLU A OE1 1 
ATOM   1045 O OE2 . GLU A 1 131 ? 10.235  13.887  -0.879  0.00 22.42 ? 131 GLU A OE2 1 
ATOM   1046 N N   . TYR A 1 132 ? 5.730   14.044  0.888   0.00 25.18 ? 132 TYR A N   1 
ATOM   1047 C CA  . TYR A 1 132 ? 4.702   13.673  -0.087  0.00 24.65 ? 132 TYR A CA  1 
ATOM   1048 C C   . TYR A 1 132 ? 4.185   12.315  0.375   0.00 25.14 ? 132 TYR A C   1 
ATOM   1049 O O   . TYR A 1 132 ? 3.988   12.118  1.568   0.00 25.13 ? 132 TYR A O   1 
ATOM   1050 C CB  . TYR A 1 132 ? 5.309   13.529  -1.487  0.00 21.63 ? 132 TYR A CB  1 
ATOM   1051 C CG  . TYR A 1 132 ? 5.777   14.812  -2.140  0.00 19.45 ? 132 TYR A CG  1 
ATOM   1052 C CD1 . TYR A 1 132 ? 4.866   15.699  -2.715  0.00 17.51 ? 132 TYR A CD1 1 
ATOM   1053 C CD2 . TYR A 1 132 ? 7.133   15.105  -2.241  0.00 17.23 ? 132 TYR A CD2 1 
ATOM   1054 C CE1 . TYR A 1 132 ? 5.299   16.838  -3.385  0.00 16.33 ? 132 TYR A CE1 1 
ATOM   1055 C CE2 . TYR A 1 132 ? 7.577   16.237  -2.907  0.00 16.15 ? 132 TYR A CE2 1 
ATOM   1056 C CZ  . TYR A 1 132 ? 6.658   17.102  -3.477  0.00 16.32 ? 132 TYR A CZ  1 
ATOM   1057 O OH  . TYR A 1 132 ? 7.108   18.219  -4.146  0.00 16.06 ? 132 TYR A OH  1 
ATOM   1058 N N   . GLY A 1 133 ? 3.942   11.404  -0.577  0.00 25.81 ? 133 GLY A N   1 
ATOM   1059 C CA  . GLY A 1 133 ? 3.515   10.038  -0.260  0.00 26.95 ? 133 GLY A CA  1 
ATOM   1060 C C   . GLY A 1 133 ? 4.645   9.080   0.059   0.00 28.02 ? 133 GLY A C   1 
ATOM   1061 O O   . GLY A 1 133 ? 4.431   7.872   0.239   0.00 27.88 ? 133 GLY A O   1 
ATOM   1062 N N   . GLY A 1 134 ? 5.856   9.603   -0.014  0.00 29.06 ? 134 GLY A N   1 
ATOM   1063 C CA  . GLY A 1 134 ? 7.052   8.831   0.277   0.00 30.41 ? 134 GLY A CA  1 
ATOM   1064 C C   . GLY A 1 134 ? 8.324   9.567   -0.166  0.00 31.58 ? 134 GLY A C   1 
ATOM   1065 O O   . GLY A 1 134 ? 8.425   10.780  0.109   0.00 31.44 ? 134 GLY A O   1 
ATOM   1066 N N   . SER A 1 135 ? 9.254   8.853   -0.818  0.00 33.09 ? 135 SER A N   1 
ATOM   1067 C CA  . SER A 1 135 ? 10.499  9.428   -1.410  0.00 35.24 ? 135 SER A CA  1 
ATOM   1068 C C   . SER A 1 135 ? 11.871  9.660   -0.727  0.00 37.77 ? 135 SER A C   1 
ATOM   1069 O O   . SER A 1 135 ? 11.946  9.820   0.502   0.00 36.98 ? 135 SER A O   1 
ATOM   1070 C CB  . SER A 1 135 ? 10.087  10.733  -2.079  0.00 33.74 ? 135 SER A CB  1 
ATOM   1071 O OG  . SER A 1 135 ? 11.010  11.065  -3.094  0.00 31.39 ? 135 SER A OG  1 
ATOM   1072 N N   . GLY A 1 136 ? 12.916  9.669   -1.559  0.00 41.27 ? 136 GLY A N   1 
ATOM   1073 C CA  . GLY A 1 136 ? 14.303  9.942   -1.177  0.00 46.65 ? 136 GLY A CA  1 
ATOM   1074 C C   . GLY A 1 136 ? 15.369  9.386   -2.140  0.00 51.72 ? 136 GLY A C   1 
ATOM   1075 O O   . GLY A 1 136 ? 15.126  8.353   -2.724  0.00 51.12 ? 136 GLY A O   1 
ATOM   1076 N N   . LYS A 1 137 ? 16.522  10.057  -2.363  1.00 58.80 ? 137 LYS A N   1 
ATOM   1077 C CA  . LYS A 1 137 ? 17.564  9.431   -3.210  1.00 63.66 ? 137 LYS A CA  1 
ATOM   1078 C C   . LYS A 1 137 ? 18.206  8.312   -2.429  1.00 67.65 ? 137 LYS A C   1 
ATOM   1079 O O   . LYS A 1 137 ? 19.403  8.405   -2.082  1.00 70.32 ? 137 LYS A O   1 
ATOM   1080 C CB  . LYS A 1 137 ? 18.608  10.362  -3.792  0.00 55.63 ? 137 LYS A CB  1 
ATOM   1081 C CG  . LYS A 1 137 ? 19.557  9.601   -4.723  0.00 47.32 ? 137 LYS A CG  1 
ATOM   1082 C CD  . LYS A 1 137 ? 19.097  9.636   -6.170  0.00 40.97 ? 137 LYS A CD  1 
ATOM   1083 C CE  . LYS A 1 137 ? 19.911  10.663  -6.918  0.00 38.42 ? 137 LYS A CE  1 
ATOM   1084 N NZ  . LYS A 1 137 ? 19.546  10.748  -8.349  0.00 37.10 ? 137 LYS A NZ  1 
ATOM   1085 N N   . THR A 1 138 ? 17.267  7.425   -2.278  1.00 68.43 ? 138 THR A N   1 
ATOM   1086 C CA  . THR A 1 138 ? 17.254  6.166   -1.587  1.00 66.80 ? 138 THR A CA  1 
ATOM   1087 C C   . THR A 1 138 ? 17.554  6.257   -0.122  1.00 63.85 ? 138 THR A C   1 
ATOM   1088 O O   . THR A 1 138 ? 18.704  6.476   0.300   1.00 67.60 ? 138 THR A O   1 
ATOM   1089 C CB  . THR A 1 138 ? 17.949  5.034   -2.313  1.00 69.86 ? 138 THR A CB  1 
ATOM   1090 O OG1 . THR A 1 138 ? 17.009  4.528   -3.297  1.00 75.11 ? 138 THR A OG1 1 
ATOM   1091 C CG2 . THR A 1 138 ? 18.288  3.897   -1.351  1.00 65.72 ? 138 THR A CG2 1 
ATOM   1092 N N   . PHE A 1 139 ? 16.407  6.085   0.490   1.00 55.18 ? 139 PHE A N   1 
ATOM   1093 C CA  . PHE A 1 139 ? 16.244  5.943   1.872   1.00 47.63 ? 139 PHE A CA  1 
ATOM   1094 C C   . PHE A 1 139 ? 17.156  4.825   2.267   1.00 43.90 ? 139 PHE A C   1 
ATOM   1095 O O   . PHE A 1 139 ? 17.325  3.860   1.522   1.00 42.11 ? 139 PHE A O   1 
ATOM   1096 C CB  . PHE A 1 139 ? 14.759  5.655   2.110   1.00 39.87 ? 139 PHE A CB  1 
ATOM   1097 C CG  . PHE A 1 139 ? 14.438  5.174   3.478   1.00 35.21 ? 139 PHE A CG  1 
ATOM   1098 C CD1 . PHE A 1 139 ? 14.509  3.828   3.791   1.00 29.02 ? 139 PHE A CD1 1 
ATOM   1099 C CD2 . PHE A 1 139 ? 14.063  6.078   4.447   1.00 32.07 ? 139 PHE A CD2 1 
ATOM   1100 C CE1 . PHE A 1 139 ? 14.224  3.396   5.071   1.00 28.35 ? 139 PHE A CE1 1 
ATOM   1101 C CE2 . PHE A 1 139 ? 13.773  5.656   5.723   1.00 29.92 ? 139 PHE A CE2 1 
ATOM   1102 C CZ  . PHE A 1 139 ? 13.857  4.313   6.040   1.00 30.59 ? 139 PHE A CZ  1 
ATOM   1103 N N   . ASP A 1 140 ? 17.767  4.915   3.408   1.00 40.67 ? 140 ASP A N   1 
ATOM   1104 C CA  . ASP A 1 140 ? 18.676  3.857   3.782   1.00 37.87 ? 140 ASP A CA  1 
ATOM   1105 C C   . ASP A 1 140 ? 17.904  2.578   4.155   1.00 34.72 ? 140 ASP A C   1 
ATOM   1106 O O   . ASP A 1 140 ? 17.649  2.304   5.332   1.00 34.94 ? 140 ASP A O   1 
ATOM   1107 C CB  . ASP A 1 140 ? 19.586  4.294   4.921   1.00 37.64 ? 140 ASP A CB  1 
ATOM   1108 C CG  . ASP A 1 140 ? 20.680  3.306   5.169   1.00 41.84 ? 140 ASP A CG  1 
ATOM   1109 O OD1 . ASP A 1 140 ? 21.083  2.642   4.189   1.00 43.80 ? 140 ASP A OD1 1 
ATOM   1110 O OD2 . ASP A 1 140 ? 21.114  3.188   6.343   1.00 56.32 ? 140 ASP A OD2 1 
ATOM   1111 N N   . TRP A 1 141 ? 17.537  1.800   3.143   1.00 31.25 ? 141 TRP A N   1 
ATOM   1112 C CA  . TRP A 1 141 ? 16.784  0.564   3.328   1.00 30.72 ? 141 TRP A CA  1 
ATOM   1113 C C   . TRP A 1 141 ? 17.388  -0.343  4.393   1.00 28.60 ? 141 TRP A C   1 
ATOM   1114 O O   . TRP A 1 141 ? 16.670  -1.023  5.122   1.00 28.15 ? 141 TRP A O   1 
ATOM   1115 C CB  . TRP A 1 141 ? 16.693  -0.196  1.992   1.00 30.83 ? 141 TRP A CB  1 
ATOM   1116 C CG  . TRP A 1 141 ? 15.992  0.586   0.931   1.00 27.98 ? 141 TRP A CG  1 
ATOM   1117 C CD1 . TRP A 1 141 ? 16.526  1.075   -0.243  1.00 26.40 ? 141 TRP A CD1 1 
ATOM   1118 C CD2 . TRP A 1 141 ? 14.651  1.068   0.997   1.00 20.02 ? 141 TRP A CD2 1 
ATOM   1119 N NE1 . TRP A 1 141 ? 15.586  1.854   -0.892  1.00 30.51 ? 141 TRP A NE1 1 
ATOM   1120 C CE2 . TRP A 1 141 ? 14.433  1.860   -0.161  1.00 26.87 ? 141 TRP A CE2 1 
ATOM   1121 C CE3 . TRP A 1 141 ? 13.606  0.898   1.913   1.00 29.89 ? 141 TRP A CE3 1 
ATOM   1122 C CZ2 . TRP A 1 141 ? 13.217  2.489   -0.402  1.00 28.78 ? 141 TRP A CZ2 1 
ATOM   1123 C CZ3 . TRP A 1 141 ? 12.400  1.521   1.668   1.00 32.92 ? 141 TRP A CZ3 1 
ATOM   1124 C CH2 . TRP A 1 141 ? 12.212  2.305   0.513   1.00 29.27 ? 141 TRP A CH2 1 
ATOM   1125 N N   . SER A 1 142 ? 18.710  -0.317  4.515   1.00 29.32 ? 142 SER A N   1 
ATOM   1126 C CA  . SER A 1 142 ? 19.405  -1.167  5.474   1.00 27.55 ? 142 SER A CA  1 
ATOM   1127 C C   . SER A 1 142 ? 19.042  -0.915  6.930   1.00 27.43 ? 142 SER A C   1 
ATOM   1128 O O   . SER A 1 142 ? 19.190  -1.813  7.749   1.00 29.41 ? 142 SER A O   1 
ATOM   1129 C CB  . SER A 1 142 ? 20.920  -1.075  5.285   1.00 30.61 ? 142 SER A CB  1 
ATOM   1130 O OG  . SER A 1 142 ? 21.380  0.216   5.625   1.00 32.15 ? 142 SER A OG  1 
ATOM   1131 N N   . LEU A 1 143 ? 18.522  0.264   7.261   1.00 26.87 ? 143 LEU A N   1 
ATOM   1132 C CA  . LEU A 1 143 ? 18.171  0.528   8.655   1.00 29.00 ? 143 LEU A CA  1 
ATOM   1133 C C   . LEU A 1 143 ? 16.971  -0.295  9.141   1.00 31.44 ? 143 LEU A C   1 
ATOM   1134 O O   . LEU A 1 143 ? 16.770  -0.476  10.342  1.00 31.63 ? 143 LEU A O   1 
ATOM   1135 C CB  . LEU A 1 143 ? 17.957  2.025   8.880   1.00 29.49 ? 143 LEU A CB  1 
ATOM   1136 C CG  . LEU A 1 143 ? 16.647  2.715   8.552   1.00 30.95 ? 143 LEU A CG  1 
ATOM   1137 C CD1 . LEU A 1 143 ? 15.668  2.501   9.705   1.00 34.25 ? 143 LEU A CD1 1 
ATOM   1138 C CD2 . LEU A 1 143 ? 16.919  4.213   8.370   1.00 35.77 ? 143 LEU A CD2 1 
ATOM   1139 N N   . ILE A 1 144 ? 16.190  -0.810  8.195   1.00 29.43 ? 144 ILE A N   1 
ATOM   1140 C CA  . ILE A 1 144 ? 15.019  -1.634  8.492   1.00 28.03 ? 144 ILE A CA  1 
ATOM   1141 C C   . ILE A 1 144 ? 15.437  -3.092  8.763   1.00 27.00 ? 144 ILE A C   1 
ATOM   1142 O O   . ILE A 1 144 ? 14.811  -3.800  9.558   1.00 26.52 ? 144 ILE A O   1 
ATOM   1143 C CB  . ILE A 1 144 ? 14.049  -1.604  7.274   1.00 26.83 ? 144 ILE A CB  1 
ATOM   1144 C CG1 . ILE A 1 144 ? 13.495  -0.191  7.081   1.00 25.45 ? 144 ILE A CG1 1 
ATOM   1145 C CG2 . ILE A 1 144 ? 12.938  -2.636  7.425   1.00 25.84 ? 144 ILE A CG2 1 
ATOM   1146 C CD1 . ILE A 1 144 ? 12.952  0.077   5.687   1.00 30.79 ? 144 ILE A CD1 1 
ATOM   1147 N N   . LEU A 1 145 ? 16.531  -3.507  8.130   1.00 27.27 ? 145 LEU A N   1 
ATOM   1148 C CA  . LEU A 1 145 ? 17.045  -4.869  8.232   1.00 29.19 ? 145 LEU A CA  1 
ATOM   1149 C C   . LEU A 1 145 ? 17.096  -5.515  9.610   1.00 30.29 ? 145 LEU A C   1 
ATOM   1150 O O   . LEU A 1 145 ? 16.596  -6.629  9.784   1.00 30.57 ? 145 LEU A O   1 
ATOM   1151 C CB  . LEU A 1 145 ? 18.418  -4.976  7.575   1.00 32.01 ? 145 LEU A CB  1 
ATOM   1152 C CG  . LEU A 1 145 ? 18.568  -5.962  6.420   1.00 40.23 ? 145 LEU A CG  1 
ATOM   1153 C CD1 . LEU A 1 145 ? 20.038  -6.279  6.252   1.00 38.43 ? 145 LEU A CD1 1 
ATOM   1154 C CD2 . LEU A 1 145 ? 17.794  -7.245  6.706   1.00 41.87 ? 145 LEU A CD2 1 
ATOM   1155 N N   . PRO A 1 146 ? 17.716  -4.849  10.604  1.00 27.94 ? 146 PRO A N   1 
ATOM   1156 C CA  . PRO A 1 146 ? 17.760  -5.484  11.924  1.00 27.53 ? 146 PRO A CA  1 
ATOM   1157 C C   . PRO A 1 146 ? 16.412  -5.748  12.589  1.00 26.04 ? 146 PRO A C   1 
ATOM   1158 O O   . PRO A 1 146 ? 16.338  -6.486  13.567  1.00 28.50 ? 146 PRO A O   1 
ATOM   1159 C CB  . PRO A 1 146 ? 18.675  -4.544  12.740  1.00 23.62 ? 146 PRO A CB  1 
ATOM   1160 C CG  . PRO A 1 146 ? 18.632  -3.258  12.002  1.00 28.19 ? 146 PRO A CG  1 
ATOM   1161 C CD  . PRO A 1 146 ? 18.598  -3.670  10.562  1.00 25.11 ? 146 PRO A CD  1 
ATOM   1162 N N   . TYR A 1 147 ? 15.351  -5.150  12.061  1.00 26.88 ? 147 TYR A N   1 
ATOM   1163 C CA  . TYR A 1 147 ? 14.015  -5.351  12.603  1.00 26.76 ? 147 TYR A CA  1 
ATOM   1164 C C   . TYR A 1 147 ? 13.187  -6.309  11.767  1.00 27.05 ? 147 TYR A C   1 
ATOM   1165 O O   . TYR A 1 147 ? 12.103  -6.711  12.195  1.00 26.06 ? 147 TYR A O   1 
ATOM   1166 C CB  . TYR A 1 147 ? 13.252  -4.041  12.636  1.00 27.16 ? 147 TYR A CB  1 
ATOM   1167 C CG  . TYR A 1 147 ? 13.884  -2.991  13.486  1.00 26.39 ? 147 TYR A CG  1 
ATOM   1168 C CD1 . TYR A 1 147 ? 13.587  -2.904  14.840  1.00 28.00 ? 147 TYR A CD1 1 
ATOM   1169 C CD2 . TYR A 1 147 ? 14.749  -2.062  12.934  1.00 23.80 ? 147 TYR A CD2 1 
ATOM   1170 C CE1 . TYR A 1 147 ? 14.132  -1.922  15.617  1.00 25.47 ? 147 TYR A CE1 1 
ATOM   1171 C CE2 . TYR A 1 147 ? 15.301  -1.077  13.701  1.00 28.14 ? 147 TYR A CE2 1 
ATOM   1172 C CZ  . TYR A 1 147 ? 14.986  -1.014  15.042  1.00 25.83 ? 147 TYR A CZ  1 
ATOM   1173 O OH  . TYR A 1 147 ? 15.552  -0.046  15.821  1.00 28.69 ? 147 TYR A OH  1 
ATOM   1174 N N   . ARG A 1 148 ? 13.675  -6.636  10.569  1.00 26.99 ? 148 ARG A N   1 
ATOM   1175 C CA  . ARG A 1 148 ? 12.937  -7.501  9.646   1.00 30.41 ? 148 ARG A CA  1 
ATOM   1176 C C   . ARG A 1 148 ? 12.249  -8.743  10.215  1.00 30.95 ? 148 ARG A C   1 
ATOM   1177 O O   . ARG A 1 148 ? 11.031  -8.879  10.074  1.00 33.93 ? 148 ARG A O   1 
ATOM   1178 C CB  . ARG A 1 148 ? 13.775  -7.907  8.442   1.00 31.87 ? 148 ARG A CB  1 
ATOM   1179 C CG  . ARG A 1 148 ? 12.929  -8.558  7.337   1.00 39.98 ? 148 ARG A CG  1 
ATOM   1180 C CD  . ARG A 1 148 ? 13.720  -9.587  6.590   1.00 34.86 ? 148 ARG A CD  1 
ATOM   1181 N NE  . ARG A 1 148 ? 12.931  -10.281 5.583   1.00 41.27 ? 148 ARG A NE  1 
ATOM   1182 C CZ  . ARG A 1 148 ? 12.278  -11.420 5.796   1.00 39.87 ? 148 ARG A CZ  1 
ATOM   1183 N NH1 . ARG A 1 148 ? 12.265  -11.980 6.995   1.00 37.36 ? 148 ARG A NH1 1 
ATOM   1184 N NH2 . ARG A 1 148 ? 11.605  -11.994 4.809   1.00 42.01 ? 148 ARG A NH2 1 
ATOM   1185 N N   . ASP A 1 149 ? 12.985  -9.624  10.885  1.00 29.07 ? 149 ASP A N   1 
ATOM   1186 C CA  . ASP A 1 149 ? 12.377  -10.840 11.421  1.00 27.92 ? 149 ASP A CA  1 
ATOM   1187 C C   . ASP A 1 149 ? 11.447  -10.675 12.645  1.00 27.31 ? 149 ASP A C   1 
ATOM   1188 O O   . ASP A 1 149 ? 10.915  -11.659 13.165  1.00 26.51 ? 149 ASP A O   1 
ATOM   1189 C CB  . ASP A 1 149 ? 13.453  -11.912 11.637  1.00 29.36 ? 149 ASP A CB  1 
ATOM   1190 C CG  . ASP A 1 149 ? 14.215  -12.242 10.349  1.00 33.66 ? 149 ASP A CG  1 
ATOM   1191 O OD1 . ASP A 1 149 ? 13.642  -12.092 9.253   1.00 35.51 ? 149 ASP A OD1 1 
ATOM   1192 O OD2 . ASP A 1 149 ? 15.395  -12.637 10.426  1.00 42.33 ? 149 ASP A OD2 1 
ATOM   1193 N N   . ARG A 1 150 ? 11.237  -9.438  13.094  1.00 26.31 ? 150 ARG A N   1 
ATOM   1194 C CA  . ARG A 1 150 ? 10.327  -9.172  14.208  1.00 27.12 ? 150 ARG A CA  1 
ATOM   1195 C C   . ARG A 1 150 ? 8.868   -9.119  13.709  1.00 26.86 ? 150 ARG A C   1 
ATOM   1196 O O   . ARG A 1 150 ? 7.926   -9.297  14.483  1.00 27.43 ? 150 ARG A O   1 
ATOM   1197 C CB  . ARG A 1 150 ? 10.677  -7.846  14.891  1.00 25.02 ? 150 ARG A CB  1 
ATOM   1198 C CG  . ARG A 1 150 ? 12.090  -7.769  15.393  1.00 24.40 ? 150 ARG A CG  1 
ATOM   1199 C CD  . ARG A 1 150 ? 12.348  -8.875  16.376  1.00 21.86 ? 150 ARG A CD  1 
ATOM   1200 N NE  . ARG A 1 150 ? 11.438  -8.775  17.503  1.00 26.35 ? 150 ARG A NE  1 
ATOM   1201 C CZ  . ARG A 1 150 ? 10.964  -9.817  18.178  1.00 28.25 ? 150 ARG A CZ  1 
ATOM   1202 N NH1 . ARG A 1 150 ? 11.295  -11.053 17.827  1.00 35.96 ? 150 ARG A NH1 1 
ATOM   1203 N NH2 . ARG A 1 150 ? 10.143  -9.624  19.197  1.00 25.89 ? 150 ARG A NH2 1 
ATOM   1204 N N   . PHE A 1 151 ? 8.694   -8.839  12.419  1.00 28.91 ? 151 PHE A N   1 
ATOM   1205 C CA  . PHE A 1 151 ? 7.375   -8.735  11.794  1.00 30.87 ? 151 PHE A CA  1 
ATOM   1206 C C   . PHE A 1 151 ? 6.976   -10.013 11.029  1.00 32.84 ? 151 PHE A C   1 
ATOM   1207 O O   . PHE A 1 151 ? 7.833   -10.755 10.551  1.00 35.69 ? 151 PHE A O   1 
ATOM   1208 C CB  . PHE A 1 151 ? 7.358   -7.531  10.839  1.00 25.37 ? 151 PHE A CB  1 
ATOM   1209 C CG  . PHE A 1 151 ? 7.673   -6.229  11.507  1.00 27.81 ? 151 PHE A CG  1 
ATOM   1210 C CD1 . PHE A 1 151 ? 6.702   -5.555  12.250  1.00 27.43 ? 151 PHE A CD1 1 
ATOM   1211 C CD2 . PHE A 1 151 ? 8.953   -5.692  11.431  1.00 28.84 ? 151 PHE A CD2 1 
ATOM   1212 C CE1 . PHE A 1 151 ? 7.003   -4.371  12.909  1.00 29.64 ? 151 PHE A CE1 1 
ATOM   1213 C CE2 . PHE A 1 151 ? 9.264   -4.509  12.085  1.00 30.29 ? 151 PHE A CE2 1 
ATOM   1214 C CZ  . PHE A 1 151 ? 8.289   -3.846  12.828  1.00 29.42 ? 151 PHE A CZ  1 
ATOM   1215 N N   . ARG A 1 152 ? 5.679   -10.267 10.907  1.00 33.28 ? 152 ARG A N   1 
ATOM   1216 C CA  . ARG A 1 152 ? 5.213   -11.443 10.169  1.00 31.17 ? 152 ARG A CA  1 
ATOM   1217 C C   . ARG A 1 152 ? 5.380   -11.187 8.666   1.00 27.23 ? 152 ARG A C   1 
ATOM   1218 O O   . ARG A 1 152 ? 6.061   -11.935 7.967   1.00 27.63 ? 152 ARG A O   1 
ATOM   1219 C CB  . ARG A 1 152 ? 3.732   -11.693 10.447  1.00 38.34 ? 152 ARG A CB  1 
ATOM   1220 C CG  . ARG A 1 152 ? 3.297   -11.672 11.901  1.00 50.10 ? 152 ARG A CG  1 
ATOM   1221 C CD  . ARG A 1 152 ? 1.794   -11.399 11.942  1.00 60.82 ? 152 ARG A CD  1 
ATOM   1222 N NE  . ARG A 1 152 ? 1.034   -12.397 12.695  1.00 76.54 ? 152 ARG A NE  1 
ATOM   1223 C CZ  . ARG A 1 152 ? 0.713   -13.618 12.258  1.00 83.41 ? 152 ARG A CZ  1 
ATOM   1224 N NH1 . ARG A 1 152 ? 1.078   -14.048 11.051  1.00 78.88 ? 152 ARG A NH1 1 
ATOM   1225 N NH2 . ARG A 1 152 ? 0.001   -14.416 13.043  1.00 89.73 ? 152 ARG A NH2 1 
ATOM   1226 N N   . TYR A 1 153 ? 4.729   -10.130 8.181   1.00 23.81 ? 153 TYR A N   1 
ATOM   1227 C CA  . TYR A 1 153 ? 4.773   -9.773  6.770   1.00 25.40 ? 153 TYR A CA  1 
ATOM   1228 C C   . TYR A 1 153 ? 5.004   -8.285  6.652   1.00 24.72 ? 153 TYR A C   1 
ATOM   1229 O O   . TYR A 1 153 ? 4.358   -7.491  7.333   1.00 27.53 ? 153 TYR A O   1 
ATOM   1230 C CB  . TYR A 1 153 ? 3.470   -10.167 6.058   1.00 23.61 ? 153 TYR A CB  1 
ATOM   1231 C CG  . TYR A 1 153 ? 3.169   -11.648 6.132   1.00 22.29 ? 153 TYR A CG  1 
ATOM   1232 C CD1 . TYR A 1 153 ? 3.892   -12.562 5.369   1.00 23.30 ? 153 TYR A CD1 1 
ATOM   1233 C CD2 . TYR A 1 153 ? 2.190   -12.137 7.001   1.00 22.43 ? 153 TYR A CD2 1 
ATOM   1234 C CE1 . TYR A 1 153 ? 3.649   -13.929 5.471   1.00 27.01 ? 153 TYR A CE1 1 
ATOM   1235 C CE2 . TYR A 1 153 ? 1.938   -13.499 7.111   1.00 24.51 ? 153 TYR A CE2 1 
ATOM   1236 C CZ  . TYR A 1 153 ? 2.677   -14.391 6.347   1.00 27.10 ? 153 TYR A CZ  1 
ATOM   1237 O OH  . TYR A 1 153 ? 2.462   -15.749 6.479   1.00 36.44 ? 153 TYR A OH  1 
ATOM   1238 N N   . LEU A 1 154 ? 5.908   -7.920  5.754   1.00 24.02 ? 154 LEU A N   1 
ATOM   1239 C CA  . LEU A 1 154 ? 6.285   -6.537  5.550   1.00 24.56 ? 154 LEU A CA  1 
ATOM   1240 C C   . LEU A 1 154 ? 6.074   -6.076  4.120   1.00 20.21 ? 154 LEU A C   1 
ATOM   1241 O O   . LEU A 1 154 ? 6.479   -6.745  3.168   1.00 23.35 ? 154 LEU A O   1 
ATOM   1242 C CB  . LEU A 1 154 ? 7.774   -6.411  5.893   1.00 30.51 ? 154 LEU A CB  1 
ATOM   1243 C CG  . LEU A 1 154 ? 8.382   -5.306  6.738   1.00 32.79 ? 154 LEU A CG  1 
ATOM   1244 C CD1 . LEU A 1 154 ? 7.483   -4.937  7.904   1.00 30.53 ? 154 LEU A CD1 1 
ATOM   1245 C CD2 . LEU A 1 154 ? 9.729   -5.820  7.231   1.00 30.26 ? 154 LEU A CD2 1 
ATOM   1246 N N   . VAL A 1 155 ? 5.463   -4.911  3.986   1.00 19.82 ? 155 VAL A N   1 
ATOM   1247 C CA  . VAL A 1 155 ? 5.228   -4.282  2.698   1.00 22.00 ? 155 VAL A CA  1 
ATOM   1248 C C   . VAL A 1 155 ? 6.076   -3.016  2.682   1.00 22.35 ? 155 VAL A C   1 
ATOM   1249 O O   . VAL A 1 155 ? 5.887   -2.133  3.515   1.00 24.86 ? 155 VAL A O   1 
ATOM   1250 C CB  . VAL A 1 155 ? 3.779   -3.832  2.548   1.00 15.72 ? 155 VAL A CB  1 
ATOM   1251 C CG1 . VAL A 1 155 ? 3.572   -3.300  1.152   1.00 20.05 ? 155 VAL A CG1 1 
ATOM   1252 C CG2 . VAL A 1 155 ? 2.840   -4.968  2.879   1.00 16.32 ? 155 VAL A CG2 1 
ATOM   1253 N N   . LEU A 1 156 ? 7.010   -2.932  1.753   1.00 23.24 ? 156 LEU A N   1 
ATOM   1254 C CA  . LEU A 1 156 ? 7.870   -1.773  1.635   1.00 25.10 ? 156 LEU A CA  1 
ATOM   1255 C C   . LEU A 1 156 ? 7.133   -0.718  0.810   1.00 27.98 ? 156 LEU A C   1 
ATOM   1256 O O   . LEU A 1 156 ? 6.543   -1.044  -0.223  1.00 26.90 ? 156 LEU A O   1 
ATOM   1257 C CB  . LEU A 1 156 ? 9.142   -2.179  0.914   1.00 28.10 ? 156 LEU A CB  1 
ATOM   1258 C CG  . LEU A 1 156 ? 10.466  -1.712  1.484   1.00 38.17 ? 156 LEU A CG  1 
ATOM   1259 C CD1 . LEU A 1 156 ? 10.605  -2.199  2.926   1.00 39.34 ? 156 LEU A CD1 1 
ATOM   1260 C CD2 . LEU A 1 156 ? 11.571  -2.280  0.611   1.00 34.68 ? 156 LEU A CD2 1 
ATOM   1261 N N   . SER A 1 157 ? 7.176   0.538   1.252   1.00 25.31 ? 157 SER A N   1 
ATOM   1262 C CA  . SER A 1 157 ? 6.504   1.631   0.556   1.00 25.51 ? 157 SER A CA  1 
ATOM   1263 C C   . SER A 1 157 ? 7.243   2.974   0.715   1.00 29.50 ? 157 SER A C   1 
ATOM   1264 O O   . SER A 1 157 ? 8.045   3.156   1.636   1.00 28.67 ? 157 SER A O   1 
ATOM   1265 C CB  . SER A 1 157 ? 5.077   1.767   1.083   1.00 20.79 ? 157 SER A CB  1 
ATOM   1266 O OG  . SER A 1 157 ? 4.330   2.697   0.321   1.00 22.45 ? 157 SER A OG  1 
ATOM   1267 N N   . GLY A 1 158 ? 6.937   3.916   -0.180  1.00 30.24 ? 158 GLY A N   1 
ATOM   1268 C CA  . GLY A 1 158 ? 7.534   5.246   -0.124  1.00 27.52 ? 158 GLY A CA  1 
ATOM   1269 C C   . GLY A 1 158 ? 8.704   5.509   -1.054  1.00 26.78 ? 158 GLY A C   1 
ATOM   1270 O O   . GLY A 1 158 ? 9.797   5.000   -0.859  1.00 30.30 ? 158 GLY A O   1 
ATOM   1271 N N   . GLY A 1 159 ? 8.476   6.294   -2.096  1.00 25.99 ? 159 GLY A N   1 
ATOM   1272 C CA  . GLY A 1 159 ? 9.546   6.593   -3.036  1.00 27.88 ? 159 GLY A CA  1 
ATOM   1273 C C   . GLY A 1 159 ? 10.065  5.470   -3.921  1.00 29.23 ? 159 GLY A C   1 
ATOM   1274 O O   . GLY A 1 159 ? 11.142  5.595   -4.514  1.00 30.78 ? 159 GLY A O   1 
ATOM   1275 N N   . LEU A 1 160 ? 9.336   4.362   -4.007  1.00 28.80 ? 160 LEU A N   1 
ATOM   1276 C CA  . LEU A 1 160 ? 9.775   3.276   -4.863  1.00 27.09 ? 160 LEU A CA  1 
ATOM   1277 C C   . LEU A 1 160 ? 9.375   3.659   -6.291  1.00 26.54 ? 160 LEU A C   1 
ATOM   1278 O O   . LEU A 1 160 ? 8.375   4.351   -6.508  1.00 26.62 ? 160 LEU A O   1 
ATOM   1279 C CB  . LEU A 1 160 ? 9.147   1.951   -4.406  1.00 26.94 ? 160 LEU A CB  1 
ATOM   1280 C CG  . LEU A 1 160 ? 9.617   1.500   -3.019  1.00 27.19 ? 160 LEU A CG  1 
ATOM   1281 C CD1 . LEU A 1 160 ? 8.887   0.250   -2.612  1.00 30.04 ? 160 LEU A CD1 1 
ATOM   1282 C CD2 . LEU A 1 160 ? 11.124  1.254   -3.023  1.00 31.79 ? 160 LEU A CD2 1 
ATOM   1283 N N   . ASN A 1 161 ? 10.237  3.355   -7.245  1.00 24.78 ? 161 ASN A N   1 
ATOM   1284 C CA  . ASN A 1 161 ? 9.953   3.662   -8.628  1.00 25.85 ? 161 ASN A CA  1 
ATOM   1285 C C   . ASN A 1 161 ? 10.645  2.573   -9.429  1.00 26.05 ? 161 ASN A C   1 
ATOM   1286 O O   . ASN A 1 161 ? 11.366  1.746   -8.860  1.00 26.06 ? 161 ASN A O   1 
ATOM   1287 C CB  . ASN A 1 161 ? 10.468  5.061   -9.005  1.00 28.59 ? 161 ASN A CB  1 
ATOM   1288 C CG  . ASN A 1 161 ? 11.986  5.213   -8.853  1.00 27.24 ? 161 ASN A CG  1 
ATOM   1289 O OD1 . ASN A 1 161 ? 12.772  4.367   -9.261  1.00 32.41 ? 161 ASN A OD1 1 
ATOM   1290 N ND2 . ASN A 1 161 ? 12.389  6.330   -8.306  1.00 32.29 ? 161 ASN A ND2 1 
ATOM   1291 N N   . PRO A 1 162 ? 10.452  2.550   -10.755 1.00 26.39 ? 162 PRO A N   1 
ATOM   1292 C CA  . PRO A 1 162 ? 11.101  1.512   -11.559 1.00 27.65 ? 162 PRO A CA  1 
ATOM   1293 C C   . PRO A 1 162 ? 12.618  1.357   -11.385 1.00 29.61 ? 162 PRO A C   1 
ATOM   1294 O O   . PRO A 1 162 ? 13.128  0.231   -11.422 1.00 30.11 ? 162 PRO A O   1 
ATOM   1295 C CB  . PRO A 1 162 ? 10.753  1.929   -12.978 1.00 26.42 ? 162 PRO A CB  1 
ATOM   1296 C CG  . PRO A 1 162 ? 9.395   2.520   -12.814 1.00 25.81 ? 162 PRO A CG  1 
ATOM   1297 C CD  . PRO A 1 162 ? 9.563   3.379   -11.592 1.00 25.96 ? 162 PRO A CD  1 
ATOM   1298 N N   . GLU A 1 163 ? 13.332  2.464   -11.173 1.00 28.80 ? 163 GLU A N   1 
ATOM   1299 C CA  . GLU A 1 163 ? 14.782  2.407   -11.054 1.00 29.37 ? 163 GLU A CA  1 
ATOM   1300 C C   . GLU A 1 163 ? 15.308  1.940   -9.719  1.00 29.46 ? 163 GLU A C   1 
ATOM   1301 O O   . GLU A 1 163 ? 16.402  1.405   -9.650  1.00 30.94 ? 163 GLU A O   1 
ATOM   1302 C CB  . GLU A 1 163 ? 15.429  3.757   -11.386 1.00 35.75 ? 163 GLU A CB  1 
ATOM   1303 C CG  . GLU A 1 163 ? 15.356  4.186   -12.844 1.00 50.91 ? 163 GLU A CG  1 
ATOM   1304 C CD  . GLU A 1 163 ? 13.947  4.603   -13.269 1.00 71.37 ? 163 GLU A CD  1 
ATOM   1305 O OE1 . GLU A 1 163 ? 13.243  5.276   -12.471 1.00 75.15 ? 163 GLU A OE1 1 
ATOM   1306 O OE2 . GLU A 1 163 ? 13.541  4.245   -14.402 1.00 74.90 ? 163 GLU A OE2 1 
ATOM   1307 N N   . ASN A 1 164 ? 14.541  2.092   -8.651  1.00 31.52 ? 164 ASN A N   1 
ATOM   1308 C CA  . ASN A 1 164 ? 15.067  1.687   -7.355  1.00 31.25 ? 164 ASN A CA  1 
ATOM   1309 C C   . ASN A 1 164 ? 14.447  0.485   -6.640  1.00 33.28 ? 164 ASN A C   1 
ATOM   1310 O O   . ASN A 1 164 ? 14.963  0.084   -5.592  1.00 35.36 ? 164 ASN A O   1 
ATOM   1311 C CB  . ASN A 1 164 ? 15.076  2.887   -6.406  1.00 22.77 ? 164 ASN A CB  1 
ATOM   1312 C CG  . ASN A 1 164 ? 13.685  3.339   -6.033  1.00 31.17 ? 164 ASN A CG  1 
ATOM   1313 O OD1 . ASN A 1 164 ? 12.719  2.594   -6.171  1.00 40.09 ? 164 ASN A OD1 1 
ATOM   1314 N ND2 . ASN A 1 164 ? 13.571  4.565   -5.556  1.00 32.97 ? 164 ASN A ND2 1 
ATOM   1315 N N   . VAL A 1 165 ? 13.378  -0.108  -7.182  1.00 33.60 ? 165 VAL A N   1 
ATOM   1316 C CA  . VAL A 1 165 ? 12.737  -1.252  -6.495  1.00 31.07 ? 165 VAL A CA  1 
ATOM   1317 C C   . VAL A 1 165 ? 13.628  -2.439  -6.177  1.00 28.61 ? 165 VAL A C   1 
ATOM   1318 O O   . VAL A 1 165 ? 13.616  -2.926  -5.053  1.00 30.62 ? 165 VAL A O   1 
ATOM   1319 C CB  . VAL A 1 165 ? 11.502  -1.884  -7.224  1.00 30.21 ? 165 VAL A CB  1 
ATOM   1320 C CG1 . VAL A 1 165 ? 10.289  -1.774  -6.351  1.00 17.18 ? 165 VAL A CG1 1 
ATOM   1321 C CG2 . VAL A 1 165 ? 11.304  -1.348  -8.618  1.00 22.47 ? 165 VAL A CG2 1 
ATOM   1322 N N   . ARG A 1 166 ? 14.338  -2.945  -7.182  1.00 30.22 ? 166 ARG A N   1 
ATOM   1323 C CA  . ARG A 1 166 ? 15.206  -4.111  -7.018  1.00 31.28 ? 166 ARG A CA  1 
ATOM   1324 C C   . ARG A 1 166 ? 16.178  -3.964  -5.863  1.00 30.92 ? 166 ARG A C   1 
ATOM   1325 O O   . ARG A 1 166 ? 16.367  -4.901  -5.095  1.00 31.36 ? 166 ARG A O   1 
ATOM   1326 C CB  . ARG A 1 166 ? 15.986  -4.382  -8.301  1.00 37.53 ? 166 ARG A CB  1 
ATOM   1327 C CG  . ARG A 1 166 ? 15.676  -5.704  -8.968  1.00 47.85 ? 166 ARG A CG  1 
ATOM   1328 C CD  . ARG A 1 166 ? 15.863  -6.894  -8.031  1.00 57.29 ? 166 ARG A CD  1 
ATOM   1329 N NE  . ARG A 1 166 ? 14.595  -7.512  -7.623  1.00 68.02 ? 166 ARG A NE  1 
ATOM   1330 C CZ  . ARG A 1 166 ? 14.171  -8.717  -8.018  1.00 74.11 ? 166 ARG A CZ  1 
ATOM   1331 N NH1 . ARG A 1 166 ? 14.895  -9.462  -8.853  1.00 79.24 ? 166 ARG A NH1 1 
ATOM   1332 N NH2 . ARG A 1 166 ? 13.027  -9.204  -7.544  1.00 73.67 ? 166 ARG A NH2 1 
ATOM   1333 N N   . SER A 1 167 ? 16.806  -2.794  -5.757  1.00 30.98 ? 167 SER A N   1 
ATOM   1334 C CA  . SER A 1 167 ? 17.756  -2.516  -4.687  1.00 28.53 ? 167 SER A CA  1 
ATOM   1335 C C   . SER A 1 167 ? 17.069  -2.595  -3.349  1.00 26.20 ? 167 SER A C   1 
ATOM   1336 O O   . SER A 1 167 ? 17.528  -3.321  -2.476  1.00 27.97 ? 167 SER A O   1 
ATOM   1337 C CB  . SER A 1 167 ? 18.366  -1.152  -4.886  1.00 33.44 ? 167 SER A CB  1 
ATOM   1338 O OG  . SER A 1 167 ? 19.006  -1.138  -6.149  1.00 48.81 ? 167 SER A OG  1 
ATOM   1339 N N   . ALA A 1 168 ? 15.934  -1.913  -3.214  1.00 24.12 ? 168 ALA A N   1 
ATOM   1340 C CA  . ALA A 1 168 ? 15.157  -1.945  -1.978  1.00 25.01 ? 168 ALA A CA  1 
ATOM   1341 C C   . ALA A 1 168 ? 14.790  -3.394  -1.581  1.00 28.95 ? 168 ALA A C   1 
ATOM   1342 O O   . ALA A 1 168 ? 14.899  -3.799  -0.409  1.00 28.52 ? 168 ALA A O   1 
ATOM   1343 C CB  . ALA A 1 168 ? 13.890  -1.120  -2.140  1.00 22.63 ? 168 ALA A CB  1 
ATOM   1344 N N   . ILE A 1 169 ? 14.374  -4.180  -2.569  1.00 29.16 ? 169 ILE A N   1 
ATOM   1345 C CA  . ILE A 1 169 ? 13.990  -5.570  -2.347  1.00 27.33 ? 169 ILE A CA  1 
ATOM   1346 C C   . ILE A 1 169 ? 15.189  -6.449  -1.988  1.00 27.04 ? 169 ILE A C   1 
ATOM   1347 O O   . ILE A 1 169 ? 15.082  -7.290  -1.100  1.00 25.11 ? 169 ILE A O   1 
ATOM   1348 C CB  . ILE A 1 169 ? 13.258  -6.145  -3.592  1.00 26.87 ? 169 ILE A CB  1 
ATOM   1349 C CG1 . ILE A 1 169 ? 11.957  -5.377  -3.826  1.00 22.84 ? 169 ILE A CG1 1 
ATOM   1350 C CG2 . ILE A 1 169 ? 12.989  -7.641  -3.406  1.00 23.36 ? 169 ILE A CG2 1 
ATOM   1351 C CD1 . ILE A 1 169 ? 11.267  -5.715  -5.120  1.00 24.16 ? 169 ILE A CD1 1 
ATOM   1352 N N   . ASP A 1 170 ? 16.323  -6.247  -2.660  1.00 29.09 ? 170 ASP A N   1 
ATOM   1353 C CA  . ASP A 1 170 ? 17.525  -7.042  -2.379  1.00 33.41 ? 170 ASP A CA  1 
ATOM   1354 C C   . ASP A 1 170 ? 17.936  -6.897  -0.938  1.00 30.74 ? 170 ASP A C   1 
ATOM   1355 O O   . ASP A 1 170 ? 18.286  -7.873  -0.284  1.00 33.08 ? 170 ASP A O   1 
ATOM   1356 C CB  . ASP A 1 170 ? 18.714  -6.618  -3.248  1.00 41.62 ? 170 ASP A CB  1 
ATOM   1357 C CG  . ASP A 1 170 ? 18.670  -7.210  -4.641  1.00 63.30 ? 170 ASP A CG  1 
ATOM   1358 O OD1 . ASP A 1 170 ? 18.187  -8.355  -4.797  1.00 70.67 ? 170 ASP A OD1 1 
ATOM   1359 O OD2 . ASP A 1 170 ? 19.138  -6.530  -5.584  1.00 75.23 ? 170 ASP A OD2 1 
ATOM   1360 N N   . VAL A 1 171 ? 17.879  -5.669  -0.444  1.00 29.81 ? 171 VAL A N   1 
ATOM   1361 C CA  . VAL A 1 171 ? 18.275  -5.381  0.928   1.00 30.27 ? 171 VAL A CA  1 
ATOM   1362 C C   . VAL A 1 171 ? 17.309  -5.957  1.956   1.00 28.00 ? 171 VAL A C   1 
ATOM   1363 O O   . VAL A 1 171 ? 17.676  -6.815  2.755   1.00 27.80 ? 171 VAL A O   1 
ATOM   1364 C CB  . VAL A 1 171 ? 18.429  -3.846  1.159   1.00 28.83 ? 171 VAL A CB  1 
ATOM   1365 C CG1 . VAL A 1 171 ? 18.790  -3.539  2.601   1.00 29.36 ? 171 VAL A CG1 1 
ATOM   1366 C CG2 . VAL A 1 171 ? 19.505  -3.299  0.240   1.00 29.88 ? 171 VAL A CG2 1 
ATOM   1367 N N   . VAL A 1 172 ? 16.060  -5.511  1.902   1.00 29.14 ? 172 VAL A N   1 
ATOM   1368 C CA  . VAL A 1 172 ? 15.054  -5.937  2.862   1.00 27.09 ? 172 VAL A CA  1 
ATOM   1369 C C   . VAL A 1 172 ? 14.419  -7.317  2.649   1.00 29.33 ? 172 VAL A C   1 
ATOM   1370 O O   . VAL A 1 172 ? 14.224  -8.054  3.613   1.00 30.38 ? 172 VAL A O   1 
ATOM   1371 C CB  . VAL A 1 172 ? 13.964  -4.859  2.985   1.00 25.81 ? 172 VAL A CB  1 
ATOM   1372 C CG1 . VAL A 1 172 ? 12.974  -5.241  4.057   1.00 28.60 ? 172 VAL A CG1 1 
ATOM   1373 C CG2 . VAL A 1 172 ? 14.599  -3.510  3.283   1.00 23.31 ? 172 VAL A CG2 1 
ATOM   1374 N N   . ARG A 1 173 ? 14.175  -7.685  1.387   1.00 28.61 ? 173 ARG A N   1 
ATOM   1375 C CA  . ARG A 1 173 ? 13.521  -8.950  1.020   1.00 27.74 ? 173 ARG A CA  1 
ATOM   1376 C C   . ARG A 1 173 ? 12.157  -8.961  1.711   1.00 25.87 ? 173 ARG A C   1 
ATOM   1377 O O   . ARG A 1 173 ? 11.884  -9.803  2.565   1.00 25.95 ? 173 ARG A O   1 
ATOM   1378 C CB  . ARG A 1 173 ? 14.381  -10.179 1.398   1.00 23.90 ? 173 ARG A CB  1 
ATOM   1379 C CG  . ARG A 1 173 ? 15.820  -10.158 0.803   1.00 38.98 ? 173 ARG A CG  1 
ATOM   1380 C CD  . ARG A 1 173 ? 16.129  -11.147 -0.367  1.00 56.22 ? 173 ARG A CD  1 
ATOM   1381 N NE  . ARG A 1 173 ? 15.380  -10.914 -1.615  1.00 76.72 ? 173 ARG A NE  1 
ATOM   1382 C CZ  . ARG A 1 173 ? 15.914  -10.821 -2.839  1.00 81.33 ? 173 ARG A CZ  1 
ATOM   1383 N NH1 . ARG A 1 173 ? 17.225  -10.920 -3.035  1.00 83.64 ? 173 ARG A NH1 1 
ATOM   1384 N NH2 . ARG A 1 173 ? 15.116  -10.712 -3.905  1.00 83.72 ? 173 ARG A NH2 1 
ATOM   1385 N N   . PRO A 1 174 ? 11.285  -7.981  1.373   1.00 25.31 ? 174 PRO A N   1 
ATOM   1386 C CA  . PRO A 1 174 ? 9.940   -7.864  1.961   1.00 25.29 ? 174 PRO A CA  1 
ATOM   1387 C C   . PRO A 1 174 ? 8.960   -8.820  1.324   1.00 24.14 ? 174 PRO A C   1 
ATOM   1388 O O   . PRO A 1 174 ? 9.290   -9.449  0.321   1.00 26.78 ? 174 PRO A O   1 
ATOM   1389 C CB  . PRO A 1 174 ? 9.558   -6.420  1.640   1.00 21.02 ? 174 PRO A CB  1 
ATOM   1390 C CG  . PRO A 1 174 ? 10.133  -6.235  0.311   1.00 19.46 ? 174 PRO A CG  1 
ATOM   1391 C CD  . PRO A 1 174 ? 11.501  -6.919  0.378   1.00 20.62 ? 174 PRO A CD  1 
ATOM   1392 N N   . PHE A 1 175 ? 7.772   -8.952  1.908   1.00 24.38 ? 175 PHE A N   1 
ATOM   1393 C CA  . PHE A 1 175 ? 6.752   -9.837  1.339   1.00 22.85 ? 175 PHE A CA  1 
ATOM   1394 C C   . PHE A 1 175 ? 6.202   -9.139  0.109   1.00 23.66 ? 175 PHE A C   1 
ATOM   1395 O O   . PHE A 1 175 ? 6.008   -9.744  -0.943  1.00 23.42 ? 175 PHE A O   1 
ATOM   1396 C CB  . PHE A 1 175 ? 5.607   -10.072 2.326   1.00 22.12 ? 175 PHE A CB  1 
ATOM   1397 C CG  . PHE A 1 175 ? 4.431   -10.808 1.732   1.00 27.30 ? 175 PHE A CG  1 
ATOM   1398 C CD1 . PHE A 1 175 ? 4.517   -12.171 1.449   1.00 28.05 ? 175 PHE A CD1 1 
ATOM   1399 C CD2 . PHE A 1 175 ? 3.238   -10.142 1.457   1.00 24.04 ? 175 PHE A CD2 1 
ATOM   1400 C CE1 . PHE A 1 175 ? 3.423   -12.863 0.902   1.00 27.98 ? 175 PHE A CE1 1 
ATOM   1401 C CE2 . PHE A 1 175 ? 2.144   -10.825 0.911   1.00 30.33 ? 175 PHE A CE2 1 
ATOM   1402 C CZ  . PHE A 1 175 ? 2.236   -12.186 0.633   1.00 23.78 ? 175 PHE A CZ  1 
ATOM   1403 N N   . ALA A 1 176 ? 5.997   -7.837  0.241   1.00 23.95 ? 176 ALA A N   1 
ATOM   1404 C CA  . ALA A 1 176 ? 5.452   -7.044  -0.827  1.00 21.38 ? 176 ALA A CA  1 
ATOM   1405 C C   . ALA A 1 176 ? 6.124   -5.681  -0.918  1.00 23.04 ? 176 ALA A C   1 
ATOM   1406 O O   . ALA A 1 176 ? 6.866   -5.250  -0.028  1.00 24.72 ? 176 ALA A O   1 
ATOM   1407 C CB  . ALA A 1 176 ? 3.952   -6.892  -0.629  1.00 21.71 ? 176 ALA A CB  1 
ATOM   1408 N N   . VAL A 1 177 ? 5.782   -4.986  -1.983  1.00 18.65 ? 177 VAL A N   1 
ATOM   1409 C CA  . VAL A 1 177 ? 6.302   -3.683  -2.287  1.00 22.28 ? 177 VAL A CA  1 
ATOM   1410 C C   . VAL A 1 177 ? 5.045   -2.887  -2.715  1.00 25.64 ? 177 VAL A C   1 
ATOM   1411 O O   . VAL A 1 177 ? 4.121   -3.462  -3.282  1.00 28.90 ? 177 VAL A O   1 
ATOM   1412 C CB  . VAL A 1 177 ? 7.353   -3.898  -3.387  1.00 26.34 ? 177 VAL A CB  1 
ATOM   1413 C CG1 . VAL A 1 177 ? 7.030   -3.146  -4.621  1.00 28.88 ? 177 VAL A CG1 1 
ATOM   1414 C CG2 . VAL A 1 177 ? 8.735   -3.620  -2.850  1.00 23.03 ? 177 VAL A CG2 1 
ATOM   1415 N N   . ASP A 1 178 ? 4.980   -1.595  -2.417  1.00 22.00 ? 178 ASP A N   1 
ATOM   1416 C CA  . ASP A 1 178 ? 3.816   -0.770  -2.711  1.00 19.76 ? 178 ASP A CA  1 
ATOM   1417 C C   . ASP A 1 178 ? 4.230   0.538   -3.376  1.00 23.09 ? 178 ASP A C   1 
ATOM   1418 O O   . ASP A 1 178 ? 5.232   1.130   -2.990  1.00 26.55 ? 178 ASP A O   1 
ATOM   1419 C CB  . ASP A 1 178 ? 3.083   -0.516  -1.384  1.00 22.10 ? 178 ASP A CB  1 
ATOM   1420 C CG  . ASP A 1 178 ? 2.019   0.548   -1.477  1.00 26.70 ? 178 ASP A CG  1 
ATOM   1421 O OD1 . ASP A 1 178 ? 0.959   0.276   -2.053  1.00 33.91 ? 178 ASP A OD1 1 
ATOM   1422 O OD2 . ASP A 1 178 ? 2.221   1.654   -0.950  1.00 30.16 ? 178 ASP A OD2 1 
ATOM   1423 N N   . VAL A 1 179 ? 3.450   1.021   -4.341  1.00 22.53 ? 179 VAL A N   1 
ATOM   1424 C CA  . VAL A 1 179 ? 3.805   2.257   -5.039  1.00 22.25 ? 179 VAL A CA  1 
ATOM   1425 C C   . VAL A 1 179 ? 2.570   2.996   -5.555  1.00 25.10 ? 179 VAL A C   1 
ATOM   1426 O O   . VAL A 1 179 ? 1.559   2.378   -5.904  1.00 27.05 ? 179 VAL A O   1 
ATOM   1427 C CB  . VAL A 1 179 ? 4.755   1.954   -6.230  1.00 19.74 ? 179 VAL A CB  1 
ATOM   1428 C CG1 . VAL A 1 179 ? 4.029   1.127   -7.278  1.00 20.30 ? 179 VAL A CG1 1 
ATOM   1429 C CG2 . VAL A 1 179 ? 5.278   3.229   -6.851  1.00 18.43 ? 179 VAL A CG2 1 
ATOM   1430 N N   . SER A 1 180 ? 2.642   4.323   -5.567  1.00 23.65 ? 180 SER A N   1 
ATOM   1431 C CA  . SER A 1 180 ? 1.540   5.144   -6.052  1.00 24.59 ? 180 SER A CA  1 
ATOM   1432 C C   . SER A 1 180 ? 2.030   6.202   -7.037  1.00 29.02 ? 180 SER A C   1 
ATOM   1433 O O   . SER A 1 180 ? 1.828   6.078   -8.242  1.00 30.69 ? 180 SER A O   1 
ATOM   1434 C CB  . SER A 1 180 ? 0.792   5.801   -4.895  1.00 21.21 ? 180 SER A CB  1 
ATOM   1435 O OG  . SER A 1 180 ? -0.368  6.490   -5.345  1.00 27.40 ? 180 SER A OG  1 
ATOM   1436 N N   . SER A 1 181 ? 2.735   7.210   -6.536  1.00 29.00 ? 181 SER A N   1 
ATOM   1437 C CA  . SER A 1 181 ? 3.239   8.283   -7.395  1.00 29.80 ? 181 SER A CA  1 
ATOM   1438 C C   . SER A 1 181 ? 4.467   7.910   -8.201  1.00 26.33 ? 181 SER A C   1 
ATOM   1439 O O   . SER A 1 181 ? 4.754   8.543   -9.209  1.00 26.68 ? 181 SER A O   1 
ATOM   1440 C CB  . SER A 1 181 ? 3.538   9.530   -6.574  1.00 36.48 ? 181 SER A CB  1 
ATOM   1441 O OG  . SER A 1 181 ? 4.527   9.248   -5.604  1.00 48.46 ? 181 SER A OG  1 
ATOM   1442 N N   . GLY A 1 182 ? 5.178   6.875   -7.769  1.00 26.46 ? 182 GLY A N   1 
ATOM   1443 C CA  . GLY A 1 182 ? 6.358   6.438   -8.500  1.00 28.81 ? 182 GLY A CA  1 
ATOM   1444 C C   . GLY A 1 182 ? 6.026   5.845   -9.864  1.00 30.34 ? 182 GLY A C   1 
ATOM   1445 O O   . GLY A 1 182 ? 6.937   5.557   -10.646 1.00 30.86 ? 182 GLY A O   1 
ATOM   1446 N N   . VAL A 1 183 ? 4.736   5.591   -10.112 1.00 29.69 ? 183 VAL A N   1 
ATOM   1447 C CA  . VAL A 1 183 ? 4.278   5.055   -11.401 1.00 28.18 ? 183 VAL A CA  1 
ATOM   1448 C C   . VAL A 1 183 ? 3.131   5.906   -11.955 1.00 30.18 ? 183 VAL A C   1 
ATOM   1449 O O   . VAL A 1 183 ? 2.310   5.420   -12.730 1.00 30.58 ? 183 VAL A O   1 
ATOM   1450 C CB  . VAL A 1 183 ? 3.833   3.552   -11.343 1.00 21.70 ? 183 VAL A CB  1 
ATOM   1451 C CG1 . VAL A 1 183 ? 5.001   2.662   -10.995 1.00 18.69 ? 183 VAL A CG1 1 
ATOM   1452 C CG2 . VAL A 1 183 ? 2.678   3.346   -10.370 1.00 20.29 ? 183 VAL A CG2 1 
ATOM   1453 N N   . GLU A 1 184 ? 3.097   7.186   -11.584 1.00 29.71 ? 184 GLU A N   1 
ATOM   1454 C CA  . GLU A 1 184 ? 2.050   8.097   -12.034 1.00 28.79 ? 184 GLU A CA  1 
ATOM   1455 C C   . GLU A 1 184 ? 2.435   9.029   -13.175 1.00 29.75 ? 184 GLU A C   1 
ATOM   1456 O O   . GLU A 1 184 ? 3.606   9.392   -13.335 1.00 30.42 ? 184 GLU A O   1 
ATOM   1457 C CB  . GLU A 1 184 ? 1.557   8.968   -10.880 1.00 25.91 ? 184 GLU A CB  1 
ATOM   1458 C CG  . GLU A 1 184 ? 0.436   8.387   -10.057 1.00 27.52 ? 184 GLU A CG  1 
ATOM   1459 C CD  . GLU A 1 184 ? -0.110  9.382   -9.056  1.00 29.36 ? 184 GLU A CD  1 
ATOM   1460 O OE1 . GLU A 1 184 ? 0.491   10.459  -8.888  1.00 33.68 ? 184 GLU A OE1 1 
ATOM   1461 O OE2 . GLU A 1 184 ? -1.143  9.104   -8.425  1.00 36.52 ? 184 GLU A OE2 1 
ATOM   1462 N N   . ALA A 1 185 ? 1.434   9.384   -13.978 1.00 28.54 ? 185 ALA A N   1 
ATOM   1463 C CA  . ALA A 1 185 ? 1.602   10.334  -15.070 1.00 30.07 ? 185 ALA A CA  1 
ATOM   1464 C C   . ALA A 1 185 ? 1.391   11.709  -14.385 1.00 31.40 ? 185 ALA A C   1 
ATOM   1465 O O   . ALA A 1 185 ? 2.090   12.683  -14.664 1.00 33.63 ? 185 ALA A O   1 
ATOM   1466 C CB  . ALA A 1 185 ? 0.539   10.089  -16.157 1.00 26.50 ? 185 ALA A CB  1 
ATOM   1467 N N   . PHE A 1 186 ? 0.402   11.750  -13.496 1.00 30.34 ? 186 PHE A N   1 
ATOM   1468 C CA  . PHE A 1 186 ? 0.040   12.906  -12.686 1.00 31.69 ? 186 PHE A CA  1 
ATOM   1469 C C   . PHE A 1 186 ? -0.912  12.328  -11.629 1.00 33.09 ? 186 PHE A C   1 
ATOM   1470 O O   . PHE A 1 186 ? -1.275  11.155  -11.726 1.00 32.81 ? 186 PHE A O   1 
ATOM   1471 C CB  . PHE A 1 186 ? -0.562  14.059  -13.525 1.00 33.38 ? 186 PHE A CB  1 
ATOM   1472 C CG  . PHE A 1 186 ? -1.848  13.718  -14.220 1.00 33.28 ? 186 PHE A CG  1 
ATOM   1473 C CD1 . PHE A 1 186 ? -3.053  13.774  -13.539 1.00 32.71 ? 186 PHE A CD1 1 
ATOM   1474 C CD2 . PHE A 1 186 ? -1.860  13.366  -15.565 1.00 31.11 ? 186 PHE A CD2 1 
ATOM   1475 C CE1 . PHE A 1 186 ? -4.254  13.454  -14.180 1.00 38.34 ? 186 PHE A CE1 1 
ATOM   1476 C CE2 . PHE A 1 186 ? -3.052  13.047  -16.210 1.00 24.39 ? 186 PHE A CE2 1 
ATOM   1477 C CZ  . PHE A 1 186 ? -4.252  13.099  -15.522 1.00 29.06 ? 186 PHE A CZ  1 
ATOM   1478 N N   . PRO A 1 187 ? -1.276  13.096  -10.582 1.00 34.68 ? 187 PRO A N   1 
ATOM   1479 C CA  . PRO A 1 187 ? -2.173  12.640  -9.503  1.00 34.58 ? 187 PRO A CA  1 
ATOM   1480 C C   . PRO A 1 187 ? -3.472  11.943  -9.925  1.00 33.24 ? 187 PRO A C   1 
ATOM   1481 O O   . PRO A 1 187 ? -4.352  12.570  -10.522 1.00 32.29 ? 187 PRO A O   1 
ATOM   1482 C CB  . PRO A 1 187 ? -2.463  13.928  -8.727  1.00 37.54 ? 187 PRO A CB  1 
ATOM   1483 C CG  . PRO A 1 187 ? -1.206  14.700  -8.885  1.00 39.52 ? 187 PRO A CG  1 
ATOM   1484 C CD  . PRO A 1 187 ? -0.881  14.503  -10.352 1.00 39.37 ? 187 PRO A CD  1 
ATOM   1485 N N   . GLY A 1 188 ? -3.591  10.661  -9.572  1.00 30.81 ? 188 GLY A N   1 
ATOM   1486 C CA  . GLY A 1 188 ? -4.775  9.886   -9.907  1.00 29.71 ? 188 GLY A CA  1 
ATOM   1487 C C   . GLY A 1 188 ? -4.715  9.104   -11.217 1.00 29.44 ? 188 GLY A C   1 
ATOM   1488 O O   . GLY A 1 188 ? -5.522  8.199   -11.435 1.00 34.37 ? 188 GLY A O   1 
ATOM   1489 N N   . LYS A 1 189 ? -3.752  9.410   -12.081 1.00 27.82 ? 189 LYS A N   1 
ATOM   1490 C CA  . LYS A 1 189 ? -3.624  8.728   -13.363 1.00 27.13 ? 189 LYS A CA  1 
ATOM   1491 C C   . LYS A 1 189 ? -2.277  8.036   -13.482 1.00 26.47 ? 189 LYS A C   1 
ATOM   1492 O O   . LYS A 1 189 ? -1.228  8.670   -13.380 1.00 26.45 ? 189 LYS A O   1 
ATOM   1493 C CB  . LYS A 1 189 ? -3.800  9.730   -14.511 1.00 29.07 ? 189 LYS A CB  1 
ATOM   1494 C CG  . LYS A 1 189 ? -3.758  9.129   -15.911 1.00 24.58 ? 189 LYS A CG  1 
ATOM   1495 C CD  . LYS A 1 189 ? -5.002  8.292   -16.200 1.00 26.79 ? 189 LYS A CD  1 
ATOM   1496 C CE  . LYS A 1 189 ? -4.862  7.594   -17.550 1.00 24.75 ? 189 LYS A CE  1 
ATOM   1497 N NZ  . LYS A 1 189 ? -3.725  6.635   -17.613 1.00 18.79 ? 189 LYS A NZ  1 
ATOM   1498 N N   . LYS A 1 190 ? -2.307  6.731   -13.711 1.00 25.78 ? 190 LYS A N   1 
ATOM   1499 C CA  . LYS A 1 190 ? -1.084  5.967   -13.829 1.00 22.97 ? 190 LYS A CA  1 
ATOM   1500 C C   . LYS A 1 190 ? -0.491  6.044   -15.218 1.00 25.02 ? 190 LYS A C   1 
ATOM   1501 O O   . LYS A 1 190 ? -1.191  6.312   -16.200 1.00 25.13 ? 190 LYS A O   1 
ATOM   1502 C CB  . LYS A 1 190 ? -1.318  4.500   -13.484 1.00 19.73 ? 190 LYS A CB  1 
ATOM   1503 C CG  . LYS A 1 190 ? -1.872  4.254   -12.112 1.00 23.83 ? 190 LYS A CG  1 
ATOM   1504 C CD  . LYS A 1 190 ? -1.086  4.990   -11.057 1.00 20.53 ? 190 LYS A CD  1 
ATOM   1505 C CE  . LYS A 1 190 ? -1.644  4.664   -9.710  1.00 25.09 ? 190 LYS A CE  1 
ATOM   1506 N NZ  . LYS A 1 190 ? -1.036  5.524   -8.692  1.00 25.63 ? 190 LYS A NZ  1 
ATOM   1507 N N   . ASP A 1 191 ? 0.825   5.879   -15.273 1.00 26.09 ? 191 ASP A N   1 
ATOM   1508 C CA  . ASP A 1 191 ? 1.566   5.850   -16.524 1.00 28.22 ? 191 ASP A CA  1 
ATOM   1509 C C   . ASP A 1 191 ? 1.774   4.336   -16.706 1.00 28.80 ? 191 ASP A C   1 
ATOM   1510 O O   . ASP A 1 191 ? 2.413   3.695   -15.864 1.00 29.53 ? 191 ASP A O   1 
ATOM   1511 C CB  . ASP A 1 191 ? 2.915   6.585   -16.390 1.00 31.93 ? 191 ASP A CB  1 
ATOM   1512 C CG  . ASP A 1 191 ? 3.781   6.465   -17.654 1.00 31.36 ? 191 ASP A CG  1 
ATOM   1513 O OD1 . ASP A 1 191 ? 4.493   5.460   -17.791 1.00 37.73 ? 191 ASP A OD1 1 
ATOM   1514 O OD2 . ASP A 1 191 ? 3.736   7.356   -18.525 1.00 44.49 ? 191 ASP A OD2 1 
ATOM   1515 N N   . HIS A 1 192 ? 1.226   3.778   -17.791 1.00 27.57 ? 192 HIS A N   1 
ATOM   1516 C CA  . HIS A 1 192 ? 1.293   2.341   -18.060 1.00 25.90 ? 192 HIS A CA  1 
ATOM   1517 C C   . HIS A 1 192 ? 2.672   1.754   -18.286 1.00 24.25 ? 192 HIS A C   1 
ATOM   1518 O O   . HIS A 1 192 ? 2.979   0.663   -17.785 1.00 24.64 ? 192 HIS A O   1 
ATOM   1519 C CB  . HIS A 1 192 ? 0.318   1.981   -19.176 1.00 24.76 ? 192 HIS A CB  1 
ATOM   1520 C CG  . HIS A 1 192 ? -1.112  2.223   -18.802 1.00 27.14 ? 192 HIS A CG  1 
ATOM   1521 N ND1 . HIS A 1 192 ? -2.173  1.856   -19.592 1.00 26.46 ? 192 HIS A ND1 1 
ATOM   1522 C CD2 . HIS A 1 192 ? -1.642  2.799   -17.696 1.00 26.74 ? 192 HIS A CD2 1 
ATOM   1523 C CE1 . HIS A 1 192 ? -3.296  2.195   -19.003 1.00 27.76 ? 192 HIS A CE1 1 
ATOM   1524 N NE2 . HIS A 1 192 ? -3.011  2.772   -17.849 1.00 27.73 ? 192 HIS A NE2 1 
ATOM   1525 N N   . ASP A 1 193 ? 3.523   2.484   -18.997 1.00 23.33 ? 193 ASP A N   1 
ATOM   1526 C CA  . ASP A 1 193 ? 4.877   2.013   -19.215 1.00 23.70 ? 193 ASP A CA  1 
ATOM   1527 C C   . ASP A 1 193 ? 5.576   1.879   -17.846 1.00 26.71 ? 193 ASP A C   1 
ATOM   1528 O O   . ASP A 1 193 ? 6.303   0.911   -17.615 1.00 26.10 ? 193 ASP A O   1 
ATOM   1529 C CB  . ASP A 1 193 ? 5.631   2.972   -20.136 1.00 28.53 ? 193 ASP A CB  1 
ATOM   1530 C CG  . ASP A 1 193 ? 7.078   2.570   -20.340 1.00 33.78 ? 193 ASP A CG  1 
ATOM   1531 O OD1 . ASP A 1 193 ? 7.342   1.444   -20.809 1.00 43.65 ? 193 ASP A OD1 1 
ATOM   1532 O OD2 . ASP A 1 193 ? 7.958   3.383   -20.020 1.00 41.44 ? 193 ASP A OD2 1 
ATOM   1533 N N   . SER A 1 194 ? 5.340   2.837   -16.937 1.00 27.35 ? 194 SER A N   1 
ATOM   1534 C CA  . SER A 1 194 ? 5.926   2.804   -15.575 1.00 27.90 ? 194 SER A CA  1 
ATOM   1535 C C   . SER A 1 194 ? 5.422   1.622   -14.744 1.00 25.78 ? 194 SER A C   1 
ATOM   1536 O O   . SER A 1 194 ? 6.223   0.973   -14.054 1.00 24.56 ? 194 SER A O   1 
ATOM   1537 C CB  . SER A 1 194 ? 5.662   4.108   -14.797 1.00 24.55 ? 194 SER A CB  1 
ATOM   1538 O OG  . SER A 1 194 ? 6.258   5.216   -15.444 1.00 31.24 ? 194 SER A OG  1 
ATOM   1539 N N   . ILE A 1 195 ? 4.106   1.366   -14.775 1.00 24.87 ? 195 ILE A N   1 
ATOM   1540 C CA  . ILE A 1 195 ? 3.551   0.231   -14.033 1.00 23.51 ? 195 ILE A CA  1 
ATOM   1541 C C   . ILE A 1 195 ? 4.217   -1.046  -14.538 1.00 24.10 ? 195 ILE A C   1 
ATOM   1542 O O   . ILE A 1 195 ? 4.680   -1.858  -13.743 1.00 27.01 ? 195 ILE A O   1 
ATOM   1543 C CB  . ILE A 1 195 ? 2.008   0.103   -14.149 1.00 20.34 ? 195 ILE A CB  1 
ATOM   1544 C CG1 . ILE A 1 195 ? 1.320   1.297   -13.494 1.00 20.79 ? 195 ILE A CG1 1 
ATOM   1545 C CG2 . ILE A 1 195 ? 1.543   -1.164  -13.429 1.00 23.06 ? 195 ILE A CG2 1 
ATOM   1546 C CD1 . ILE A 1 195 ? -0.160  1.349   -13.719 1.00 23.28 ? 195 ILE A CD1 1 
ATOM   1547 N N   . LYS A 1 196 ? 4.316   -1.187  -15.859 1.00 25.49 ? 196 LYS A N   1 
ATOM   1548 C CA  . LYS A 1 196 ? 4.942   -2.350  -16.493 1.00 24.21 ? 196 LYS A CA  1 
ATOM   1549 C C   . LYS A 1 196 ? 6.364   -2.586  -16.012 1.00 25.75 ? 196 LYS A C   1 
ATOM   1550 O O   . LYS A 1 196 ? 6.735   -3.695  -15.644 1.00 29.95 ? 196 LYS A O   1 
ATOM   1551 C CB  . LYS A 1 196 ? 4.992   -2.184  -18.017 1.00 27.38 ? 196 LYS A CB  1 
ATOM   1552 C CG  . LYS A 1 196 ? 5.864   -3.252  -18.703 1.00 26.44 ? 196 LYS A CG  1 
ATOM   1553 C CD  . LYS A 1 196 ? 6.021   -3.030  -20.199 1.00 27.71 ? 196 LYS A CD  1 
ATOM   1554 C CE  . LYS A 1 196 ? 6.751   -1.753  -20.509 1.00 25.42 ? 196 LYS A CE  1 
ATOM   1555 N NZ  . LYS A 1 196 ? 6.844   -1.520  -21.955 1.00 29.67 ? 196 LYS A NZ  1 
ATOM   1556 N N   . MET A 1 197 ? 7.186   -1.557  -16.138 1.00 26.87 ? 197 MET A N   1 
ATOM   1557 C CA  . MET A 1 197 ? 8.577   -1.620  -15.733 1.00 28.23 ? 197 MET A CA  1 
ATOM   1558 C C   . MET A 1 197 ? 8.742   -1.865  -14.223 1.00 29.64 ? 197 MET A C   1 
ATOM   1559 O O   . MET A 1 197 ? 9.574   -2.681  -13.804 1.00 29.18 ? 197 MET A O   1 
ATOM   1560 C CB  . MET A 1 197 ? 9.291   -0.346  -16.192 1.00 30.93 ? 197 MET A CB  1 
ATOM   1561 C CG  . MET A 1 197 ? 9.456   -0.257  -17.706 1.00 39.03 ? 197 MET A CG  1 
ATOM   1562 S SD  . MET A 1 197 ? 10.664  -1.461  -18.298 1.00 51.04 ? 197 MET A SD  1 
ATOM   1563 C CE  . MET A 1 197 ? 9.658   -2.863  -18.730 1.00 55.02 ? 197 MET A CE  1 
ATOM   1564 N N   . PHE A 1 198 ? 7.921   -1.199  -13.413 1.00 28.45 ? 198 PHE A N   1 
ATOM   1565 C CA  . PHE A 1 198 ? 7.978   -1.383  -11.974 1.00 26.91 ? 198 PHE A CA  1 
ATOM   1566 C C   . PHE A 1 198 ? 7.737   -2.849  -11.607 1.00 27.39 ? 198 PHE A C   1 
ATOM   1567 O O   . PHE A 1 198 ? 8.485   -3.423  -10.819 1.00 27.81 ? 198 PHE A O   1 
ATOM   1568 C CB  . PHE A 1 198 ? 6.931   -0.508  -11.280 1.00 26.75 ? 198 PHE A CB  1 
ATOM   1569 C CG  . PHE A 1 198 ? 6.997   -0.563  -9.777  1.00 29.21 ? 198 PHE A CG  1 
ATOM   1570 C CD1 . PHE A 1 198 ? 6.302   -1.540  -9.063  1.00 27.18 ? 198 PHE A CD1 1 
ATOM   1571 C CD2 . PHE A 1 198 ? 7.787   0.347   -9.076  1.00 26.69 ? 198 PHE A CD2 1 
ATOM   1572 C CE1 . PHE A 1 198 ? 6.391   -1.608  -7.670  1.00 30.54 ? 198 PHE A CE1 1 
ATOM   1573 C CE2 . PHE A 1 198 ? 7.881   0.290   -7.688  1.00 22.59 ? 198 PHE A CE2 1 
ATOM   1574 C CZ  . PHE A 1 198 ? 7.190   -0.687  -6.982  1.00 26.71 ? 198 PHE A CZ  1 
ATOM   1575 N N   . ILE A 1 199 ? 6.678   -3.448  -12.151 1.00 28.46 ? 199 ILE A N   1 
ATOM   1576 C CA  . ILE A 1 199 ? 6.371   -4.851  -11.851 1.00 27.32 ? 199 ILE A CA  1 
ATOM   1577 C C   . ILE A 1 199 ? 7.454   -5.775  -12.419 1.00 28.11 ? 199 ILE A C   1 
ATOM   1578 O O   . ILE A 1 199 ? 7.867   -6.717  -11.750 1.00 29.37 ? 199 ILE A O   1 
ATOM   1579 C CB  . ILE A 1 199 ? 4.970   -5.278  -12.363 1.00 27.10 ? 199 ILE A CB  1 
ATOM   1580 C CG1 . ILE A 1 199 ? 3.880   -4.482  -11.651 1.00 23.39 ? 199 ILE A CG1 1 
ATOM   1581 C CG2 . ILE A 1 199 ? 4.747   -6.763  -12.103 1.00 29.52 ? 199 ILE A CG2 1 
ATOM   1582 C CD1 . ILE A 1 199 ? 2.565   -4.492  -12.380 1.00 25.05 ? 199 ILE A CD1 1 
ATOM   1583 N N   . LYS A 1 200 ? 7.934   -5.499  -13.633 1.00 30.29 ? 200 LYS A N   1 
ATOM   1584 C CA  . LYS A 1 200 ? 8.979   -6.323  -14.242 1.00 31.41 ? 200 LYS A CA  1 
ATOM   1585 C C   . LYS A 1 200 ? 10.244  -6.279  -13.388 1.00 32.15 ? 200 LYS A C   1 
ATOM   1586 O O   . LYS A 1 200 ? 10.858  -7.308  -13.121 1.00 32.09 ? 200 LYS A O   1 
ATOM   1587 C CB  . LYS A 1 200 ? 9.292   -5.874  -15.683 1.00 31.15 ? 200 LYS A CB  1 
ATOM   1588 C CG  . LYS A 1 200 ? 10.468  -6.623  -16.321 1.00 43.05 ? 200 LYS A CG  1 
ATOM   1589 C CD  . LYS A 1 200 ? 10.760  -6.254  -17.797 1.00 53.31 ? 200 LYS A CD  1 
ATOM   1590 C CE  . LYS A 1 200 ? 12.312  -6.157  -18.050 1.00 53.66 ? 200 LYS A CE  1 
ATOM   1591 N NZ  . LYS A 1 200 ? 12.878  -4.712  -18.167 1.00 57.82 ? 200 LYS A NZ  1 
ATOM   1592 N N   . ASN A 1 201 ? 10.617  -5.096  -12.925 1.00 30.14 ? 201 ASN A N   1 
ATOM   1593 C CA  . ASN A 1 201 ? 11.811  -4.985  -12.102 1.00 30.26 ? 201 ASN A CA  1 
ATOM   1594 C C   . ASN A 1 201 ? 11.671  -5.523  -10.697 1.00 31.00 ? 201 ASN A C   1 
ATOM   1595 O O   . ASN A 1 201 ? 12.622  -6.086  -10.152 1.00 32.01 ? 201 ASN A O   1 
ATOM   1596 C CB  . ASN A 1 201 ? 12.288  -3.554  -12.044 1.00 26.33 ? 201 ASN A CB  1 
ATOM   1597 C CG  . ASN A 1 201 ? 12.888  -3.115  -13.329 1.00 29.41 ? 201 ASN A CG  1 
ATOM   1598 O OD1 . ASN A 1 201 ? 13.177  -3.932  -14.196 1.00 32.90 ? 201 ASN A OD1 1 
ATOM   1599 N ND2 . ASN A 1 201 ? 13.091  -1.822  -13.470 1.00 26.06 ? 201 ASN A ND2 1 
ATOM   1600 N N   . ALA A 1 202 ? 10.501  -5.324  -10.098 1.00 30.76 ? 202 ALA A N   1 
ATOM   1601 C CA  . ALA A 1 202 ? 10.254  -5.793  -8.743  1.00 29.94 ? 202 ALA A CA  1 
ATOM   1602 C C   . ALA A 1 202 ? 10.239  -7.314  -8.700  1.00 31.26 ? 202 ALA A C   1 
ATOM   1603 O O   . ALA A 1 202 ? 10.834  -7.919  -7.814  1.00 30.84 ? 202 ALA A O   1 
ATOM   1604 C CB  . ALA A 1 202 ? 8.929   -5.227  -8.211  1.00 26.93 ? 202 ALA A CB  1 
ATOM   1605 N N   . LYS A 1 203 ? 9.592   -7.929  -9.686  1.00 32.87 ? 203 LYS A N   1 
ATOM   1606 C CA  . LYS A 1 203 ? 9.473   -9.391  -9.749  1.00 36.42 ? 203 LYS A CA  1 
ATOM   1607 C C   . LYS A 1 203 ? 10.557  -10.146 -10.514 1.00 38.62 ? 203 LYS A C   1 
ATOM   1608 O O   . LYS A 1 203 ? 10.611  -11.367 -10.439 1.00 41.91 ? 203 LYS A O   1 
ATOM   1609 C CB  . LYS A 1 203 ? 8.104   -9.790  -10.311 1.00 30.48 ? 203 LYS A CB  1 
ATOM   1610 C CG  . LYS A 1 203 ? 6.943   -9.366  -9.429  1.00 24.70 ? 203 LYS A CG  1 
ATOM   1611 C CD  . LYS A 1 203 ? 5.633   -9.902  -9.922  1.00 18.61 ? 203 LYS A CD  1 
ATOM   1612 C CE  . LYS A 1 203 ? 4.615   -9.727  -8.840  1.00 21.92 ? 203 LYS A CE  1 
ATOM   1613 N NZ  . LYS A 1 203 ? 3.340   -10.406 -9.124  1.00 34.69 ? 203 LYS A NZ  1 
ATOM   1614 N N   . GLY A 1 204 ? 11.396  -9.437  -11.262 1.00 40.55 ? 204 GLY A N   1 
ATOM   1615 C CA  . GLY A 1 204 ? 12.447  -10.097 -12.024 1.00 43.50 ? 204 GLY A CA  1 
ATOM   1616 C C   . GLY A 1 204 ? 11.967  -10.852 -13.256 1.00 46.05 ? 204 GLY A C   1 
ATOM   1617 O O   . GLY A 1 204 ? 12.432  -11.956 -13.546 1.00 47.73 ? 204 GLY A O   1 
ATOM   1618 N N   . LEU A 1 205 ? 11.017  -10.257 -13.965 1.00 47.27 ? 205 LEU A N   1 
ATOM   1619 C CA  . LEU A 1 205 ? 10.439  -10.837 -15.173 1.00 48.90 ? 205 LEU A CA  1 
ATOM   1620 C C   . LEU A 1 205 ? 11.156  -10.422 -16.459 1.00 49.71 ? 205 LEU A C   1 
ATOM   1621 O O   . LEU A 1 205 ? 12.034  -9.535  -16.390 1.00 49.38 ? 205 LEU A O   1 
ATOM   1622 C CB  . LEU A 1 205 ? 8.964   -10.442 -15.260 1.00 48.17 ? 205 LEU A CB  1 
ATOM   1623 C CG  . LEU A 1 205 ? 7.940   -11.291 -14.507 1.00 48.48 ? 205 LEU A CG  1 
ATOM   1624 C CD1 . LEU A 1 205 ? 8.596   -12.109 -13.404 1.00 44.53 ? 205 LEU A CD1 1 
ATOM   1625 C CD2 . LEU A 1 205 ? 6.834   -10.383 -13.979 1.00 42.74 ? 205 LEU A CD2 1 
HETATM 1626 P P   . PO4 B 2 .   ? 4.559   6.476   -3.090  1.00 41.12 ? 300 PO4 A P   1 
HETATM 1627 O O1  . PO4 B 2 .   ? 4.997   5.640   -4.270  1.00 48.86 ? 300 PO4 A O1  1 
HETATM 1628 O O2  . PO4 B 2 .   ? 4.344   5.826   -1.765  1.00 53.42 ? 300 PO4 A O2  1 
HETATM 1629 O O3  . PO4 B 2 .   ? 5.781   7.299   -2.994  1.00 51.08 ? 300 PO4 A O3  1 
HETATM 1630 O O4  . PO4 B 2 .   ? 3.504   7.465   -3.409  1.00 42.14 ? 300 PO4 A O4  1 
HETATM 1631 O O   . HOH C 3 .   ? -5.560  5.356   -11.395 1.00 26.04 ? 301 HOH A O   1 
HETATM 1632 O O   . HOH C 3 .   ? 2.421   -3.144  -21.969 1.00 29.22 ? 302 HOH A O   1 
HETATM 1633 O O   . HOH C 3 .   ? 6.621   3.681   -3.120  1.00 26.13 ? 303 HOH A O   1 
HETATM 1634 O O   . HOH C 3 .   ? -13.798 -8.593  -3.704  1.00 22.30 ? 304 HOH A O   1 
HETATM 1635 O O   . HOH C 3 .   ? -7.810  -6.822  -19.812 1.00 37.80 ? 305 HOH A O   1 
HETATM 1636 O O   . HOH C 3 .   ? 15.352  -7.229  16.064  1.00 27.84 ? 306 HOH A O   1 
HETATM 1637 O O   . HOH C 3 .   ? -6.756  -1.334  -19.479 1.00 27.70 ? 307 HOH A O   1 
HETATM 1638 O O   . HOH C 3 .   ? 0.931   -5.822  18.037  1.00 28.28 ? 308 HOH A O   1 
HETATM 1639 O O   . HOH C 3 .   ? -2.664  -11.593 -8.660  1.00 30.06 ? 309 HOH A O   1 
HETATM 1640 O O   . HOH C 3 .   ? -15.700 -9.336  0.351   1.00 50.74 ? 310 HOH A O   1 
HETATM 1641 O O   . HOH C 3 .   ? -10.217 -9.916  4.625   1.00 31.54 ? 311 HOH A O   1 
HETATM 1642 O O   . HOH C 3 .   ? 2.055   12.625  -9.846  1.00 35.47 ? 312 HOH A O   1 
HETATM 1643 O O   . HOH C 3 .   ? -8.778  4.797   9.960   1.00 28.38 ? 313 HOH A O   1 
HETATM 1644 O O   . HOH C 3 .   ? -8.026  -10.306 10.278  1.00 34.68 ? 314 HOH A O   1 
HETATM 1645 O O   . HOH C 3 .   ? 17.648  5.423   17.712  1.00 39.86 ? 316 HOH A O   1 
HETATM 1646 O O   . HOH C 3 .   ? 4.431   4.637   -23.146 1.00 31.20 ? 317 HOH A O   1 
HETATM 1647 O O   . HOH C 3 .   ? -14.171 -12.954 11.096  1.00 36.67 ? 318 HOH A O   1 
HETATM 1648 O O   . HOH C 3 .   ? 15.481  -9.228  12.169  1.00 29.89 ? 319 HOH A O   1 
HETATM 1649 O O   . HOH C 3 .   ? 0.366   5.560   -19.916 1.00 30.41 ? 320 HOH A O   1 
HETATM 1650 O O   . HOH C 3 .   ? -10.136 8.079   5.735   1.00 32.58 ? 321 HOH A O   1 
HETATM 1651 O O   . HOH C 3 .   ? 8.168   -9.454  5.149   1.00 24.94 ? 322 HOH A O   1 
HETATM 1652 O O   . HOH C 3 .   ? 9.343   -9.772  7.736   1.00 35.43 ? 323 HOH A O   1 
HETATM 1653 O O   . HOH C 3 .   ? -10.016 6.454   14.067  1.00 43.87 ? 324 HOH A O   1 
HETATM 1654 O O   . HOH C 3 .   ? 7.863   -12.533 3.964   1.00 36.15 ? 326 HOH A O   1 
HETATM 1655 O O   . HOH C 3 .   ? 4.100   -7.955  11.433  1.00 39.68 ? 327 HOH A O   1 
HETATM 1656 O O   . HOH C 3 .   ? -0.067  2.953   0.070   1.00 33.46 ? 328 HOH A O   1 
HETATM 1657 O O   . HOH C 3 .   ? 5.928   -12.343 -1.606  1.00 27.39 ? 330 HOH A O   1 
HETATM 1658 O O   . HOH C 3 .   ? 17.195  -1.100  -8.201  1.00 31.31 ? 331 HOH A O   1 
HETATM 1659 O O   . HOH C 3 .   ? 1.390   8.842   -19.833 1.00 46.76 ? 332 HOH A O   1 
HETATM 1660 O O   . HOH C 3 .   ? 1.786   4.169   -2.109  1.00 35.91 ? 333 HOH A O   1 
HETATM 1661 O O   . HOH C 3 .   ? -1.305  5.765   -2.036  1.00 40.56 ? 334 HOH A O   1 
HETATM 1662 O O   . HOH C 3 .   ? -2.029  -11.322 -16.731 1.00 58.73 ? 335 HOH A O   1 
HETATM 1663 O O   . HOH C 3 .   ? 10.072  -17.267 0.091   1.00 50.08 ? 336 HOH A O   1 
HETATM 1664 O O   . HOH C 3 .   ? 5.812   -6.370  -16.403 1.00 51.11 ? 337 HOH A O   1 
HETATM 1665 O O   . HOH C 3 .   ? -7.303  5.841   -5.112  1.00 25.37 ? 338 HOH A O   1 
HETATM 1666 O O   . HOH C 3 .   ? -15.632 -8.008  -5.747  1.00 34.34 ? 339 HOH A O   1 
HETATM 1667 O O   . HOH C 3 .   ? -6.209  4.533   -19.844 1.00 35.12 ? 340 HOH A O   1 
HETATM 1668 O O   . HOH C 3 .   ? -11.313 4.049   -17.226 1.00 32.19 ? 341 HOH A O   1 
HETATM 1669 O O   . HOH C 3 .   ? -1.922  2.035   20.305  1.00 35.32 ? 342 HOH A O   1 
HETATM 1670 O O   . HOH C 3 .   ? -16.107 -10.872 8.034   1.00 43.84 ? 343 HOH A O   1 
HETATM 1671 O O   . HOH C 3 .   ? 7.322   6.589   -5.555  1.00 44.84 ? 344 HOH A O   1 
HETATM 1672 O O   . HOH C 3 .   ? -2.184  -11.463 7.498   1.00 51.19 ? 345 HOH A O   1 
HETATM 1673 O O   . HOH C 3 .   ? -1.398  7.758   -18.848 1.00 45.59 ? 346 HOH A O   1 
HETATM 1674 O O   . HOH C 3 .   ? 11.590  -11.006 -0.637  1.00 42.31 ? 347 HOH A O   1 
HETATM 1675 O O   . HOH C 3 .   ? -4.863  -8.538  9.855   1.00 37.63 ? 348 HOH A O   1 
HETATM 1676 O O   . HOH C 3 .   ? -11.828 9.748   -8.211  1.00 51.42 ? 349 HOH A O   1 
HETATM 1677 O O   . HOH C 3 .   ? 7.123   1.220   -23.933 1.00 40.57 ? 350 HOH A O   1 
HETATM 1678 O O   . HOH C 3 .   ? -14.635 9.514   -6.911  1.00 43.39 ? 351 HOH A O   1 
HETATM 1679 O O   . HOH C 3 .   ? 3.177   8.048   6.868   1.00 44.91 ? 352 HOH A O   1 
HETATM 1680 O O   . HOH C 3 .   ? 17.563  7.134   5.056   1.00 46.64 ? 353 HOH A O   1 
HETATM 1681 O O   . HOH C 3 .   ? -15.640 8.393   1.536   1.00 57.03 ? 354 HOH A O   1 
HETATM 1682 O O   . HOH C 3 .   ? 5.820   7.877   -13.730 1.00 58.94 ? 355 HOH A O   1 
HETATM 1683 O O   . HOH C 3 .   ? 11.544  9.538   14.991  1.00 53.79 ? 357 HOH A O   1 
HETATM 1684 O O   . HOH C 3 .   ? 0.943   6.482   8.934   1.00 46.57 ? 358 HOH A O   1 
HETATM 1685 O O   . HOH C 3 .   ? 15.161  -7.170  -11.760 1.00 52.02 ? 359 HOH A O   1 
HETATM 1686 O O   . HOH C 3 .   ? 3.122   -5.096  -19.575 1.00 47.85 ? 360 HOH A O   1 
HETATM 1687 O O   . HOH C 3 .   ? 15.807  6.901   -5.628  1.00 58.20 ? 361 HOH A O   1 
HETATM 1688 O O   . HOH C 3 .   ? -13.023 4.570   -15.151 1.00 43.60 ? 363 HOH A O   1 
HETATM 1689 O O   . HOH C 3 .   ? -9.310  12.078  -7.056  1.00 60.52 ? 364 HOH A O   1 
HETATM 1690 O O   . HOH C 3 .   ? -20.368 3.864   1.604   1.00 50.65 ? 365 HOH A O   1 
HETATM 1691 O O   . HOH C 3 .   ? -17.849 10.774  -1.815  1.00 58.23 ? 366 HOH A O   1 
HETATM 1692 O O   . HOH C 3 .   ? -19.142 -2.343  -13.183 1.00 65.50 ? 367 HOH A O   1 
HETATM 1693 O O   . HOH C 3 .   ? -7.358  5.642   -17.634 1.00 47.80 ? 368 HOH A O   1 
HETATM 1694 O O   . HOH C 3 .   ? -13.451 2.104   -19.428 1.00 50.27 ? 369 HOH A O   1 
HETATM 1695 O O   . HOH C 3 .   ? -3.911  -10.735 -4.152  1.00 43.50 ? 371 HOH A O   1 
HETATM 1696 O O   . HOH C 3 .   ? -13.936 7.696   4.008   1.00 54.15 ? 372 HOH A O   1 
HETATM 1697 O O   . HOH C 3 .   ? -2.817  7.440   -9.235  1.00 57.78 ? 373 HOH A O   1 
HETATM 1698 O O   . HOH C 3 .   ? -2.000  12.846  -1.317  1.00 26.97 ? 374 HOH A O   1 
HETATM 1699 O O   . HOH C 3 .   ? -23.422 4.825   -1.117  1.00 62.76 ? 375 HOH A O   1 
HETATM 1700 O O   . HOH C 3 .   ? -21.791 -1.838  -10.883 1.00 50.22 ? 376 HOH A O   1 
HETATM 1701 O O   . HOH C 3 .   ? -22.577 7.791   12.541  1.00 58.46 ? 379 HOH A O   1 
HETATM 1702 O O   . HOH C 3 .   ? -15.843 -7.091  2.144   1.00 47.52 ? 380 HOH A O   1 
HETATM 1703 O O   . HOH C 3 .   ? 2.944   6.771   11.434  1.00 52.39 ? 381 HOH A O   1 
HETATM 1704 O O   . HOH C 3 .   ? 0.787   5.127   12.820  1.00 51.13 ? 382 HOH A O   1 
HETATM 1705 O O   . HOH C 3 .   ? 0.400   -0.150  19.810  1.00 50.34 ? 383 HOH A O   1 
HETATM 1706 O O   . HOH C 3 .   ? -15.422 -11.897 14.430  1.00 51.82 ? 384 HOH A O   1 
HETATM 1707 O O   . HOH C 3 .   ? 10.270  5.511   19.648  1.00 47.79 ? 385 HOH A O   1 
HETATM 1708 O O   . HOH C 3 .   ? 8.339   7.411   16.639  1.00 48.22 ? 386 HOH A O   1 
HETATM 1709 O O   . HOH C 3 .   ? 9.270   -1.305  20.754  1.00 50.09 ? 387 HOH A O   1 
HETATM 1710 O O   . HOH C 3 .   ? -0.807  -12.369 10.086  1.00 49.73 ? 389 HOH A O   1 
HETATM 1711 O O   . HOH C 3 .   ? 20.911  0.370   2.128   1.00 45.12 ? 390 HOH A O   1 
HETATM 1712 O O   . HOH C 3 .   ? 14.617  -1.575  -9.777  1.00 38.52 ? 391 HOH A O   1 
HETATM 1713 O O   . HOH C 3 .   ? 6.855   6.135   -18.959 1.00 58.49 ? 392 HOH A O   1 
HETATM 1714 O O   . HOH C 3 .   ? 0.932   -13.770 -12.180 1.00 52.19 ? 393 HOH A O   1 
HETATM 1715 O O   . HOH C 3 .   ? 1.085   -11.677 -10.324 1.00 58.27 ? 394 HOH A O   1 
HETATM 1716 O O   . HOH C 3 .   ? 6.235   -5.035  -22.851 1.00 50.21 ? 395 HOH A O   1 
HETATM 1717 O O   . HOH C 3 .   ? 10.197  2.749   -17.348 1.00 54.32 ? 396 HOH A O   1 
HETATM 1718 O O   . HOH C 3 .   ? 16.444  -3.563  -11.638 1.00 67.29 ? 397 HOH A O   1 
HETATM 1719 O O   . HOH C 3 .   ? 14.353  -8.570  -14.339 1.00 53.62 ? 398 HOH A O   1 
HETATM 1720 O O   . HOH C 3 .   ? 5.703   9.438   -16.204 1.00 52.85 ? 399 HOH A O   1 
HETATM 1721 O O   . HOH C 3 .   ? -6.662  11.979  -12.174 1.00 57.85 ? 400 HOH A O   1 
HETATM 1722 O O   . HOH C 3 .   ? 10.976  11.374  -8.107  1.00 74.74 ? 403 HOH A O   1 
HETATM 1723 O O   . HOH C 3 .   ? 12.963  13.964  -7.852  1.00 59.91 ? 405 HOH A O   1 
HETATM 1724 O O   . HOH C 3 .   ? 15.906  -14.292 1.339   1.00 50.88 ? 408 HOH A O   1 
HETATM 1725 O O   . HOH C 3 .   ? -10.214 -10.002 -19.723 1.00 43.73 ? 410 HOH A O   1 
HETATM 1726 O O   . HOH C 3 .   ? -13.603 -6.716  -16.646 1.00 48.31 ? 412 HOH A O   1 
HETATM 1727 O O   . HOH C 3 .   ? -15.492 -2.734  -19.653 1.00 59.88 ? 413 HOH A O   1 
HETATM 1728 O O   . HOH C 3 .   ? 4.677   12.591  -9.879  1.00 58.50 ? 416 HOH A O   1 
HETATM 1729 O O   . HOH C 3 .   ? 2.876   5.121   0.953   1.00 46.94 ? 417 HOH A O   1 
HETATM 1730 O O   . HOH C 3 .   ? 2.988   12.931  -20.255 1.00 43.69 ? 418 HOH A O   1 
HETATM 1731 O O   . HOH C 3 .   ? -4.435  11.287  -19.704 1.00 52.32 ? 422 HOH A O   1 
HETATM 1732 O O   . HOH C 3 .   ? -8.926  -8.837  16.382  1.00 56.46 ? 423 HOH A O   1 
HETATM 1733 O O   . HOH C 3 .   ? -21.940 -0.964  -8.249  1.00 57.01 ? 426 HOH A O   1 
HETATM 1734 O O   . HOH C 3 .   ? -22.842 1.961   3.604   1.00 48.78 ? 428 HOH A O   1 
HETATM 1735 O O   . HOH C 3 .   ? -26.622 1.572   4.720   1.00 45.79 ? 429 HOH A O   1 
HETATM 1736 O O   . HOH C 3 .   ? 6.058   6.836   13.711  1.00 56.32 ? 430 HOH A O   1 
# 
